data_2D0V
#
_entry.id   2D0V
#
_cell.length_a   291.320
_cell.length_b   63.999
_cell.length_c   109.941
_cell.angle_alpha   90.00
_cell.angle_beta   105.74
_cell.angle_gamma   90.00
#
_symmetry.space_group_name_H-M   'C 1 2 1'
#
loop_
_entity.id
_entity.type
_entity.pdbx_description
1 polymer 'methanol dehydrogenase large subunit'
2 polymer 'methanol dehydrogenase small subunit'
3 non-polymer 'CALCIUM ION'
4 non-polymer 'PYRROLOQUINOLINE QUINONE'
5 water water
#
loop_
_entity_poly.entity_id
_entity_poly.type
_entity_poly.pdbx_seq_one_letter_code
_entity_poly.pdbx_strand_id
1 'polypeptide(L)'
;NDKLIELSNSNENWVMPGKNYDSNNYSTSTQINVDNVKQLKHAWSFSTGELHGHEGAPLVIGDVMYVHSSFPNKTFALDL
NDPGHILWQHSPKQDPAARSVACCDLVNRGLAYWPGDDKTPSLIIKTQLDGHLVALNAKTGEEFWKVENGDIKVGQTLTQ
APYVVHDLAIVGSSGAELGVRGHVTAYNVRTGEQAWRYYATGPDAEIGLADDFNSANPHYGQKGLGTATWEGDAWKIGGG
TNWGWYAYDPAANLIYYGSGNPAPWNETMRPGDNKWTMTITARDADTGKMKFGYQKTPHDEWDFAGVNVIMLSEQTDKTG
KKRKLLTHPDRNGIVYTLDRENGDLISADKLDDTVNVFKTVDLKTGLPVRDPEYGTRMDHKGTDICPSAMGYHNQGHDSY
DPQKQLFFMGINHICMDWEPFMLPYRAGQFFVGATLWMYPGPKGDRQNYLGLGQIKAYNAITNEYKWQHMERFSVWGGTL
ATAGNLVFYGTLDGFLKARNSDTGELVWKHKLPSGVIGYPMTYEHKGVQYIAVMSGVGGWPGVGLVFDLQDPTAGLGAVG
AFKNLQNYTQMGGSLEVFSLDGKNPYDDVNVGEYEKG
;
A,D,I
2 'polypeptide(L)' YDGTHCKAPGNCWEPKPGFPEKIAGSKYDPKHDPKELNKQVESRKGEEERNANRAEHFKKTGKWVYDVKKIQ B,E,J
#
# COMPACT_ATOMS: atom_id res chain seq x y z
N ASN A 1 -14.82 28.49 10.46
CA ASN A 1 -13.93 27.68 9.59
C ASN A 1 -12.63 28.35 9.43
N ASP A 2 -11.60 27.74 10.02
CA ASP A 2 -10.31 28.46 10.06
C ASP A 2 -9.72 28.51 8.71
N LYS A 3 -9.98 27.53 7.88
CA LYS A 3 -9.39 27.62 6.52
C LYS A 3 -9.93 28.81 5.71
N LEU A 4 -11.25 29.04 5.86
CA LEU A 4 -11.91 30.27 5.30
C LEU A 4 -11.31 31.52 5.88
N ILE A 5 -11.02 31.54 7.19
CA ILE A 5 -10.43 32.74 7.76
C ILE A 5 -9.11 33.12 7.02
N GLU A 6 -8.26 32.12 6.86
CA GLU A 6 -6.98 32.23 6.20
C GLU A 6 -7.11 32.56 4.75
N LEU A 7 -7.94 31.86 3.98
CA LEU A 7 -8.09 32.27 2.58
C LEU A 7 -8.64 33.71 2.52
N SER A 8 -9.54 34.12 3.43
CA SER A 8 -10.00 35.54 3.41
C SER A 8 -8.91 36.50 3.65
N ASN A 9 -7.84 36.07 4.29
CA ASN A 9 -6.65 36.99 4.44
C ASN A 9 -5.88 37.22 3.19
N SER A 10 -6.23 36.56 2.11
CA SER A 10 -5.50 36.81 0.88
C SER A 10 -6.34 37.66 -0.07
N ASN A 11 -5.77 38.75 -0.52
CA ASN A 11 -6.42 39.55 -1.55
C ASN A 11 -6.68 38.78 -2.89
N GLU A 12 -6.11 37.61 -3.08
CA GLU A 12 -6.41 36.98 -4.33
C GLU A 12 -7.74 36.27 -4.29
N ASN A 13 -8.43 36.32 -3.13
CA ASN A 13 -9.61 35.49 -2.89
C ASN A 13 -10.66 36.40 -2.35
N TRP A 14 -11.92 36.06 -2.62
CA TRP A 14 -13.07 36.68 -1.95
C TRP A 14 -13.91 35.43 -1.66
N VAL A 15 -13.98 34.95 -0.43
CA VAL A 15 -14.35 33.52 -0.22
C VAL A 15 -15.71 33.28 0.38
N MET A 16 -16.38 34.37 0.73
CA MET A 16 -17.69 34.24 1.31
C MET A 16 -18.45 35.49 0.98
N PRO A 17 -19.77 35.39 1.10
CA PRO A 17 -20.63 36.55 1.01
C PRO A 17 -20.13 37.62 1.97
N GLY A 18 -20.01 38.85 1.52
CA GLY A 18 -19.50 39.89 2.47
C GLY A 18 -18.01 39.82 2.78
N LYS A 19 -17.34 38.90 2.08
CA LYS A 19 -15.88 38.85 1.99
C LYS A 19 -15.20 38.20 3.12
N ASN A 20 -15.65 38.42 4.34
CA ASN A 20 -15.00 37.85 5.56
C ASN A 20 -16.05 37.74 6.68
N TYR A 21 -15.68 37.16 7.80
CA TYR A 21 -16.63 36.92 8.84
C TYR A 21 -17.08 38.21 9.58
N ASP A 22 -16.31 39.26 9.44
CA ASP A 22 -16.72 40.62 9.82
C ASP A 22 -17.88 41.17 8.92
N SER A 23 -17.95 40.69 7.66
CA SER A 23 -18.99 40.97 6.73
C SER A 23 -18.85 42.46 6.43
N ASN A 24 -17.62 42.92 6.19
CA ASN A 24 -17.39 44.35 6.14
C ASN A 24 -17.03 44.86 4.80
N ASN A 25 -16.98 44.00 3.80
CA ASN A 25 -16.75 44.45 2.43
C ASN A 25 -15.59 45.47 2.32
N TYR A 26 -14.53 45.19 3.07
CA TYR A 26 -13.30 46.01 2.97
C TYR A 26 -12.01 45.31 2.36
N SER A 27 -11.37 45.93 1.35
CA SER A 27 -10.15 45.40 0.76
C SER A 27 -9.03 46.35 1.03
N THR A 28 -7.88 45.80 1.48
CA THR A 28 -6.68 46.58 1.87
C THR A 28 -5.89 46.87 0.57
N SER A 29 -6.46 46.52 -0.58
CA SER A 29 -5.83 46.73 -1.89
C SER A 29 -5.73 48.17 -2.24
N THR A 30 -4.56 48.59 -2.74
CA THR A 30 -4.39 50.03 -2.91
C THR A 30 -4.12 50.33 -4.33
N GLN A 31 -4.05 49.26 -5.15
CA GLN A 31 -3.56 49.46 -6.49
C GLN A 31 -4.51 50.38 -7.24
N ILE A 32 -5.79 50.40 -6.87
CA ILE A 32 -6.76 51.31 -7.50
C ILE A 32 -7.09 52.30 -6.39
N ASN A 33 -7.08 53.63 -6.65
CA ASN A 33 -7.20 54.64 -5.56
C ASN A 33 -7.57 56.02 -6.04
N VAL A 34 -7.86 56.90 -5.09
CA VAL A 34 -8.27 58.25 -5.40
C VAL A 34 -7.41 58.92 -6.51
N ASP A 35 -6.09 58.75 -6.46
CA ASP A 35 -5.20 59.36 -7.45
C ASP A 35 -5.15 58.77 -8.86
N ASN A 36 -5.59 57.56 -9.10
CA ASN A 36 -5.69 57.07 -10.49
C ASN A 36 -7.11 56.55 -11.01
N VAL A 37 -8.11 56.65 -10.13
CA VAL A 37 -9.42 56.16 -10.47
C VAL A 37 -9.94 56.61 -11.80
N LYS A 38 -9.48 57.72 -12.34
CA LYS A 38 -9.95 58.09 -13.66
C LYS A 38 -9.41 57.21 -14.78
N GLN A 39 -8.49 56.33 -14.39
CA GLN A 39 -7.88 55.38 -15.28
C GLN A 39 -8.60 54.01 -15.23
N LEU A 40 -9.56 53.85 -14.33
CA LEU A 40 -10.34 52.61 -14.26
C LEU A 40 -11.09 52.40 -15.54
N LYS A 41 -10.90 51.25 -16.18
CA LYS A 41 -11.71 50.90 -17.39
C LYS A 41 -12.23 49.45 -17.39
N HIS A 42 -13.11 49.16 -18.34
CA HIS A 42 -13.79 47.87 -18.41
C HIS A 42 -12.80 46.81 -18.83
N ALA A 43 -12.81 45.65 -18.13
CA ALA A 43 -11.82 44.64 -18.42
C ALA A 43 -12.42 43.47 -19.16
N TRP A 44 -13.55 42.99 -18.65
CA TRP A 44 -14.33 42.02 -19.37
C TRP A 44 -15.72 41.88 -18.79
N SER A 45 -16.59 41.14 -19.47
CA SER A 45 -17.87 40.87 -18.90
C SER A 45 -18.37 39.47 -19.21
N PHE A 46 -19.40 39.01 -18.48
CA PHE A 46 -19.98 37.68 -18.66
C PHE A 46 -21.44 37.77 -18.48
N SER A 47 -22.21 37.39 -19.47
CA SER A 47 -23.63 37.37 -19.23
C SER A 47 -24.14 35.98 -18.75
N THR A 48 -25.15 35.94 -17.87
CA THR A 48 -25.59 34.69 -17.22
C THR A 48 -26.63 33.87 -17.98
N GLY A 49 -27.16 34.46 -19.03
CA GLY A 49 -28.24 33.91 -19.80
C GLY A 49 -29.56 34.04 -19.06
N GLU A 50 -29.71 34.90 -18.04
CA GLU A 50 -30.99 35.03 -17.33
C GLU A 50 -31.33 36.50 -17.14
N LEU A 51 -32.62 36.82 -17.07
CA LEU A 51 -33.02 38.17 -16.73
C LEU A 51 -33.53 38.30 -15.27
N HIS A 52 -34.19 39.40 -14.92
CA HIS A 52 -34.48 39.61 -13.50
C HIS A 52 -33.34 39.99 -12.58
N GLY A 53 -33.67 40.41 -11.39
CA GLY A 53 -32.69 40.90 -10.49
C GLY A 53 -31.55 39.93 -10.32
N HIS A 54 -30.35 40.48 -10.39
CA HIS A 54 -29.19 39.74 -10.04
C HIS A 54 -28.51 40.30 -8.80
N GLU A 55 -28.72 39.62 -7.66
CA GLU A 55 -28.18 40.12 -6.44
C GLU A 55 -26.90 39.43 -6.03
N GLY A 56 -26.39 39.82 -4.85
CA GLY A 56 -25.17 39.22 -4.31
C GLY A 56 -24.00 39.56 -5.19
N ALA A 57 -23.00 38.68 -5.28
CA ALA A 57 -21.69 39.00 -5.91
C ALA A 57 -20.89 37.74 -6.03
N PRO A 58 -20.06 37.63 -7.03
CA PRO A 58 -19.36 36.32 -7.20
C PRO A 58 -18.42 35.89 -6.04
N LEU A 59 -17.93 34.65 -6.11
CA LEU A 59 -16.82 34.30 -5.21
C LEU A 59 -15.50 34.17 -6.01
N VAL A 60 -14.34 34.38 -5.40
CA VAL A 60 -13.11 34.06 -6.18
C VAL A 60 -12.22 33.23 -5.28
N ILE A 61 -11.87 32.05 -5.75
CA ILE A 61 -10.91 31.19 -5.07
C ILE A 61 -9.75 30.93 -6.04
N GLY A 62 -8.65 31.64 -5.79
CA GLY A 62 -7.48 31.64 -6.67
C GLY A 62 -7.88 31.97 -8.06
N ASP A 63 -7.67 30.96 -8.91
CA ASP A 63 -7.93 31.04 -10.35
C ASP A 63 -9.37 30.88 -10.81
N VAL A 64 -10.25 30.46 -9.91
CA VAL A 64 -11.63 30.29 -10.33
C VAL A 64 -12.52 31.42 -9.77
N MET A 65 -13.31 32.01 -10.66
CA MET A 65 -14.42 32.82 -10.25
C MET A 65 -15.70 32.01 -10.36
N TYR A 66 -16.52 32.04 -9.30
CA TYR A 66 -17.91 31.50 -9.29
C TYR A 66 -19.01 32.58 -9.29
N VAL A 67 -19.82 32.56 -10.35
CA VAL A 67 -20.99 33.43 -10.42
C VAL A 67 -22.36 32.69 -10.37
N HIS A 68 -23.40 33.43 -9.97
CA HIS A 68 -24.71 32.82 -9.67
C HIS A 68 -25.72 33.77 -10.31
N SER A 69 -26.76 33.21 -10.90
CA SER A 69 -27.80 33.98 -11.54
C SER A 69 -29.18 34.07 -10.82
N SER A 70 -30.10 34.92 -11.32
CA SER A 70 -31.54 34.82 -10.91
C SER A 70 -32.10 33.40 -11.11
N PHE A 71 -33.35 33.15 -10.70
CA PHE A 71 -33.95 31.87 -11.03
C PHE A 71 -33.67 31.50 -12.49
N PRO A 72 -33.35 30.25 -12.78
CA PRO A 72 -33.28 29.04 -11.90
C PRO A 72 -31.94 28.81 -11.24
N ASN A 73 -31.27 29.90 -10.80
CA ASN A 73 -30.10 29.68 -9.92
C ASN A 73 -28.98 28.81 -10.57
N LYS A 74 -28.61 29.16 -11.81
CA LYS A 74 -27.41 28.64 -12.42
C LYS A 74 -26.23 29.11 -11.65
N THR A 75 -25.27 28.17 -11.56
CA THR A 75 -23.89 28.40 -11.03
C THR A 75 -22.92 28.22 -12.14
N PHE A 76 -21.95 29.11 -12.28
CA PHE A 76 -20.94 28.91 -13.33
C PHE A 76 -19.60 29.10 -12.77
N ALA A 77 -18.65 28.34 -13.30
CA ALA A 77 -17.20 28.53 -12.87
C ALA A 77 -16.38 28.98 -14.04
N LEU A 78 -15.83 30.18 -13.87
CA LEU A 78 -15.09 30.90 -14.89
C LEU A 78 -13.57 30.84 -14.57
N ASP A 79 -12.74 30.83 -15.62
CA ASP A 79 -11.33 30.64 -15.56
C ASP A 79 -10.74 32.03 -15.68
N LEU A 80 -10.29 32.57 -14.57
CA LEU A 80 -9.70 33.90 -14.56
C LEU A 80 -8.58 34.12 -15.52
N ASN A 81 -7.83 33.10 -15.87
CA ASN A 81 -6.81 33.23 -16.91
C ASN A 81 -7.38 33.30 -18.28
N ASP A 82 -8.68 33.07 -18.45
CA ASP A 82 -9.35 33.09 -19.79
C ASP A 82 -10.82 33.11 -19.46
N PRO A 83 -11.30 34.23 -18.94
CA PRO A 83 -12.64 34.14 -18.35
C PRO A 83 -13.75 33.83 -19.39
N GLY A 84 -13.46 33.90 -20.67
CA GLY A 84 -14.47 33.46 -21.57
C GLY A 84 -14.68 31.96 -21.58
N HIS A 85 -13.74 31.14 -21.10
CA HIS A 85 -13.96 29.62 -21.03
C HIS A 85 -14.70 29.27 -19.75
N ILE A 86 -15.86 28.68 -19.89
CA ILE A 86 -16.56 28.27 -18.71
C ILE A 86 -16.03 26.92 -18.19
N LEU A 87 -15.32 26.97 -17.04
CA LEU A 87 -14.91 25.67 -16.46
C LEU A 87 -16.08 24.72 -16.25
N TRP A 88 -17.18 25.17 -15.65
CA TRP A 88 -18.32 24.28 -15.53
C TRP A 88 -19.56 25.02 -15.26
N GLN A 89 -20.69 24.32 -15.34
CA GLN A 89 -21.98 24.91 -15.05
C GLN A 89 -23.00 24.00 -14.38
N HIS A 90 -23.70 24.54 -13.42
CA HIS A 90 -24.78 23.81 -12.80
C HIS A 90 -26.09 24.52 -13.09
N SER A 91 -27.05 23.76 -13.63
CA SER A 91 -28.28 24.29 -14.06
C SER A 91 -29.37 23.51 -13.40
N PRO A 92 -29.90 24.02 -12.31
CA PRO A 92 -30.98 23.25 -11.70
C PRO A 92 -32.27 23.19 -12.53
N LYS A 93 -32.99 22.07 -12.37
CA LYS A 93 -34.40 21.97 -12.79
C LYS A 93 -35.25 22.12 -11.57
N GLN A 94 -36.16 23.08 -11.67
CA GLN A 94 -37.02 23.43 -10.57
C GLN A 94 -38.43 23.58 -11.14
N ASP A 95 -39.41 23.41 -10.29
CA ASP A 95 -40.77 23.52 -10.70
C ASP A 95 -41.02 25.01 -10.96
N PRO A 96 -41.61 25.34 -12.12
CA PRO A 96 -41.66 26.81 -12.36
C PRO A 96 -42.74 27.51 -11.52
N ALA A 97 -43.51 26.76 -10.77
CA ALA A 97 -44.47 27.32 -9.93
C ALA A 97 -43.80 27.98 -8.71
N ALA A 98 -42.53 27.69 -8.47
CA ALA A 98 -41.74 28.47 -7.47
C ALA A 98 -41.82 29.98 -7.74
N ARG A 99 -41.86 30.36 -9.00
CA ARG A 99 -42.00 31.76 -9.34
C ARG A 99 -43.20 32.34 -8.68
N SER A 100 -44.24 31.55 -8.51
CA SER A 100 -45.49 32.20 -8.20
C SER A 100 -45.54 32.51 -6.71
N VAL A 101 -44.57 32.05 -5.92
CA VAL A 101 -44.66 32.36 -4.50
C VAL A 101 -43.49 33.20 -4.02
N ALA A 102 -42.82 33.87 -4.94
CA ALA A 102 -41.67 34.73 -4.64
C ALA A 102 -42.22 36.16 -4.53
N CYS A 103 -42.10 36.83 -3.39
CA CYS A 103 -42.89 38.07 -3.21
C CYS A 103 -42.38 39.19 -4.08
N CYS A 104 -41.07 39.20 -4.21
CA CYS A 104 -40.31 40.39 -4.63
C CYS A 104 -39.17 40.06 -5.60
N ASP A 105 -39.49 39.35 -6.72
CA ASP A 105 -38.62 39.07 -7.86
C ASP A 105 -37.82 37.74 -7.69
N LEU A 106 -37.37 37.14 -8.80
CA LEU A 106 -36.71 35.88 -8.74
C LEU A 106 -35.21 36.00 -8.35
N VAL A 107 -34.88 36.74 -7.30
CA VAL A 107 -33.48 37.07 -7.02
C VAL A 107 -32.81 36.04 -6.18
N ASN A 108 -31.48 36.06 -6.10
CA ASN A 108 -30.73 35.17 -5.18
C ASN A 108 -29.48 35.93 -4.81
N ARG A 109 -29.10 35.81 -3.53
CA ARG A 109 -28.02 36.63 -3.03
C ARG A 109 -26.63 36.00 -3.00
N GLY A 110 -26.49 34.73 -3.43
CA GLY A 110 -25.10 34.27 -3.71
C GLY A 110 -24.63 32.97 -3.11
N LEU A 111 -23.38 32.72 -3.39
CA LEU A 111 -22.77 31.42 -3.11
C LEU A 111 -21.88 31.47 -1.87
N ALA A 112 -21.79 30.33 -1.17
CA ALA A 112 -20.71 30.21 -0.18
C ALA A 112 -19.80 29.05 -0.53
N TYR A 113 -18.73 28.95 0.28
CA TYR A 113 -17.67 28.04 -0.11
C TYR A 113 -17.09 27.30 1.08
N TRP A 114 -16.98 25.98 0.87
CA TRP A 114 -16.34 25.19 1.91
C TRP A 114 -15.02 24.62 1.39
N PRO A 115 -13.89 25.02 2.00
CA PRO A 115 -12.55 24.67 1.47
C PRO A 115 -12.39 23.24 1.84
N GLY A 116 -12.09 22.30 0.95
CA GLY A 116 -12.10 20.82 1.39
C GLY A 116 -10.97 20.22 2.28
N ASP A 117 -11.00 18.90 2.55
CA ASP A 117 -9.86 18.19 3.21
C ASP A 117 -9.29 17.12 2.25
N ASP A 118 -8.72 16.06 2.77
CA ASP A 118 -8.06 15.11 1.89
C ASP A 118 -9.00 13.97 1.51
N LYS A 119 -9.97 13.71 2.37
CA LYS A 119 -11.09 12.79 2.23
C LYS A 119 -12.17 13.42 1.25
N THR A 120 -12.34 14.74 1.25
CA THR A 120 -13.55 15.48 0.69
C THR A 120 -13.28 16.74 -0.19
N PRO A 121 -13.98 16.88 -1.35
CA PRO A 121 -13.67 17.97 -2.25
C PRO A 121 -14.08 19.31 -1.65
N SER A 122 -13.50 20.42 -2.07
CA SER A 122 -14.03 21.68 -1.69
C SER A 122 -15.43 21.73 -2.36
N LEU A 123 -16.35 22.53 -1.80
CA LEU A 123 -17.73 22.52 -2.15
C LEU A 123 -18.20 23.96 -2.27
N ILE A 124 -19.03 24.23 -3.29
CA ILE A 124 -19.73 25.47 -3.45
C ILE A 124 -21.15 25.18 -2.90
N ILE A 125 -21.58 26.01 -1.97
CA ILE A 125 -22.89 25.88 -1.36
C ILE A 125 -23.78 26.98 -1.92
N LYS A 126 -24.97 26.56 -2.41
CA LYS A 126 -25.94 27.46 -3.08
C LYS A 126 -27.40 27.17 -2.63
N THR A 127 -28.29 28.13 -2.78
CA THR A 127 -29.71 27.92 -2.51
C THR A 127 -30.48 27.97 -3.80
N GLN A 128 -31.68 27.41 -3.81
CA GLN A 128 -32.53 27.44 -5.00
C GLN A 128 -33.85 28.02 -4.63
N LEU A 129 -34.47 28.76 -5.57
CA LEU A 129 -35.71 29.42 -5.25
C LEU A 129 -36.71 28.40 -4.75
N ASP A 130 -36.62 27.13 -5.17
CA ASP A 130 -37.66 26.10 -4.84
C ASP A 130 -37.47 25.43 -3.45
N GLY A 131 -36.50 25.93 -2.70
CA GLY A 131 -36.31 25.56 -1.29
C GLY A 131 -35.07 24.76 -0.97
N HIS A 132 -34.40 24.26 -1.99
CA HIS A 132 -33.29 23.36 -1.79
C HIS A 132 -32.00 24.09 -1.46
N LEU A 133 -31.20 23.42 -0.66
CA LEU A 133 -29.84 23.79 -0.43
C LEU A 133 -29.06 22.70 -1.12
N VAL A 134 -28.18 23.11 -2.01
CA VAL A 134 -27.51 22.16 -2.79
C VAL A 134 -26.05 22.41 -2.51
N ALA A 135 -25.24 21.35 -2.40
CA ALA A 135 -23.75 21.46 -2.40
C ALA A 135 -23.09 20.93 -3.71
N LEU A 136 -22.24 21.74 -4.32
CA LEU A 136 -21.56 21.30 -5.53
C LEU A 136 -20.08 21.10 -5.30
N ASN A 137 -19.52 20.03 -5.85
CA ASN A 137 -18.08 19.83 -5.92
C ASN A 137 -17.55 21.05 -6.64
N ALA A 138 -16.67 21.77 -6.01
CA ALA A 138 -16.32 23.05 -6.50
C ALA A 138 -15.38 23.01 -7.67
N LYS A 139 -14.84 21.85 -8.02
CA LYS A 139 -14.00 21.73 -9.25
C LYS A 139 -14.71 21.10 -10.47
N THR A 140 -15.85 20.52 -10.26
CA THR A 140 -16.44 19.81 -11.35
C THR A 140 -17.88 20.25 -11.55
N GLY A 141 -18.48 20.77 -10.50
CA GLY A 141 -19.86 21.24 -10.51
C GLY A 141 -20.91 20.16 -10.39
N GLU A 142 -20.47 18.94 -10.06
CA GLU A 142 -21.39 17.85 -9.92
C GLU A 142 -21.96 17.95 -8.55
N GLU A 143 -23.26 17.69 -8.47
CA GLU A 143 -23.97 17.49 -7.22
C GLU A 143 -23.22 16.59 -6.28
N PHE A 144 -23.03 17.15 -5.08
CA PHE A 144 -22.48 16.49 -3.93
C PHE A 144 -23.59 16.10 -3.01
N TRP A 145 -24.50 17.05 -2.68
CA TRP A 145 -25.78 16.78 -2.03
C TRP A 145 -26.82 17.84 -2.25
N LYS A 146 -28.07 17.49 -1.91
CA LYS A 146 -29.22 18.35 -2.07
C LYS A 146 -30.25 18.05 -1.04
N VAL A 147 -30.48 19.00 -0.12
CA VAL A 147 -31.49 18.78 0.97
C VAL A 147 -32.72 19.68 0.75
N GLU A 148 -33.91 19.23 1.11
CA GLU A 148 -35.09 20.09 1.11
C GLU A 148 -35.08 21.01 2.32
N ASN A 149 -35.24 22.31 2.06
CA ASN A 149 -35.26 23.30 3.11
C ASN A 149 -36.23 24.42 2.73
N GLY A 150 -37.41 24.04 2.25
CA GLY A 150 -38.49 24.97 1.93
C GLY A 150 -39.45 24.29 0.95
N ASP A 151 -40.72 24.27 1.30
CA ASP A 151 -41.75 23.68 0.45
C ASP A 151 -42.56 24.86 -0.15
N ILE A 152 -42.60 25.03 -1.47
CA ILE A 152 -43.41 26.11 -2.10
C ILE A 152 -44.91 25.93 -1.88
N LYS A 153 -45.33 24.75 -1.44
CA LYS A 153 -46.81 24.51 -1.29
C LYS A 153 -47.28 25.13 0.01
N VAL A 154 -46.35 25.37 0.91
CA VAL A 154 -46.69 26.08 2.10
C VAL A 154 -46.20 27.54 2.07
N GLY A 155 -45.99 28.06 0.84
CA GLY A 155 -45.51 29.44 0.65
C GLY A 155 -44.01 29.72 0.78
N GLN A 156 -43.15 28.73 0.83
CA GLN A 156 -41.77 29.00 1.15
C GLN A 156 -40.85 28.92 -0.01
N THR A 157 -39.71 29.61 0.07
CA THR A 157 -38.71 29.70 -0.99
C THR A 157 -37.35 30.10 -0.38
N LEU A 158 -36.29 30.18 -1.18
CA LEU A 158 -34.96 30.63 -0.68
C LEU A 158 -34.37 31.66 -1.59
N THR A 159 -34.06 32.80 -1.00
CA THR A 159 -33.38 33.82 -1.76
C THR A 159 -32.00 34.20 -1.16
N GLN A 160 -31.74 33.94 0.12
CA GLN A 160 -30.41 34.36 0.61
C GLN A 160 -29.27 33.48 0.09
N ALA A 161 -28.09 34.07 0.12
CA ALA A 161 -26.86 33.28 0.20
C ALA A 161 -26.77 32.43 1.48
N PRO A 162 -26.30 31.20 1.32
CA PRO A 162 -26.13 30.49 2.62
C PRO A 162 -24.82 30.82 3.10
N TYR A 163 -24.37 30.17 4.16
CA TYR A 163 -23.14 30.61 4.80
C TYR A 163 -22.36 29.44 5.38
N VAL A 164 -21.06 29.34 5.22
CA VAL A 164 -20.27 28.25 5.82
C VAL A 164 -19.50 28.69 7.10
N VAL A 165 -19.77 28.01 8.20
CA VAL A 165 -18.98 28.20 9.46
C VAL A 165 -18.56 26.78 9.93
N HIS A 166 -17.26 26.55 10.24
CA HIS A 166 -16.77 25.26 10.58
C HIS A 166 -17.07 24.30 9.42
N ASP A 167 -17.57 23.10 9.69
CA ASP A 167 -18.03 22.16 8.67
C ASP A 167 -19.57 22.18 8.57
N LEU A 168 -20.11 23.39 8.72
CA LEU A 168 -21.53 23.61 8.72
C LEU A 168 -21.96 24.61 7.61
N ALA A 169 -23.08 24.32 6.95
CA ALA A 169 -23.66 25.24 5.98
C ALA A 169 -24.94 25.69 6.60
N ILE A 170 -25.12 27.01 6.77
CA ILE A 170 -26.29 27.60 7.46
C ILE A 170 -27.21 28.25 6.39
N VAL A 171 -28.52 28.05 6.57
CA VAL A 171 -29.49 28.46 5.63
C VAL A 171 -30.71 28.98 6.31
N GLY A 172 -31.28 30.00 5.67
CA GLY A 172 -32.19 30.93 6.29
C GLY A 172 -33.57 30.60 5.83
N SER A 173 -34.38 31.65 5.65
CA SER A 173 -35.72 31.40 5.18
C SER A 173 -36.37 32.60 4.47
N SER A 174 -37.28 32.32 3.49
CA SER A 174 -38.20 33.33 2.84
C SER A 174 -39.67 32.98 2.87
N GLY A 175 -40.50 34.02 2.78
CA GLY A 175 -41.99 33.93 2.72
C GLY A 175 -42.80 34.61 3.85
N ALA A 176 -42.24 35.57 4.60
CA ALA A 176 -43.06 36.19 5.64
C ALA A 176 -44.35 36.78 4.98
N GLU A 177 -44.23 37.26 3.73
CA GLU A 177 -45.42 37.71 2.98
C GLU A 177 -46.42 36.62 2.68
N LEU A 178 -46.05 35.33 2.89
CA LEU A 178 -47.00 34.17 2.75
C LEU A 178 -47.25 33.41 4.08
N GLY A 179 -47.10 34.13 5.18
CA GLY A 179 -47.31 33.51 6.46
C GLY A 179 -46.28 32.48 6.97
N VAL A 180 -45.08 32.47 6.39
CA VAL A 180 -44.10 31.49 6.80
C VAL A 180 -43.47 31.93 8.09
N ARG A 181 -43.35 30.99 9.01
CA ARG A 181 -42.66 31.17 10.27
C ARG A 181 -41.17 30.88 10.10
N GLY A 182 -40.37 31.86 10.47
CA GLY A 182 -38.96 31.88 10.12
C GLY A 182 -38.27 30.75 10.87
N HIS A 183 -37.35 30.13 10.11
CA HIS A 183 -36.58 28.99 10.49
C HIS A 183 -35.17 29.21 9.98
N VAL A 184 -34.18 28.73 10.74
CA VAL A 184 -32.77 28.76 10.32
C VAL A 184 -32.24 27.39 10.67
N THR A 185 -31.52 26.79 9.70
CA THR A 185 -30.97 25.43 9.88
C THR A 185 -29.52 25.44 9.49
N ALA A 186 -28.79 24.59 10.19
CA ALA A 186 -27.43 24.19 9.87
C ALA A 186 -27.38 22.72 9.40
N TYR A 187 -26.84 22.48 8.21
CA TYR A 187 -26.53 21.12 7.76
C TYR A 187 -24.99 20.88 7.73
N ASN A 188 -24.59 19.63 7.86
CA ASN A 188 -23.23 19.23 7.94
C ASN A 188 -22.73 18.99 6.54
N VAL A 189 -21.69 19.73 6.14
CA VAL A 189 -21.33 19.78 4.74
C VAL A 189 -20.68 18.50 4.31
N ARG A 190 -20.24 17.67 5.24
CA ARG A 190 -19.64 16.41 4.83
C ARG A 190 -20.76 15.38 4.65
N THR A 191 -21.78 15.46 5.49
CA THR A 191 -22.73 14.39 5.50
C THR A 191 -24.04 14.78 4.93
N GLY A 192 -24.37 16.08 4.87
CA GLY A 192 -25.65 16.48 4.36
C GLY A 192 -26.75 16.29 5.40
N GLU A 193 -26.35 15.96 6.61
CA GLU A 193 -27.19 15.69 7.74
C GLU A 193 -27.56 16.99 8.47
N GLN A 194 -28.78 17.12 8.92
CA GLN A 194 -29.17 18.24 9.69
C GLN A 194 -28.51 18.26 11.09
N ALA A 195 -27.86 19.36 11.43
CA ALA A 195 -27.26 19.54 12.76
C ALA A 195 -28.09 20.31 13.77
N TRP A 196 -28.84 21.34 13.39
CA TRP A 196 -29.80 21.97 14.29
C TRP A 196 -30.75 22.82 13.46
N ARG A 197 -31.97 23.04 13.94
CA ARG A 197 -32.89 23.93 13.22
C ARG A 197 -33.79 24.70 14.22
N TYR A 198 -33.85 26.03 14.11
CA TYR A 198 -34.61 26.78 15.03
C TYR A 198 -35.51 27.80 14.39
N TYR A 199 -36.55 28.20 15.15
CA TYR A 199 -37.64 29.04 14.72
C TYR A 199 -37.63 30.39 15.40
N ALA A 200 -38.41 31.34 14.83
CA ALA A 200 -38.35 32.76 15.30
C ALA A 200 -39.50 33.12 16.24
N THR A 201 -40.44 32.21 16.33
CA THR A 201 -41.65 32.39 17.12
C THR A 201 -42.06 31.02 17.77
N GLY A 202 -42.82 31.06 18.85
CA GLY A 202 -43.33 29.92 19.58
C GLY A 202 -42.54 29.61 20.84
N PRO A 203 -42.72 28.39 21.37
CA PRO A 203 -42.14 27.94 22.65
C PRO A 203 -40.66 28.05 22.49
N ASP A 204 -39.99 28.28 23.62
CA ASP A 204 -38.62 28.64 23.69
C ASP A 204 -37.75 27.53 23.11
N ALA A 205 -38.16 26.28 23.36
CA ALA A 205 -37.39 25.09 22.95
C ALA A 205 -37.32 25.07 21.41
N GLU A 206 -38.46 25.34 20.78
CA GLU A 206 -38.46 25.47 19.36
C GLU A 206 -37.68 26.67 18.80
N ILE A 207 -37.50 27.72 19.61
CA ILE A 207 -36.73 28.89 19.20
C ILE A 207 -35.26 28.70 19.50
N GLY A 208 -34.95 27.89 20.50
CA GLY A 208 -33.61 27.51 20.84
C GLY A 208 -32.90 28.48 21.76
N LEU A 209 -33.58 28.97 22.81
CA LEU A 209 -32.92 29.91 23.70
C LEU A 209 -31.82 29.27 24.52
N ALA A 210 -30.75 29.98 24.74
CA ALA A 210 -29.68 29.41 25.62
C ALA A 210 -30.11 29.57 27.07
N ASP A 211 -29.69 28.72 27.99
CA ASP A 211 -30.17 28.94 29.39
C ASP A 211 -30.00 30.38 29.95
N ASP A 212 -28.92 31.02 29.53
CA ASP A 212 -28.49 32.35 29.92
C ASP A 212 -28.79 33.44 28.83
N PHE A 213 -29.84 33.16 28.03
CA PHE A 213 -30.33 34.06 26.98
C PHE A 213 -30.65 35.41 27.56
N ASN A 214 -30.00 36.44 27.01
CA ASN A 214 -30.12 37.85 27.44
C ASN A 214 -29.80 38.20 28.91
N SER A 215 -28.79 37.57 29.51
CA SER A 215 -28.63 37.62 30.95
C SER A 215 -28.04 38.98 31.23
N ALA A 216 -27.31 39.53 30.27
CA ALA A 216 -26.70 40.83 30.43
C ALA A 216 -27.69 41.99 30.18
N ASN A 217 -28.86 41.65 29.66
CA ASN A 217 -29.86 42.66 29.30
C ASN A 217 -31.22 42.07 29.42
N PRO A 218 -31.62 41.76 30.63
CA PRO A 218 -32.90 41.06 30.74
C PRO A 218 -34.13 41.96 30.48
N HIS A 219 -34.00 43.28 30.45
CA HIS A 219 -35.12 44.17 30.12
C HIS A 219 -35.56 43.97 28.62
N TYR A 220 -34.65 43.49 27.77
CA TYR A 220 -34.98 43.07 26.37
C TYR A 220 -36.07 42.04 26.35
N GLY A 221 -36.20 41.26 27.42
CA GLY A 221 -37.12 40.09 27.37
C GLY A 221 -36.27 38.85 27.47
N GLN A 222 -36.79 37.85 28.19
CA GLN A 222 -36.19 36.50 28.30
C GLN A 222 -37.10 35.26 27.99
N LYS A 223 -37.68 34.57 28.98
CA LYS A 223 -38.41 33.30 28.65
C LYS A 223 -39.85 33.52 28.15
N GLY A 224 -40.38 32.49 27.49
CA GLY A 224 -41.83 32.46 27.14
C GLY A 224 -42.41 33.52 26.15
N LEU A 225 -41.58 34.46 25.64
CA LEU A 225 -42.13 35.58 24.82
C LEU A 225 -42.54 35.26 23.32
N GLY A 226 -41.94 34.28 22.69
CA GLY A 226 -42.38 33.86 21.40
C GLY A 226 -43.76 33.26 21.45
N THR A 227 -44.37 33.15 22.63
CA THR A 227 -45.85 32.84 22.67
C THR A 227 -46.70 33.84 23.43
N ALA A 228 -46.08 34.48 24.42
CA ALA A 228 -46.78 35.42 25.28
C ALA A 228 -47.13 36.71 24.46
N THR A 229 -46.25 37.06 23.49
CA THR A 229 -46.47 38.31 22.77
C THR A 229 -47.22 38.07 21.46
N TRP A 230 -48.08 37.04 21.50
CA TRP A 230 -49.05 36.65 20.46
C TRP A 230 -50.42 36.37 21.06
N GLU A 231 -51.43 36.18 20.26
CA GLU A 231 -52.66 35.71 20.87
C GLU A 231 -52.90 34.32 20.30
N GLY A 232 -53.18 33.35 21.18
CA GLY A 232 -53.41 31.98 20.74
C GLY A 232 -52.28 31.52 19.85
N ASP A 233 -52.64 30.83 18.79
CA ASP A 233 -51.58 30.27 17.95
C ASP A 233 -51.07 31.17 16.73
N ALA A 234 -51.30 32.49 16.83
CA ALA A 234 -51.08 33.33 15.66
C ALA A 234 -49.59 33.32 15.35
N TRP A 235 -48.73 32.94 16.32
CA TRP A 235 -47.28 32.75 16.07
C TRP A 235 -46.92 31.70 15.00
N LYS A 236 -47.80 30.73 14.74
CA LYS A 236 -47.46 29.60 13.86
C LYS A 236 -47.31 30.08 12.41
N ILE A 237 -48.05 31.11 12.05
CA ILE A 237 -47.91 31.62 10.73
C ILE A 237 -47.35 33.05 10.86
N GLY A 238 -46.29 33.17 11.71
CA GLY A 238 -45.90 34.46 12.28
C GLY A 238 -44.79 35.26 11.64
N GLY A 239 -44.16 34.71 10.62
CA GLY A 239 -43.07 35.44 9.97
C GLY A 239 -41.80 35.34 10.76
N GLY A 240 -40.92 36.35 10.68
CA GLY A 240 -39.58 36.21 11.21
C GLY A 240 -38.57 35.51 10.29
N THR A 241 -38.92 35.28 9.04
CA THR A 241 -37.98 34.66 8.09
C THR A 241 -36.65 35.45 8.10
N ASN A 242 -35.52 34.81 7.82
CA ASN A 242 -34.25 35.51 7.76
C ASN A 242 -33.68 35.22 6.39
N TRP A 243 -33.81 36.23 5.51
CA TRP A 243 -33.35 36.17 4.14
C TRP A 243 -32.28 37.25 3.91
N GLY A 244 -31.67 37.77 4.95
CA GLY A 244 -30.63 38.72 4.68
C GLY A 244 -29.22 38.11 4.77
N TRP A 245 -28.34 38.79 5.54
CA TRP A 245 -26.93 38.49 5.59
C TRP A 245 -26.56 37.95 6.99
N TYR A 246 -25.44 37.23 7.05
CA TYR A 246 -24.82 36.73 8.28
C TYR A 246 -23.52 37.45 8.63
N ALA A 247 -23.16 37.32 9.92
CA ALA A 247 -21.77 37.57 10.31
C ALA A 247 -21.35 36.59 11.44
N TYR A 248 -20.04 36.53 11.75
CA TYR A 248 -19.55 35.44 12.65
C TYR A 248 -18.37 35.88 13.46
N ASP A 249 -18.48 35.60 14.73
CA ASP A 249 -17.32 35.83 15.56
C ASP A 249 -16.67 34.48 15.94
N PRO A 250 -15.51 34.20 15.37
CA PRO A 250 -14.76 32.94 15.70
C PRO A 250 -14.51 32.76 17.24
N ALA A 251 -14.12 33.84 17.95
CA ALA A 251 -13.84 33.65 19.41
C ALA A 251 -15.08 33.44 20.23
N ALA A 252 -16.18 34.20 19.97
CA ALA A 252 -17.43 34.00 20.80
C ALA A 252 -18.16 32.77 20.31
N ASN A 253 -17.76 32.26 19.12
CA ASN A 253 -18.51 31.18 18.39
C ASN A 253 -19.97 31.60 18.04
N LEU A 254 -20.16 32.86 17.68
CA LEU A 254 -21.56 33.35 17.52
C LEU A 254 -21.78 33.81 16.13
N ILE A 255 -22.87 33.34 15.52
CA ILE A 255 -23.33 33.95 14.26
C ILE A 255 -24.48 34.94 14.46
N TYR A 256 -24.44 36.04 13.74
CA TYR A 256 -25.40 37.11 13.90
C TYR A 256 -26.21 37.24 12.62
N TYR A 257 -27.53 37.39 12.76
CA TYR A 257 -28.38 37.77 11.61
C TYR A 257 -29.58 38.46 12.22
N GLY A 258 -30.52 39.01 11.45
CA GLY A 258 -31.72 39.62 11.98
C GLY A 258 -32.89 38.85 11.38
N SER A 259 -33.98 38.69 12.13
CA SER A 259 -35.13 38.00 11.68
C SER A 259 -36.07 39.03 11.17
N GLY A 260 -37.06 38.58 10.34
CA GLY A 260 -37.80 39.47 9.48
C GLY A 260 -39.05 39.94 10.18
N ASN A 261 -40.01 40.39 9.38
CA ASN A 261 -41.24 40.91 9.87
C ASN A 261 -42.24 39.84 10.21
N PRO A 262 -43.14 40.11 11.14
CA PRO A 262 -44.22 39.15 11.51
C PRO A 262 -45.35 39.17 10.47
N ALA A 263 -46.21 38.18 10.45
CA ALA A 263 -47.24 38.12 9.40
C ALA A 263 -48.52 38.13 10.17
N PRO A 264 -49.61 38.71 9.56
CA PRO A 264 -49.52 39.38 8.26
C PRO A 264 -49.09 40.82 8.48
N TRP A 265 -49.27 41.63 7.44
CA TRP A 265 -48.77 43.03 7.46
C TRP A 265 -49.78 43.87 8.22
N ASN A 266 -51.05 43.43 8.16
CA ASN A 266 -52.11 43.93 8.99
C ASN A 266 -51.82 43.69 10.49
N GLU A 267 -51.34 44.74 11.18
CA GLU A 267 -51.00 44.67 12.58
C GLU A 267 -52.21 44.32 13.46
N THR A 268 -53.41 44.72 13.06
CA THR A 268 -54.64 44.46 13.85
C THR A 268 -54.89 42.95 13.98
N MET A 269 -54.38 42.16 12.99
CA MET A 269 -54.59 40.67 13.02
C MET A 269 -53.62 39.95 13.90
N ARG A 270 -52.71 40.67 14.52
CA ARG A 270 -51.85 39.99 15.49
C ARG A 270 -51.43 40.86 16.67
N PRO A 271 -52.37 41.16 17.61
CA PRO A 271 -51.91 41.97 18.76
C PRO A 271 -50.62 41.32 19.44
N GLY A 272 -49.75 42.14 20.01
CA GLY A 272 -48.68 41.59 20.78
C GLY A 272 -47.35 42.00 20.20
N ASP A 273 -46.27 41.84 20.95
CA ASP A 273 -44.95 42.28 20.49
C ASP A 273 -44.43 41.38 19.34
N ASN A 274 -45.03 40.16 19.20
CA ASN A 274 -44.67 39.35 18.07
C ASN A 274 -43.16 38.91 18.11
N LYS A 275 -42.70 38.73 19.33
CA LYS A 275 -41.37 38.27 19.57
C LYS A 275 -40.88 36.98 18.92
N TRP A 276 -39.61 37.26 18.76
CA TRP A 276 -38.50 36.89 18.06
C TRP A 276 -38.28 37.37 16.65
N THR A 277 -39.39 37.89 16.07
CA THR A 277 -39.36 38.60 14.76
C THR A 277 -38.73 39.93 14.94
N MET A 278 -38.22 40.49 13.88
CA MET A 278 -37.63 41.81 13.97
C MET A 278 -36.46 41.85 14.93
N THR A 279 -35.81 40.71 15.12
CA THR A 279 -34.86 40.60 16.19
C THR A 279 -33.47 40.43 15.73
N ILE A 280 -32.53 41.15 16.36
CA ILE A 280 -31.07 40.92 16.13
C ILE A 280 -30.63 39.75 17.04
N THR A 281 -30.04 38.72 16.43
CA THR A 281 -29.99 37.34 16.96
C THR A 281 -28.55 36.84 16.93
N ALA A 282 -28.15 36.24 18.05
CA ALA A 282 -26.83 35.66 18.09
C ALA A 282 -26.96 34.25 18.56
N ARG A 283 -26.42 33.35 17.79
CA ARG A 283 -26.62 31.91 18.03
C ARG A 283 -25.24 31.31 17.98
N ASP A 284 -25.06 30.33 18.86
CA ASP A 284 -23.87 29.54 18.86
C ASP A 284 -23.77 28.84 17.50
N ALA A 285 -22.65 29.06 16.77
CA ALA A 285 -22.61 28.46 15.42
C ALA A 285 -22.97 26.95 15.44
N ASP A 286 -22.56 26.23 16.49
CA ASP A 286 -22.53 24.76 16.43
C ASP A 286 -23.73 24.01 16.99
N THR A 287 -24.41 24.64 17.96
CA THR A 287 -25.59 24.03 18.58
C THR A 287 -26.80 24.83 18.17
N GLY A 288 -26.51 26.10 17.83
CA GLY A 288 -27.47 27.01 17.29
C GLY A 288 -28.24 27.64 18.41
N LYS A 289 -27.77 27.47 19.65
CA LYS A 289 -28.47 28.09 20.75
C LYS A 289 -28.31 29.62 20.67
N MET A 290 -29.44 30.30 20.88
CA MET A 290 -29.56 31.73 20.91
C MET A 290 -29.03 32.33 22.22
N LYS A 291 -27.89 32.97 22.09
CA LYS A 291 -27.24 33.66 23.18
C LYS A 291 -27.94 34.95 23.63
N PHE A 292 -28.32 35.77 22.65
CA PHE A 292 -28.99 37.00 22.91
C PHE A 292 -29.77 37.47 21.69
N GLY A 293 -30.65 38.44 21.93
CA GLY A 293 -31.74 38.72 21.01
C GLY A 293 -32.31 40.06 21.40
N TYR A 294 -32.23 41.02 20.46
CA TYR A 294 -32.74 42.37 20.66
C TYR A 294 -33.89 42.74 19.64
N GLN A 295 -35.15 42.83 20.06
CA GLN A 295 -36.20 43.11 19.15
C GLN A 295 -36.17 44.58 18.76
N LYS A 296 -35.83 44.92 17.50
CA LYS A 296 -35.73 46.37 17.16
C LYS A 296 -37.12 46.94 17.01
N THR A 297 -38.03 46.16 16.43
CA THR A 297 -39.32 46.68 16.08
C THR A 297 -40.40 45.87 16.77
N PRO A 298 -40.72 46.19 18.01
CA PRO A 298 -41.85 45.47 18.61
C PRO A 298 -43.20 45.63 17.91
N HIS A 299 -43.92 44.53 17.69
CA HIS A 299 -45.24 44.63 17.03
C HIS A 299 -45.17 45.49 15.72
N ASP A 300 -44.38 45.02 14.77
CA ASP A 300 -44.27 45.68 13.48
C ASP A 300 -45.61 46.03 12.89
N GLU A 301 -45.60 47.24 12.32
CA GLU A 301 -46.76 47.93 11.76
C GLU A 301 -46.50 48.40 10.30
N TRP A 302 -45.30 48.11 9.79
CA TRP A 302 -44.84 48.72 8.57
C TRP A 302 -44.10 47.78 7.58
N ASP A 303 -44.11 46.46 7.84
CA ASP A 303 -43.19 45.53 7.19
C ASP A 303 -41.70 45.97 7.28
N PHE A 304 -41.26 46.42 8.45
CA PHE A 304 -39.82 46.75 8.55
C PHE A 304 -38.87 45.49 8.66
N ALA A 305 -38.95 44.53 7.71
CA ALA A 305 -38.33 43.23 7.87
C ALA A 305 -36.88 43.34 8.30
N GLY A 306 -36.64 42.71 9.47
CA GLY A 306 -35.49 43.02 10.24
C GLY A 306 -34.26 42.34 9.75
N VAL A 307 -34.10 42.12 8.42
CA VAL A 307 -33.10 41.17 7.88
C VAL A 307 -31.81 41.74 7.41
N ASN A 308 -31.61 43.01 7.71
CA ASN A 308 -30.46 43.69 7.09
C ASN A 308 -29.05 43.22 7.52
N VAL A 309 -28.03 43.78 6.85
CA VAL A 309 -26.67 43.34 6.94
C VAL A 309 -26.12 43.69 8.31
N ILE A 310 -25.05 42.99 8.70
CA ILE A 310 -24.53 43.14 10.04
C ILE A 310 -23.03 43.28 9.95
N MET A 311 -22.49 44.40 10.39
CA MET A 311 -21.09 44.57 10.15
C MET A 311 -20.35 44.57 11.47
N LEU A 312 -19.31 43.75 11.59
CA LEU A 312 -18.62 43.59 12.92
C LEU A 312 -17.48 44.57 12.95
N SER A 313 -17.21 45.17 14.12
CA SER A 313 -15.93 45.91 14.32
C SER A 313 -15.41 45.97 15.80
N GLU A 314 -14.14 46.36 15.95
CA GLU A 314 -13.64 46.70 17.27
C GLU A 314 -13.37 48.26 17.43
N GLN A 315 -14.18 48.92 18.27
CA GLN A 315 -13.91 50.33 18.60
C GLN A 315 -13.95 50.66 20.12
N THR A 316 -13.42 51.82 20.46
CA THR A 316 -13.55 52.35 21.79
C THR A 316 -14.83 53.14 21.78
N ASP A 317 -15.76 52.74 22.62
CA ASP A 317 -16.97 53.53 22.88
C ASP A 317 -16.77 54.90 23.57
N LYS A 318 -17.88 55.51 23.97
CA LYS A 318 -17.84 56.88 24.43
C LYS A 318 -17.31 56.98 25.88
N THR A 319 -17.35 55.88 26.63
CA THR A 319 -16.85 55.88 28.02
C THR A 319 -15.37 55.43 28.09
N GLY A 320 -14.69 55.27 26.96
CA GLY A 320 -13.38 54.59 26.99
C GLY A 320 -13.31 53.03 26.94
N LYS A 321 -14.41 52.27 26.99
CA LYS A 321 -14.33 50.79 27.01
C LYS A 321 -14.07 50.26 25.60
N LYS A 322 -12.89 49.65 25.37
CA LYS A 322 -12.58 49.02 24.08
C LYS A 322 -13.61 47.87 23.85
N ARG A 323 -14.44 47.92 22.80
CA ARG A 323 -15.55 46.91 22.65
C ARG A 323 -15.46 46.04 21.39
N LYS A 324 -15.97 44.83 21.46
CA LYS A 324 -16.24 44.02 20.24
C LYS A 324 -17.75 44.22 19.87
N LEU A 325 -18.00 44.66 18.62
CA LEU A 325 -19.28 45.33 18.24
C LEU A 325 -19.89 44.78 16.97
N LEU A 326 -21.23 44.84 16.86
CA LEU A 326 -21.97 44.72 15.59
C LEU A 326 -22.78 45.99 15.25
N THR A 327 -22.84 46.28 13.95
CA THR A 327 -23.48 47.49 13.45
C THR A 327 -24.44 47.12 12.29
N HIS A 328 -25.62 47.74 12.27
CA HIS A 328 -26.74 47.06 11.68
C HIS A 328 -27.76 48.08 11.32
N PRO A 329 -27.68 48.57 10.08
CA PRO A 329 -28.66 49.58 9.56
C PRO A 329 -29.99 48.96 9.17
N ASP A 330 -31.11 49.32 9.82
CA ASP A 330 -32.36 48.57 9.71
C ASP A 330 -33.41 49.13 8.77
N ARG A 331 -34.30 48.27 8.26
CA ARG A 331 -35.41 48.81 7.49
C ARG A 331 -36.11 49.94 8.23
N ASN A 332 -36.26 49.84 9.56
CA ASN A 332 -37.12 50.75 10.38
C ASN A 332 -36.58 52.16 10.48
N GLY A 333 -35.47 52.41 9.82
CA GLY A 333 -34.89 53.72 9.86
C GLY A 333 -33.79 53.92 10.90
N ILE A 334 -33.54 52.90 11.73
CA ILE A 334 -32.60 53.04 12.84
C ILE A 334 -31.37 52.22 12.49
N VAL A 335 -30.15 52.83 12.49
CA VAL A 335 -28.90 52.02 12.45
C VAL A 335 -28.46 51.67 13.87
N TYR A 336 -28.49 50.39 14.24
CA TYR A 336 -28.05 49.91 15.57
C TYR A 336 -26.56 49.43 15.74
N THR A 337 -25.96 49.75 16.91
CA THR A 337 -24.74 49.12 17.36
C THR A 337 -24.92 48.47 18.74
N LEU A 338 -24.49 47.23 18.82
CA LEU A 338 -24.50 46.39 20.02
C LEU A 338 -23.10 45.86 20.12
N ASP A 339 -22.70 45.68 21.39
CA ASP A 339 -21.59 44.87 21.78
C ASP A 339 -22.05 43.48 21.33
N ARG A 340 -21.22 42.85 20.47
CA ARG A 340 -21.51 41.51 19.94
C ARG A 340 -21.29 40.29 20.89
N GLU A 341 -20.96 40.57 22.15
CA GLU A 341 -20.71 39.47 23.10
C GLU A 341 -21.87 39.36 24.02
N ASN A 342 -22.44 40.49 24.45
CA ASN A 342 -23.54 40.44 25.45
C ASN A 342 -24.87 41.01 25.06
N GLY A 343 -24.87 41.73 23.94
CA GLY A 343 -26.03 42.45 23.49
C GLY A 343 -26.11 43.94 23.86
N ASP A 344 -25.16 44.45 24.67
CA ASP A 344 -25.33 45.80 25.22
C ASP A 344 -25.60 46.74 24.08
N LEU A 345 -26.75 47.36 24.15
CA LEU A 345 -27.09 48.38 23.16
C LEU A 345 -26.16 49.65 23.29
N ILE A 346 -25.30 49.96 22.30
CA ILE A 346 -24.48 51.20 22.31
C ILE A 346 -24.98 52.46 21.54
N SER A 347 -25.44 52.33 20.30
CA SER A 347 -25.91 53.49 19.59
C SER A 347 -27.13 52.97 18.91
N ALA A 348 -28.09 53.90 18.65
CA ALA A 348 -29.31 53.70 17.83
C ALA A 348 -29.66 55.04 17.16
N ASP A 349 -29.12 55.26 15.98
CA ASP A 349 -29.18 56.57 15.30
C ASP A 349 -30.17 56.51 14.11
N LYS A 350 -30.99 57.56 13.93
CA LYS A 350 -31.87 57.65 12.79
C LYS A 350 -31.00 57.57 11.53
N LEU A 351 -31.49 56.93 10.46
CA LEU A 351 -30.65 56.92 9.23
C LEU A 351 -30.72 58.23 8.47
N ASP A 352 -31.78 59.00 8.78
CA ASP A 352 -32.07 60.31 8.23
C ASP A 352 -33.11 60.86 9.18
N ASP A 353 -33.02 62.18 9.38
CA ASP A 353 -33.90 62.90 10.32
C ASP A 353 -35.40 62.85 9.93
N THR A 354 -35.67 62.64 8.66
CA THR A 354 -37.02 62.43 8.25
C THR A 354 -37.70 61.21 8.87
N VAL A 355 -36.95 60.30 9.55
CA VAL A 355 -37.62 59.08 10.05
C VAL A 355 -38.69 59.58 11.01
N ASN A 356 -39.96 59.08 10.95
CA ASN A 356 -40.99 59.59 11.91
C ASN A 356 -41.85 58.54 12.64
N VAL A 357 -41.58 57.26 12.42
CA VAL A 357 -42.42 56.26 13.05
C VAL A 357 -42.10 56.21 14.55
N PHE A 358 -40.84 56.57 14.83
CA PHE A 358 -40.34 56.72 16.20
C PHE A 358 -39.88 58.11 16.48
N LYS A 359 -40.09 58.60 17.72
CA LYS A 359 -39.50 59.89 18.11
C LYS A 359 -37.99 59.74 18.37
N THR A 360 -37.54 58.56 18.81
CA THR A 360 -36.18 58.28 19.25
C THR A 360 -36.11 56.78 19.70
N VAL A 361 -34.91 56.30 19.99
CA VAL A 361 -34.82 54.93 20.58
C VAL A 361 -34.15 55.07 21.93
N ASP A 362 -34.92 54.85 23.00
CA ASP A 362 -34.33 55.14 24.32
C ASP A 362 -33.17 54.15 24.55
N LEU A 363 -31.94 54.59 24.71
CA LEU A 363 -30.89 53.58 24.92
C LEU A 363 -31.00 52.75 26.21
N LYS A 364 -31.59 53.24 27.29
CA LYS A 364 -31.52 52.54 28.57
C LYS A 364 -32.50 51.47 28.50
N THR A 365 -33.66 51.80 27.99
CA THR A 365 -34.70 50.79 28.02
C THR A 365 -34.61 50.00 26.73
N GLY A 366 -33.87 50.53 25.76
CA GLY A 366 -33.84 49.91 24.46
C GLY A 366 -35.16 49.90 23.69
N LEU A 367 -36.20 50.56 24.21
CA LEU A 367 -37.46 50.66 23.47
C LEU A 367 -37.39 51.78 22.37
N PRO A 368 -38.01 51.53 21.18
CA PRO A 368 -38.25 52.65 20.24
C PRO A 368 -39.45 53.44 20.74
N VAL A 369 -39.34 54.77 20.87
CA VAL A 369 -40.56 55.57 21.21
C VAL A 369 -41.46 55.82 19.98
N ARG A 370 -42.66 55.27 20.00
CA ARG A 370 -43.54 55.31 18.87
C ARG A 370 -44.25 56.65 18.73
N ASP A 371 -44.23 57.25 17.53
CA ASP A 371 -45.19 58.33 17.19
C ASP A 371 -46.47 57.76 16.62
N PRO A 372 -47.53 57.71 17.47
CA PRO A 372 -48.78 57.03 17.16
C PRO A 372 -49.42 57.56 15.92
N GLU A 373 -49.01 58.73 15.46
CA GLU A 373 -49.62 59.35 14.23
C GLU A 373 -49.15 58.65 12.90
N TYR A 374 -47.99 58.02 13.00
CA TYR A 374 -47.41 57.31 11.87
C TYR A 374 -47.47 55.77 12.05
N GLY A 375 -48.37 55.29 12.88
CA GLY A 375 -48.51 53.84 12.99
C GLY A 375 -49.54 53.37 11.99
N THR A 376 -49.82 52.07 11.95
CA THR A 376 -50.90 51.55 11.08
C THR A 376 -51.90 50.80 11.89
N ARG A 377 -53.15 50.71 11.39
CA ARG A 377 -54.21 49.92 12.03
C ARG A 377 -55.35 49.82 11.08
N MET A 378 -56.27 48.91 11.39
CA MET A 378 -57.44 48.70 10.55
C MET A 378 -58.33 49.96 10.48
N ASP A 379 -59.05 50.11 9.34
CA ASP A 379 -59.92 51.25 9.07
C ASP A 379 -59.19 52.57 9.17
N HIS A 380 -57.94 52.62 8.80
CA HIS A 380 -57.22 53.89 8.89
C HIS A 380 -56.24 53.79 7.82
N LYS A 381 -55.96 54.93 7.25
CA LYS A 381 -54.97 55.04 6.27
C LYS A 381 -53.96 55.96 6.85
N GLY A 382 -52.75 55.44 7.09
CA GLY A 382 -51.62 56.24 7.61
C GLY A 382 -50.96 56.99 6.47
N THR A 383 -50.61 58.26 6.71
CA THR A 383 -50.04 59.00 5.64
C THR A 383 -48.65 59.54 5.99
N ASP A 384 -47.83 59.68 4.96
CA ASP A 384 -46.46 60.29 5.13
C ASP A 384 -45.56 59.67 6.20
N ILE A 385 -45.69 58.35 6.34
CA ILE A 385 -44.94 57.48 7.21
C ILE A 385 -43.54 57.25 6.66
N CYS A 386 -42.53 57.60 7.44
CA CYS A 386 -41.16 57.36 7.04
C CYS A 386 -40.47 56.60 8.14
N PRO A 387 -39.75 55.52 7.73
CA PRO A 387 -39.63 54.95 6.37
C PRO A 387 -40.84 54.21 5.86
N SER A 388 -40.79 53.92 4.58
CA SER A 388 -41.83 53.07 4.08
C SER A 388 -41.45 51.60 4.43
N ALA A 389 -42.32 50.70 4.02
CA ALA A 389 -42.04 49.29 4.08
C ALA A 389 -40.76 48.84 3.38
N MET A 390 -40.41 49.43 2.26
CA MET A 390 -39.08 49.15 1.63
C MET A 390 -37.94 49.62 2.47
N GLY A 391 -38.24 50.36 3.54
CA GLY A 391 -37.24 50.64 4.56
C GLY A 391 -36.40 51.81 4.13
N TYR A 392 -35.75 52.50 5.05
CA TYR A 392 -34.68 53.42 4.64
C TYR A 392 -33.39 52.63 4.36
N HIS A 393 -33.46 51.33 4.55
CA HIS A 393 -32.37 50.48 4.11
C HIS A 393 -32.98 49.14 3.82
N ASN A 394 -32.52 48.48 2.75
CA ASN A 394 -32.94 47.16 2.42
C ASN A 394 -31.75 46.17 2.43
N GLN A 395 -31.80 45.17 1.54
CA GLN A 395 -30.86 44.05 1.57
C GLN A 395 -29.45 44.33 1.04
N GLY A 396 -29.10 45.59 0.76
CA GLY A 396 -27.79 45.90 0.17
C GLY A 396 -26.71 45.67 1.21
N HIS A 397 -25.64 45.04 0.83
CA HIS A 397 -24.62 44.70 1.77
C HIS A 397 -23.61 45.81 1.68
N ASP A 398 -23.60 46.63 2.72
CA ASP A 398 -22.69 47.73 2.91
C ASP A 398 -21.26 47.34 3.31
N SER A 399 -20.37 48.33 3.41
CA SER A 399 -19.01 48.15 3.80
C SER A 399 -18.68 49.03 5.01
N TYR A 400 -17.63 48.59 5.73
CA TYR A 400 -17.03 49.31 6.84
C TYR A 400 -15.54 49.32 6.65
N ASP A 401 -14.94 50.51 6.72
CA ASP A 401 -13.47 50.65 6.71
C ASP A 401 -12.90 50.79 8.15
N PRO A 402 -12.13 49.78 8.59
CA PRO A 402 -11.66 49.69 9.93
C PRO A 402 -10.53 50.70 10.18
N GLN A 403 -9.73 51.06 9.16
CA GLN A 403 -8.77 52.19 9.28
C GLN A 403 -9.55 53.45 9.70
N LYS A 404 -10.57 53.88 8.92
CA LYS A 404 -11.23 55.19 9.17
C LYS A 404 -12.30 55.04 10.23
N GLN A 405 -12.56 53.78 10.57
CA GLN A 405 -13.71 53.47 11.36
C GLN A 405 -15.01 54.12 10.81
N LEU A 406 -15.23 54.06 9.53
CA LEU A 406 -16.44 54.64 8.91
C LEU A 406 -17.33 53.56 8.21
N PHE A 407 -18.65 53.58 8.33
CA PHE A 407 -19.52 52.68 7.57
C PHE A 407 -20.08 53.38 6.37
N PHE A 408 -20.03 52.72 5.22
CA PHE A 408 -20.54 53.35 3.99
C PHE A 408 -21.93 52.78 3.59
N MET A 409 -23.01 53.56 3.82
CA MET A 409 -24.39 53.03 3.65
C MET A 409 -25.22 53.50 2.46
N GLY A 410 -25.74 52.52 1.73
CA GLY A 410 -26.57 52.87 0.58
C GLY A 410 -27.96 52.87 1.17
N ILE A 411 -28.61 54.03 1.10
CA ILE A 411 -29.83 54.24 1.80
C ILE A 411 -31.06 54.39 0.87
N ASN A 412 -32.27 54.13 1.37
CA ASN A 412 -33.49 54.46 0.59
C ASN A 412 -34.21 55.63 1.22
N HIS A 413 -34.95 56.40 0.40
CA HIS A 413 -35.62 57.63 0.86
C HIS A 413 -36.97 57.57 0.27
N ILE A 414 -37.77 56.71 0.88
CA ILE A 414 -39.08 56.31 0.36
C ILE A 414 -40.00 56.35 1.53
N CYS A 415 -40.98 57.26 1.48
CA CYS A 415 -42.09 57.25 2.49
C CYS A 415 -43.38 56.54 2.02
N MET A 416 -44.43 56.47 2.83
CA MET A 416 -45.59 55.75 2.37
C MET A 416 -46.88 56.14 3.08
N ASP A 417 -48.00 55.81 2.43
CA ASP A 417 -49.32 55.74 2.95
C ASP A 417 -49.65 54.21 2.98
N TRP A 418 -50.60 53.80 3.86
CA TRP A 418 -50.75 52.39 4.27
C TRP A 418 -52.10 52.11 4.93
N GLU A 419 -52.87 51.19 4.36
CA GLU A 419 -54.17 50.78 4.87
C GLU A 419 -54.27 49.22 4.86
N PRO A 420 -54.48 48.59 6.05
CA PRO A 420 -54.59 47.13 6.06
C PRO A 420 -55.96 46.60 5.72
N PHE A 421 -56.07 45.32 5.48
CA PHE A 421 -57.37 44.75 5.28
C PHE A 421 -57.31 43.32 5.77
N MET A 422 -58.47 42.82 6.22
CA MET A 422 -58.68 41.47 6.77
C MET A 422 -58.62 40.46 5.61
N LEU A 423 -57.96 39.32 5.83
CA LEU A 423 -57.79 38.31 4.79
C LEU A 423 -57.63 37.01 5.53
N PRO A 424 -58.08 35.89 4.95
CA PRO A 424 -57.79 34.63 5.70
C PRO A 424 -56.39 34.14 5.41
N TYR A 425 -55.84 33.25 6.27
CA TYR A 425 -54.63 32.44 5.92
C TYR A 425 -54.98 31.18 5.21
N ARG A 426 -54.34 30.94 4.08
CA ARG A 426 -54.44 29.70 3.33
C ARG A 426 -53.04 29.32 2.95
N ALA A 427 -52.50 28.26 3.50
CA ALA A 427 -51.17 27.84 3.16
C ALA A 427 -50.91 27.79 1.63
N GLY A 428 -49.85 28.51 1.23
CA GLY A 428 -49.39 28.50 -0.15
C GLY A 428 -49.91 29.67 -0.98
N GLN A 429 -50.82 30.46 -0.38
CA GLN A 429 -51.16 31.84 -0.84
C GLN A 429 -50.48 32.92 -0.07
N PHE A 430 -50.54 34.12 -0.64
CA PHE A 430 -50.04 35.33 -0.06
C PHE A 430 -50.88 35.64 1.17
N PHE A 431 -50.27 36.34 2.10
CA PHE A 431 -50.90 36.57 3.39
C PHE A 431 -50.37 37.92 3.85
N VAL A 432 -50.62 38.93 3.00
CA VAL A 432 -50.18 40.31 3.19
C VAL A 432 -51.23 41.17 3.90
N GLY A 433 -52.32 41.53 3.29
CA GLY A 433 -53.27 42.29 4.06
C GLY A 433 -52.99 43.75 4.18
N ALA A 434 -52.24 44.36 3.25
CA ALA A 434 -52.23 45.81 3.17
C ALA A 434 -52.03 46.36 1.78
N THR A 435 -52.35 47.65 1.62
CA THR A 435 -52.29 48.32 0.35
C THR A 435 -51.45 49.49 0.64
N LEU A 436 -50.33 49.61 -0.05
CA LEU A 436 -49.37 50.71 0.22
C LEU A 436 -49.31 51.68 -0.98
N TRP A 437 -49.03 52.95 -0.68
CA TRP A 437 -48.61 53.91 -1.72
C TRP A 437 -47.25 54.47 -1.28
N MET A 438 -46.24 54.43 -2.13
CA MET A 438 -44.90 54.83 -1.75
C MET A 438 -44.44 55.87 -2.71
N TYR A 439 -43.49 56.72 -2.28
CA TYR A 439 -43.04 57.86 -3.04
C TYR A 439 -41.76 58.27 -2.39
N PRO A 440 -41.02 59.23 -2.99
CA PRO A 440 -39.77 59.68 -2.44
C PRO A 440 -40.05 60.34 -1.12
N GLY A 441 -39.16 60.27 -0.14
CA GLY A 441 -39.38 61.05 1.06
C GLY A 441 -39.16 62.59 0.95
N PRO A 442 -39.31 63.29 2.09
CA PRO A 442 -39.12 64.73 2.03
C PRO A 442 -37.96 65.32 1.31
N LYS A 443 -36.78 64.70 1.26
CA LYS A 443 -35.65 65.40 0.65
C LYS A 443 -35.42 65.11 -0.83
N GLY A 444 -36.37 64.39 -1.43
CA GLY A 444 -36.29 63.94 -2.80
C GLY A 444 -37.34 64.73 -3.55
N ASP A 445 -37.66 64.32 -4.77
CA ASP A 445 -38.65 65.00 -5.64
C ASP A 445 -39.97 64.29 -5.55
N ARG A 446 -40.76 64.64 -4.58
CA ARG A 446 -42.05 63.99 -4.50
C ARG A 446 -43.01 64.16 -5.68
N GLN A 447 -42.99 65.27 -6.39
CA GLN A 447 -43.93 65.38 -7.55
C GLN A 447 -43.54 64.56 -8.76
N ASN A 448 -42.26 64.43 -8.99
CA ASN A 448 -41.79 63.84 -10.19
C ASN A 448 -41.20 62.48 -9.93
N TYR A 449 -41.24 62.04 -8.67
CA TYR A 449 -40.90 60.64 -8.38
C TYR A 449 -39.44 60.35 -8.80
N LEU A 450 -38.51 61.19 -8.33
CA LEU A 450 -37.09 60.91 -8.34
C LEU A 450 -36.57 61.25 -6.94
N GLY A 451 -35.34 60.81 -6.63
CA GLY A 451 -34.72 61.20 -5.41
C GLY A 451 -35.03 60.22 -4.32
N LEU A 452 -34.84 58.89 -4.56
CA LEU A 452 -35.24 57.81 -3.60
C LEU A 452 -34.04 57.13 -2.84
N GLY A 453 -32.81 57.58 -3.09
CA GLY A 453 -31.63 57.07 -2.42
C GLY A 453 -30.73 58.11 -1.73
N GLN A 454 -29.87 57.64 -0.84
CA GLN A 454 -28.78 58.44 -0.33
C GLN A 454 -27.59 57.53 -0.14
N ILE A 455 -26.42 58.12 -0.10
CA ILE A 455 -25.28 57.38 0.28
C ILE A 455 -24.62 58.24 1.36
N LYS A 456 -24.19 57.60 2.44
CA LYS A 456 -23.72 58.27 3.65
C LYS A 456 -22.63 57.45 4.30
N ALA A 457 -21.69 58.16 4.96
CA ALA A 457 -20.58 57.59 5.74
C ALA A 457 -20.78 58.00 7.17
N TYR A 458 -20.60 57.06 8.07
CA TYR A 458 -21.21 57.10 9.39
C TYR A 458 -20.20 56.52 10.42
N ASN A 459 -20.12 57.09 11.62
CA ASN A 459 -19.28 56.49 12.65
C ASN A 459 -20.17 55.97 13.73
N ALA A 460 -20.04 54.71 14.12
CA ALA A 460 -21.08 54.11 15.01
C ALA A 460 -21.04 54.65 16.43
N ILE A 461 -19.91 55.22 16.80
CA ILE A 461 -19.69 55.62 18.18
C ILE A 461 -20.01 57.12 18.39
N THR A 462 -19.52 57.97 17.51
CA THR A 462 -19.72 59.39 17.77
C THR A 462 -21.07 59.79 17.26
N ASN A 463 -21.63 58.96 16.39
CA ASN A 463 -22.98 59.06 15.83
C ASN A 463 -23.04 60.05 14.73
N GLU A 464 -21.93 60.28 14.05
CA GLU A 464 -21.93 61.35 13.06
C GLU A 464 -21.85 60.87 11.66
N TYR A 465 -22.40 61.66 10.76
CA TYR A 465 -22.33 61.33 9.36
C TYR A 465 -21.26 62.19 8.87
N LYS A 466 -20.18 61.63 8.33
CA LYS A 466 -19.11 62.46 7.86
C LYS A 466 -19.56 63.15 6.51
N TRP A 467 -20.33 62.47 5.66
CA TRP A 467 -20.83 63.07 4.43
C TRP A 467 -22.13 62.36 3.91
N GLN A 468 -22.92 63.02 3.09
CA GLN A 468 -24.20 62.49 2.59
C GLN A 468 -24.51 63.11 1.20
N HIS A 469 -24.96 62.26 0.26
CA HIS A 469 -25.33 62.71 -1.03
C HIS A 469 -26.63 62.01 -1.30
N MET A 470 -27.50 62.72 -1.98
CA MET A 470 -28.78 62.16 -2.44
C MET A 470 -28.43 61.43 -3.75
N GLU A 471 -29.28 60.48 -4.18
CA GLU A 471 -29.01 59.65 -5.34
C GLU A 471 -30.35 59.57 -6.02
N ARG A 472 -30.38 59.44 -7.35
CA ARG A 472 -31.63 59.49 -8.03
C ARG A 472 -32.55 58.34 -7.66
N PHE A 473 -31.98 57.15 -7.58
CA PHE A 473 -32.73 55.99 -7.07
C PHE A 473 -32.20 55.43 -5.75
N SER A 474 -32.95 54.66 -5.03
CA SER A 474 -32.44 54.03 -3.85
C SER A 474 -31.13 53.32 -4.10
N VAL A 475 -30.17 53.45 -3.19
CA VAL A 475 -28.95 52.73 -3.39
C VAL A 475 -29.18 51.39 -2.76
N TRP A 476 -29.50 50.40 -3.59
CA TRP A 476 -30.08 49.15 -3.12
C TRP A 476 -29.08 48.00 -3.03
N GLY A 477 -27.93 48.11 -3.73
CA GLY A 477 -27.04 47.00 -3.83
C GLY A 477 -25.90 46.87 -2.87
N GLY A 478 -25.81 47.73 -1.84
CA GLY A 478 -24.66 47.71 -0.95
C GLY A 478 -23.46 48.43 -1.54
N THR A 479 -22.31 48.34 -0.92
CA THR A 479 -21.14 49.16 -1.31
C THR A 479 -19.91 48.38 -0.95
N LEU A 480 -18.76 48.88 -1.39
CA LEU A 480 -17.48 48.18 -1.25
C LEU A 480 -16.46 49.25 -0.86
N ALA A 481 -15.77 49.14 0.29
CA ALA A 481 -14.71 50.17 0.66
C ALA A 481 -13.31 49.62 0.46
N THR A 482 -12.40 50.46 -0.02
CA THR A 482 -11.03 49.99 -0.11
C THR A 482 -10.03 50.98 0.49
N ALA A 483 -8.82 50.46 0.73
CA ALA A 483 -7.69 51.21 1.16
C ALA A 483 -7.16 52.20 0.12
N GLY A 484 -7.61 52.17 -1.11
CA GLY A 484 -7.25 53.26 -2.03
C GLY A 484 -8.02 54.57 -1.84
N ASN A 485 -8.80 54.65 -0.73
CA ASN A 485 -9.62 55.81 -0.31
C ASN A 485 -10.87 56.04 -1.14
N LEU A 486 -11.37 54.94 -1.68
CA LEU A 486 -12.46 54.90 -2.60
C LEU A 486 -13.54 54.01 -2.00
N VAL A 487 -14.81 54.37 -2.17
CA VAL A 487 -15.94 53.48 -1.96
C VAL A 487 -16.68 53.43 -3.29
N PHE A 488 -17.23 52.22 -3.53
CA PHE A 488 -17.83 51.86 -4.80
C PHE A 488 -19.20 51.31 -4.56
N TYR A 489 -20.18 51.68 -5.37
CA TYR A 489 -21.52 51.08 -5.24
C TYR A 489 -22.24 51.20 -6.62
N GLY A 490 -23.17 50.30 -6.90
CA GLY A 490 -23.92 50.34 -8.16
C GLY A 490 -25.23 51.07 -7.90
N THR A 491 -25.82 51.64 -8.95
CA THR A 491 -27.09 52.32 -8.78
C THR A 491 -28.21 51.60 -9.58
N LEU A 492 -29.45 51.81 -9.22
CA LEU A 492 -30.52 51.18 -9.88
C LEU A 492 -30.70 51.73 -11.30
N ASP A 493 -30.07 52.90 -11.56
CA ASP A 493 -30.03 53.43 -12.92
C ASP A 493 -28.80 53.03 -13.73
N GLY A 494 -27.98 52.14 -13.21
CA GLY A 494 -27.03 51.42 -14.05
C GLY A 494 -25.59 51.90 -14.14
N PHE A 495 -25.17 52.62 -13.11
CA PHE A 495 -23.83 53.13 -12.99
C PHE A 495 -23.11 52.30 -11.97
N LEU A 496 -21.82 52.05 -12.15
CA LEU A 496 -20.95 51.71 -11.00
C LEU A 496 -20.29 53.05 -10.65
N LYS A 497 -20.43 53.56 -9.42
CA LYS A 497 -19.84 54.89 -9.06
C LYS A 497 -18.78 54.72 -8.02
N ALA A 498 -17.84 55.63 -7.97
CA ALA A 498 -16.79 55.59 -7.00
C ALA A 498 -16.78 56.97 -6.43
N ARG A 499 -16.93 57.07 -5.12
CA ARG A 499 -16.68 58.29 -4.43
C ARG A 499 -15.44 58.19 -3.56
N ASN A 500 -14.85 59.34 -3.32
CA ASN A 500 -13.72 59.47 -2.38
C ASN A 500 -14.26 59.19 -1.02
N SER A 501 -13.70 58.20 -0.33
CA SER A 501 -14.37 57.73 0.84
C SER A 501 -14.16 58.65 2.09
N ASP A 502 -13.10 59.46 2.06
CA ASP A 502 -12.89 60.52 3.09
C ASP A 502 -13.92 61.62 2.96
N THR A 503 -14.26 61.99 1.73
CA THR A 503 -15.07 63.20 1.53
C THR A 503 -16.48 63.00 0.88
N GLY A 504 -16.74 61.79 0.37
CA GLY A 504 -17.90 61.59 -0.42
C GLY A 504 -17.83 62.24 -1.78
N GLU A 505 -16.73 62.86 -2.18
CA GLU A 505 -16.77 63.37 -3.49
C GLU A 505 -16.99 62.29 -4.56
N LEU A 506 -17.87 62.55 -5.53
CA LEU A 506 -18.02 61.66 -6.70
C LEU A 506 -16.81 61.87 -7.59
N VAL A 507 -16.04 60.84 -7.86
CA VAL A 507 -14.85 60.99 -8.67
C VAL A 507 -14.89 60.10 -9.93
N TRP A 508 -15.75 59.08 -9.97
CA TRP A 508 -15.78 58.20 -11.23
C TRP A 508 -17.11 57.46 -11.38
N LYS A 509 -17.58 57.24 -12.61
CA LYS A 509 -18.68 56.37 -12.80
C LYS A 509 -18.79 55.83 -14.20
N HIS A 510 -19.48 54.69 -14.35
CA HIS A 510 -19.51 54.08 -15.68
C HIS A 510 -20.88 53.40 -15.96
N LYS A 511 -21.34 53.55 -17.18
CA LYS A 511 -22.64 53.13 -17.50
C LYS A 511 -22.52 51.64 -17.72
N LEU A 512 -23.06 50.85 -16.81
CA LEU A 512 -23.22 49.39 -17.02
C LEU A 512 -24.46 49.18 -17.87
N PRO A 513 -24.68 47.92 -18.30
CA PRO A 513 -25.89 47.53 -19.02
C PRO A 513 -27.19 47.81 -18.27
N SER A 514 -27.29 47.45 -16.99
CA SER A 514 -28.58 47.47 -16.34
C SER A 514 -28.30 47.94 -14.91
N GLY A 515 -29.37 48.30 -14.16
CA GLY A 515 -29.30 48.77 -12.75
C GLY A 515 -28.67 47.69 -11.91
N VAL A 516 -28.20 48.06 -10.73
CA VAL A 516 -27.41 47.14 -9.88
C VAL A 516 -28.08 46.94 -8.55
N ILE A 517 -28.14 45.70 -8.10
CA ILE A 517 -28.72 45.41 -6.81
C ILE A 517 -27.92 44.41 -6.03
N GLY A 518 -26.73 44.09 -6.57
CA GLY A 518 -25.65 43.32 -5.94
C GLY A 518 -24.51 44.22 -5.44
N TYR A 519 -23.61 43.75 -4.58
CA TYR A 519 -22.53 44.66 -4.15
C TYR A 519 -21.23 44.38 -4.96
N PRO A 520 -20.43 45.42 -5.19
CA PRO A 520 -19.15 45.25 -5.97
C PRO A 520 -18.18 44.54 -5.04
N MET A 521 -17.18 43.88 -5.60
CA MET A 521 -16.23 43.11 -4.83
C MET A 521 -14.90 43.18 -5.58
N THR A 522 -13.84 42.75 -4.94
CA THR A 522 -12.53 43.04 -5.47
C THR A 522 -11.59 41.94 -5.08
N TYR A 523 -10.61 41.79 -5.95
CA TYR A 523 -9.67 40.73 -5.82
C TYR A 523 -8.49 41.04 -6.72
N GLU A 524 -7.35 40.39 -6.45
CA GLU A 524 -6.15 40.62 -7.26
C GLU A 524 -5.74 39.35 -7.91
N HIS A 525 -5.66 39.34 -9.23
CA HIS A 525 -5.26 38.10 -9.96
C HIS A 525 -4.10 38.48 -10.86
N LYS A 526 -2.96 37.78 -10.70
CA LYS A 526 -1.65 38.16 -11.31
C LYS A 526 -1.26 39.60 -11.14
N GLY A 527 -1.25 40.06 -9.90
CA GLY A 527 -0.83 41.44 -9.58
C GLY A 527 -1.76 42.51 -10.16
N VAL A 528 -2.87 42.14 -10.81
CA VAL A 528 -3.89 43.13 -11.25
C VAL A 528 -5.15 43.21 -10.32
N GLN A 529 -5.42 44.38 -9.68
CA GLN A 529 -6.69 44.49 -8.90
C GLN A 529 -7.85 44.75 -9.89
N TYR A 530 -8.93 43.97 -9.75
CA TYR A 530 -10.17 44.01 -10.55
C TYR A 530 -11.28 44.31 -9.56
N ILE A 531 -12.29 45.00 -10.09
CA ILE A 531 -13.47 45.36 -9.34
C ILE A 531 -14.55 44.82 -10.29
N ALA A 532 -15.40 44.00 -9.67
CA ALA A 532 -16.46 43.28 -10.34
C ALA A 532 -17.79 43.54 -9.61
N VAL A 533 -18.86 43.70 -10.40
CA VAL A 533 -20.17 43.78 -9.80
C VAL A 533 -21.19 43.19 -10.77
N MET A 534 -22.25 42.64 -10.18
CA MET A 534 -23.37 42.09 -10.97
C MET A 534 -24.26 43.19 -11.49
N SER A 535 -24.62 43.14 -12.76
CA SER A 535 -25.60 44.08 -13.34
C SER A 535 -26.92 43.33 -13.60
N GLY A 536 -28.08 43.91 -13.29
CA GLY A 536 -29.33 43.27 -13.77
C GLY A 536 -30.44 43.68 -12.81
N VAL A 537 -31.18 44.72 -13.18
CA VAL A 537 -32.05 45.35 -12.21
C VAL A 537 -33.22 44.39 -11.88
N GLY A 538 -33.93 44.66 -10.77
CA GLY A 538 -35.00 43.71 -10.33
C GLY A 538 -35.10 43.77 -8.82
N GLY A 539 -35.30 42.65 -8.15
CA GLY A 539 -35.60 42.76 -6.73
C GLY A 539 -36.88 43.58 -6.54
N TRP A 540 -37.16 43.96 -5.32
CA TRP A 540 -38.35 44.67 -5.05
C TRP A 540 -38.58 45.94 -5.89
N PRO A 541 -37.57 46.87 -5.96
CA PRO A 541 -37.70 48.10 -6.75
C PRO A 541 -37.95 47.86 -8.27
N GLY A 542 -37.51 46.72 -8.77
CA GLY A 542 -37.69 46.43 -10.17
C GLY A 542 -39.01 45.76 -10.47
N VAL A 543 -39.91 45.55 -9.51
CA VAL A 543 -40.99 44.66 -9.87
C VAL A 543 -41.92 45.24 -10.97
N GLY A 544 -42.05 46.57 -11.09
CA GLY A 544 -42.99 47.15 -12.01
C GLY A 544 -42.35 46.96 -13.38
N LEU A 545 -41.06 47.24 -13.44
CA LEU A 545 -40.28 47.13 -14.63
C LEU A 545 -40.33 45.69 -15.10
N VAL A 546 -39.94 44.78 -14.22
CA VAL A 546 -39.70 43.43 -14.58
C VAL A 546 -40.99 42.70 -14.99
N PHE A 547 -42.11 42.91 -14.29
CA PHE A 547 -43.38 42.23 -14.63
C PHE A 547 -44.38 43.09 -15.44
N ASP A 548 -43.96 44.28 -15.91
CA ASP A 548 -44.86 45.19 -16.64
C ASP A 548 -46.16 45.60 -15.92
N LEU A 549 -46.01 46.09 -14.70
CA LEU A 549 -47.15 46.47 -13.92
C LEU A 549 -47.28 47.94 -14.08
N GLN A 550 -48.48 48.49 -13.98
CA GLN A 550 -48.60 49.96 -13.89
C GLN A 550 -49.39 50.47 -12.72
N ASP A 551 -50.15 49.59 -12.08
CA ASP A 551 -50.98 49.94 -10.92
C ASP A 551 -50.04 50.37 -9.81
N PRO A 552 -50.14 51.63 -9.42
CA PRO A 552 -49.18 52.14 -8.48
C PRO A 552 -49.17 51.35 -7.18
N THR A 553 -50.22 50.61 -6.89
CA THR A 553 -50.26 49.94 -5.61
C THR A 553 -49.79 48.52 -5.77
N ALA A 554 -49.54 48.10 -7.01
CA ALA A 554 -49.02 46.75 -7.28
C ALA A 554 -47.54 46.55 -6.85
N GLY A 555 -47.11 45.29 -6.88
CA GLY A 555 -45.82 44.97 -6.33
C GLY A 555 -45.73 45.46 -4.88
N LEU A 556 -46.79 45.26 -4.10
CA LEU A 556 -46.70 45.65 -2.68
C LEU A 556 -46.38 47.18 -2.48
N GLY A 557 -46.64 47.98 -3.52
CA GLY A 557 -46.54 49.46 -3.45
C GLY A 557 -45.29 50.01 -4.14
N ALA A 558 -44.49 49.15 -4.75
CA ALA A 558 -43.23 49.56 -5.24
C ALA A 558 -43.41 50.06 -6.63
N VAL A 559 -44.46 49.57 -7.29
CA VAL A 559 -44.75 50.00 -8.65
C VAL A 559 -44.85 51.56 -8.75
N GLY A 560 -45.65 52.23 -7.90
CA GLY A 560 -45.82 53.65 -7.98
C GLY A 560 -44.52 54.41 -7.66
N ALA A 561 -43.78 53.95 -6.64
CA ALA A 561 -42.56 54.61 -6.21
C ALA A 561 -41.51 54.57 -7.32
N PHE A 562 -41.38 53.45 -8.02
CA PHE A 562 -40.36 53.35 -9.07
C PHE A 562 -40.83 53.58 -10.53
N LYS A 563 -41.95 54.31 -10.74
CA LYS A 563 -42.60 54.27 -12.10
C LYS A 563 -41.52 54.75 -13.06
N ASN A 564 -40.61 55.60 -12.56
CA ASN A 564 -39.61 56.21 -13.42
C ASN A 564 -38.31 55.43 -13.73
N LEU A 565 -37.99 54.43 -12.93
CA LEU A 565 -36.78 53.65 -13.10
C LEU A 565 -36.59 53.10 -14.53
N GLN A 566 -37.67 52.65 -15.12
CA GLN A 566 -37.65 52.14 -16.52
C GLN A 566 -37.38 53.22 -17.60
N ASN A 567 -37.15 54.48 -17.20
CA ASN A 567 -36.76 55.45 -18.16
C ASN A 567 -35.27 55.46 -18.19
N TYR A 568 -34.64 54.61 -17.36
CA TYR A 568 -33.19 54.72 -17.11
C TYR A 568 -32.49 53.40 -17.21
N THR A 569 -33.29 52.32 -17.27
CA THR A 569 -32.76 50.94 -17.33
C THR A 569 -33.86 49.97 -17.75
N GLN A 570 -33.44 48.86 -18.35
CA GLN A 570 -34.27 47.70 -18.58
C GLN A 570 -33.59 46.52 -17.87
N MET A 571 -34.26 45.37 -17.96
CA MET A 571 -33.69 44.14 -17.46
C MET A 571 -32.32 43.77 -18.12
N GLY A 572 -31.52 42.97 -17.39
CA GLY A 572 -30.20 42.52 -17.82
C GLY A 572 -29.78 41.37 -16.96
N GLY A 573 -28.55 40.90 -17.15
CA GLY A 573 -27.98 39.91 -16.25
C GLY A 573 -26.56 39.56 -16.65
N SER A 574 -25.61 40.06 -15.89
CA SER A 574 -24.22 39.95 -16.23
C SER A 574 -23.32 40.37 -15.12
N LEU A 575 -22.07 39.94 -15.26
CA LEU A 575 -21.04 40.39 -14.39
C LEU A 575 -20.15 41.34 -15.13
N GLU A 576 -19.82 42.47 -14.50
CA GLU A 576 -19.00 43.45 -15.21
C GLU A 576 -17.70 43.64 -14.45
N VAL A 577 -16.55 43.46 -15.13
CA VAL A 577 -15.25 43.56 -14.51
C VAL A 577 -14.43 44.78 -14.98
N PHE A 578 -13.83 45.45 -14.00
CA PHE A 578 -13.08 46.64 -14.20
C PHE A 578 -11.67 46.59 -13.59
N SER A 579 -10.75 47.33 -14.18
CA SER A 579 -9.40 47.42 -13.66
C SER A 579 -8.65 48.63 -14.27
N LEU A 580 -7.60 49.07 -13.58
CA LEU A 580 -6.72 50.11 -14.13
C LEU A 580 -6.36 49.85 -15.58
N ASP A 581 -6.72 50.77 -16.45
CA ASP A 581 -6.47 50.65 -17.89
C ASP A 581 -7.21 49.51 -18.65
N GLY A 582 -8.29 49.00 -18.08
CA GLY A 582 -8.89 47.81 -18.62
C GLY A 582 -7.91 46.61 -18.74
N LYS A 583 -6.85 46.52 -17.94
CA LYS A 583 -5.90 45.42 -18.09
C LYS A 583 -6.60 44.12 -17.93
N ASN A 584 -6.37 43.21 -18.81
CA ASN A 584 -7.15 41.97 -18.72
C ASN A 584 -6.50 40.87 -19.57
N PRO A 585 -6.80 39.59 -19.35
CA PRO A 585 -5.99 38.58 -20.09
C PRO A 585 -6.02 38.73 -21.60
N TYR A 586 -7.06 39.35 -22.14
CA TYR A 586 -7.15 39.48 -23.57
C TYR A 586 -6.30 40.61 -24.12
N ASP A 587 -5.63 41.28 -23.21
CA ASP A 587 -4.59 42.21 -23.63
C ASP A 587 -3.59 41.45 -24.52
N ASP A 588 -3.34 40.19 -24.14
CA ASP A 588 -2.71 39.27 -25.08
C ASP A 588 -3.77 38.76 -26.03
N VAL A 589 -3.72 39.18 -27.29
CA VAL A 589 -4.78 38.84 -28.25
C VAL A 589 -4.90 37.34 -28.51
N ASN A 590 -3.80 36.60 -28.37
CA ASN A 590 -3.88 35.14 -28.55
C ASN A 590 -4.53 34.33 -27.39
N VAL A 591 -4.68 34.94 -26.21
CA VAL A 591 -5.44 34.18 -25.17
C VAL A 591 -6.86 33.91 -25.67
N GLY A 592 -7.27 32.63 -25.73
CA GLY A 592 -8.56 32.23 -26.26
C GLY A 592 -8.70 32.25 -27.77
N GLU A 593 -7.59 32.07 -28.53
CA GLU A 593 -7.74 32.08 -29.98
C GLU A 593 -7.66 30.62 -30.42
N TYR A 594 -8.44 30.27 -31.44
CA TYR A 594 -8.32 28.95 -32.02
C TYR A 594 -6.96 28.80 -32.77
N GLU A 595 -6.64 29.82 -33.59
CA GLU A 595 -5.36 30.01 -34.28
C GLU A 595 -4.18 30.30 -33.35
N LYS A 596 -4.27 31.20 -32.40
CA LYS A 596 -3.14 31.25 -31.37
C LYS A 596 -1.79 31.60 -32.02
N GLY A 597 -1.71 31.30 -33.32
CA GLY A 597 -0.78 31.87 -34.27
C GLY A 597 -1.59 32.74 -35.20
N TYR B 1 -51.08 54.14 22.56
CA TYR B 1 -50.07 53.07 22.59
C TYR B 1 -48.72 53.62 22.17
N ASP B 2 -47.82 53.94 23.08
CA ASP B 2 -46.54 54.44 22.57
C ASP B 2 -45.37 53.47 22.67
N GLY B 3 -45.66 52.24 23.09
CA GLY B 3 -44.64 51.21 23.24
C GLY B 3 -43.72 51.18 24.45
N THR B 4 -43.96 52.11 25.40
CA THR B 4 -43.06 52.31 26.51
C THR B 4 -43.63 51.80 27.82
N HIS B 5 -44.92 51.52 27.82
CA HIS B 5 -45.61 50.99 28.99
C HIS B 5 -45.62 49.48 28.93
N CYS B 6 -44.87 48.82 29.81
CA CYS B 6 -44.70 47.34 29.72
C CYS B 6 -45.19 46.53 30.90
N LYS B 7 -46.22 45.71 30.68
CA LYS B 7 -46.71 44.82 31.77
C LYS B 7 -45.60 43.81 32.26
N ALA B 8 -44.38 43.86 31.69
CA ALA B 8 -43.27 42.82 31.82
C ALA B 8 -42.11 43.10 30.87
N PRO B 9 -40.90 42.69 31.20
CA PRO B 9 -39.76 42.97 30.29
C PRO B 9 -39.87 42.18 28.95
N GLY B 10 -39.56 42.88 27.87
CA GLY B 10 -39.89 42.44 26.50
C GLY B 10 -41.37 42.34 26.19
N ASN B 11 -42.25 43.08 26.84
CA ASN B 11 -43.69 42.87 26.59
C ASN B 11 -44.57 44.12 26.81
N CYS B 12 -44.45 45.09 25.90
CA CYS B 12 -45.04 46.38 26.08
C CYS B 12 -46.28 46.63 25.20
N TRP B 13 -46.61 45.69 24.39
CA TRP B 13 -47.78 45.91 23.55
C TRP B 13 -48.99 46.44 24.31
N GLU B 14 -49.64 47.45 23.74
CA GLU B 14 -50.97 47.90 24.23
C GLU B 14 -51.96 47.97 23.07
N PRO B 15 -53.22 47.71 23.31
CA PRO B 15 -54.08 48.02 22.13
C PRO B 15 -54.18 49.56 21.88
N LYS B 16 -54.65 49.97 20.74
CA LYS B 16 -54.76 51.42 20.51
C LYS B 16 -56.12 52.03 20.95
N PRO B 17 -56.19 53.35 21.13
CA PRO B 17 -57.49 53.90 21.47
C PRO B 17 -58.55 53.31 20.53
N GLY B 18 -59.61 52.71 21.07
CA GLY B 18 -60.72 52.17 20.29
C GLY B 18 -60.59 50.73 19.77
N PHE B 19 -59.56 50.00 20.20
CA PHE B 19 -59.30 48.64 19.69
C PHE B 19 -59.08 47.79 20.92
N PRO B 20 -59.38 46.48 20.85
CA PRO B 20 -59.32 45.65 22.10
C PRO B 20 -58.02 45.02 22.36
N GLU B 21 -57.87 44.60 23.62
CA GLU B 21 -56.73 43.85 24.10
C GLU B 21 -56.72 42.47 23.41
N LYS B 22 -57.91 41.87 23.27
CA LYS B 22 -58.05 40.61 22.56
C LYS B 22 -58.86 40.75 21.34
N ILE B 23 -58.49 40.06 20.27
CA ILE B 23 -59.22 40.25 19.03
C ILE B 23 -60.23 39.20 18.79
N ALA B 24 -59.99 38.02 19.37
CA ALA B 24 -60.93 36.86 19.35
C ALA B 24 -62.31 37.33 19.76
N GLY B 25 -63.36 37.01 19.03
CA GLY B 25 -64.66 37.49 19.48
C GLY B 25 -64.97 38.90 18.96
N SER B 26 -64.00 39.60 18.38
CA SER B 26 -64.29 40.93 17.89
C SER B 26 -64.45 40.97 16.34
N LYS B 27 -64.75 42.14 15.76
CA LYS B 27 -64.81 42.25 14.35
C LYS B 27 -63.43 42.10 13.72
N TYR B 28 -62.35 42.20 14.51
CA TYR B 28 -61.02 41.86 14.01
C TYR B 28 -60.62 40.36 14.10
N ASP B 29 -61.52 39.50 14.57
CA ASP B 29 -61.18 38.07 14.82
C ASP B 29 -60.66 37.41 13.53
N PRO B 30 -59.47 36.82 13.60
CA PRO B 30 -58.95 36.25 12.36
C PRO B 30 -59.58 34.90 11.95
N LYS B 31 -60.02 34.15 12.96
CA LYS B 31 -60.77 32.92 12.71
C LYS B 31 -59.87 31.96 11.94
N HIS B 32 -58.60 31.95 12.29
CA HIS B 32 -57.76 31.02 11.61
C HIS B 32 -58.23 29.60 11.76
N ASP B 33 -57.93 28.78 10.78
CA ASP B 33 -58.33 27.36 10.80
C ASP B 33 -57.12 26.57 11.19
N PRO B 34 -57.17 25.87 12.36
CA PRO B 34 -56.04 25.10 12.88
C PRO B 34 -55.39 24.17 11.85
N LYS B 35 -56.17 23.48 11.00
CA LYS B 35 -55.60 22.65 9.91
C LYS B 35 -54.62 23.44 9.12
N GLU B 36 -55.06 24.55 8.55
CA GLU B 36 -54.16 25.51 7.91
C GLU B 36 -52.96 25.94 8.76
N LEU B 37 -53.20 26.40 9.98
CA LEU B 37 -52.12 26.80 10.88
C LEU B 37 -51.03 25.74 10.98
N ASN B 38 -51.37 24.44 10.95
CA ASN B 38 -50.35 23.40 11.11
C ASN B 38 -49.60 22.89 9.89
N LYS B 39 -50.00 23.42 8.74
CA LYS B 39 -49.57 22.96 7.42
C LYS B 39 -48.02 22.91 7.36
N GLN B 40 -47.37 23.91 7.93
CA GLN B 40 -45.95 24.00 7.73
C GLN B 40 -45.19 23.00 8.60
N VAL B 41 -45.68 22.77 9.83
CA VAL B 41 -45.14 21.79 10.72
C VAL B 41 -45.18 20.39 10.03
N GLU B 42 -46.31 20.04 9.44
CA GLU B 42 -46.46 18.81 8.62
C GLU B 42 -45.50 18.79 7.48
N SER B 43 -45.44 19.92 6.74
CA SER B 43 -44.61 19.90 5.57
C SER B 43 -43.16 19.66 6.03
N ARG B 44 -42.73 20.27 7.11
CA ARG B 44 -41.35 20.08 7.52
C ARG B 44 -41.04 18.64 8.02
N LYS B 45 -42.04 17.92 8.51
CA LYS B 45 -41.78 16.53 8.95
C LYS B 45 -41.36 15.65 7.72
N GLY B 46 -42.04 15.85 6.61
CA GLY B 46 -41.67 15.24 5.33
C GLY B 46 -40.28 15.61 4.83
N GLU B 47 -39.86 16.85 5.01
CA GLU B 47 -38.62 17.24 4.42
C GLU B 47 -37.56 16.57 5.24
N GLU B 48 -37.67 16.70 6.58
CA GLU B 48 -36.71 16.09 7.51
C GLU B 48 -36.55 14.55 7.38
N GLU B 49 -37.67 13.82 7.36
CA GLU B 49 -37.68 12.41 7.00
C GLU B 49 -36.97 12.12 5.66
N ARG B 50 -37.30 12.82 4.58
CA ARG B 50 -36.68 12.49 3.30
C ARG B 50 -35.21 12.88 3.32
N ASN B 51 -34.90 14.01 3.96
CA ASN B 51 -33.54 14.38 4.14
C ASN B 51 -32.76 13.27 4.86
N ALA B 52 -33.29 12.82 6.01
CA ALA B 52 -32.62 11.80 6.88
C ALA B 52 -32.41 10.51 6.11
N ASN B 53 -33.43 10.21 5.34
CA ASN B 53 -33.32 9.13 4.43
C ASN B 53 -32.19 9.32 3.40
N ARG B 54 -32.01 10.53 2.85
CA ARG B 54 -30.95 10.71 1.84
C ARG B 54 -29.51 10.75 2.44
N ALA B 55 -29.28 11.43 3.56
CA ALA B 55 -27.97 11.35 4.28
C ALA B 55 -27.54 9.91 4.70
N GLU B 56 -28.44 9.18 5.35
CA GLU B 56 -28.19 7.78 5.73
C GLU B 56 -27.85 6.89 4.52
N HIS B 57 -28.59 7.00 3.42
CA HIS B 57 -28.15 6.30 2.21
C HIS B 57 -26.79 6.74 1.72
N PHE B 58 -26.50 8.01 1.89
CA PHE B 58 -25.23 8.58 1.45
C PHE B 58 -23.98 8.03 2.28
N LYS B 59 -24.14 8.08 3.62
CA LYS B 59 -23.31 7.49 4.65
C LYS B 59 -22.80 6.12 4.23
N LYS B 60 -23.71 5.32 3.66
CA LYS B 60 -23.56 3.90 3.40
C LYS B 60 -23.05 3.51 1.99
N THR B 61 -23.31 4.34 0.99
CA THR B 61 -22.93 4.00 -0.35
C THR B 61 -21.97 5.08 -0.86
N GLY B 62 -21.92 6.24 -0.20
CA GLY B 62 -21.04 7.34 -0.66
C GLY B 62 -21.60 8.02 -1.91
N LYS B 63 -22.84 7.73 -2.30
CA LYS B 63 -23.46 8.56 -3.27
C LYS B 63 -24.89 9.07 -2.90
N TRP B 64 -25.07 10.39 -2.94
CA TRP B 64 -26.33 11.07 -2.57
C TRP B 64 -27.34 10.67 -3.61
N VAL B 65 -28.47 10.11 -3.23
CA VAL B 65 -29.50 9.88 -4.21
C VAL B 65 -30.71 10.74 -3.79
N TYR B 66 -30.99 11.85 -4.49
CA TYR B 66 -32.11 12.73 -4.12
C TYR B 66 -33.50 12.04 -3.93
N ASP B 67 -33.89 11.25 -4.90
CA ASP B 67 -35.25 10.79 -4.98
C ASP B 67 -35.37 9.62 -4.08
N VAL B 68 -36.00 9.83 -2.94
CA VAL B 68 -35.91 8.85 -1.88
C VAL B 68 -36.63 7.54 -2.21
N LYS B 69 -37.30 7.45 -3.37
CA LYS B 69 -37.89 6.14 -3.74
C LYS B 69 -36.81 5.23 -4.38
N LYS B 70 -35.57 5.30 -3.83
CA LYS B 70 -34.42 4.38 -4.05
C LYS B 70 -33.45 4.31 -2.82
N ASN C 1 -11.39 3.85 -0.53
CA ASN C 1 -11.96 3.19 0.70
C ASN C 1 -11.65 4.01 1.95
N ASP C 2 -12.69 4.42 2.69
CA ASP C 2 -12.48 5.25 3.90
C ASP C 2 -11.89 4.40 5.04
N LYS C 3 -12.19 3.09 5.07
CA LYS C 3 -11.61 2.29 6.15
C LYS C 3 -10.07 2.19 5.92
N LEU C 4 -9.65 2.14 4.68
CA LEU C 4 -8.28 2.21 4.33
C LEU C 4 -7.64 3.51 4.72
N ILE C 5 -8.23 4.66 4.41
CA ILE C 5 -7.59 5.88 4.83
C ILE C 5 -7.46 5.87 6.35
N GLU C 6 -8.50 5.52 7.08
CA GLU C 6 -8.41 5.52 8.54
C GLU C 6 -7.26 4.56 9.03
N LEU C 7 -7.24 3.35 8.45
CA LEU C 7 -6.24 2.31 8.77
C LEU C 7 -4.80 2.79 8.50
N SER C 8 -4.60 3.57 7.44
CA SER C 8 -3.25 4.01 7.08
C SER C 8 -2.75 5.12 7.99
N ASN C 9 -3.63 5.88 8.60
CA ASN C 9 -3.15 6.89 9.50
C ASN C 9 -2.58 6.27 10.81
N SER C 10 -2.85 5.01 11.12
CA SER C 10 -2.13 4.40 12.26
C SER C 10 -0.78 3.78 11.79
N ASN C 11 0.33 4.10 12.45
CA ASN C 11 1.62 3.44 12.13
C ASN C 11 1.75 1.93 12.49
N GLU C 12 0.79 1.35 13.18
CA GLU C 12 0.77 -0.13 13.29
C GLU C 12 0.51 -0.96 12.01
N ASN C 13 -0.05 -0.33 10.98
CA ASN C 13 -0.58 -1.04 9.82
C ASN C 13 0.18 -0.55 8.65
N TRP C 14 0.25 -1.35 7.61
CA TRP C 14 0.70 -0.84 6.27
C TRP C 14 -0.30 -1.59 5.38
N VAL C 15 -1.28 -0.88 4.80
CA VAL C 15 -2.57 -1.47 4.42
C VAL C 15 -2.75 -1.62 2.91
N MET C 16 -1.76 -1.13 2.15
CA MET C 16 -1.77 -1.21 0.68
C MET C 16 -0.37 -0.95 0.01
N PRO C 17 -0.26 -1.32 -1.26
CA PRO C 17 1.00 -1.03 -1.91
C PRO C 17 1.26 0.43 -1.84
N GLY C 18 2.48 0.83 -1.48
CA GLY C 18 2.85 2.22 -1.38
C GLY C 18 2.39 2.86 -0.06
N LYS C 19 1.90 2.06 0.91
CA LYS C 19 1.53 2.57 2.25
C LYS C 19 0.18 3.33 2.33
N ASN C 20 0.07 4.32 1.51
CA ASN C 20 -1.16 5.08 1.52
C ASN C 20 -1.51 5.53 0.09
N TYR C 21 -2.58 6.31 -0.02
CA TYR C 21 -3.13 6.62 -1.31
C TYR C 21 -2.29 7.68 -1.99
N ASP C 22 -1.53 8.44 -1.22
CA ASP C 22 -0.52 9.35 -1.81
C ASP C 22 0.67 8.64 -2.44
N SER C 23 0.74 7.36 -2.05
CA SER C 23 1.64 6.36 -2.55
C SER C 23 3.06 6.84 -2.34
N ASN C 24 3.27 7.39 -1.14
CA ASN C 24 4.51 8.11 -0.81
C ASN C 24 5.54 7.29 -0.01
N ASN C 25 5.17 6.08 0.42
CA ASN C 25 6.12 5.22 1.14
C ASN C 25 6.81 6.00 2.34
N TYR C 26 6.05 6.86 3.02
CA TYR C 26 6.68 7.70 4.04
C TYR C 26 6.16 7.37 5.42
N SER C 27 7.03 7.04 6.39
CA SER C 27 6.55 6.84 7.78
C SER C 27 6.85 7.97 8.72
N THR C 28 5.88 8.37 9.52
CA THR C 28 6.13 9.40 10.54
C THR C 28 7.00 8.88 11.74
N SER C 29 7.09 7.56 11.91
CA SER C 29 7.98 6.94 12.91
C SER C 29 9.39 7.57 13.03
N THR C 30 9.75 7.80 14.28
CA THR C 30 11.05 8.41 14.61
C THR C 30 11.89 7.53 15.52
N GLN C 31 11.31 6.41 16.00
CA GLN C 31 11.99 5.43 16.82
C GLN C 31 13.32 4.96 16.22
N ILE C 32 13.47 4.85 14.90
CA ILE C 32 14.72 4.45 14.29
C ILE C 32 15.14 5.68 13.56
N ASN C 33 16.31 6.24 13.83
CA ASN C 33 16.68 7.54 13.23
C ASN C 33 18.15 7.60 13.09
N VAL C 34 18.63 8.66 12.39
CA VAL C 34 20.05 8.86 12.09
C VAL C 34 21.00 8.72 13.30
N ASP C 35 20.44 8.81 14.51
CA ASP C 35 21.26 8.91 15.66
C ASP C 35 21.34 7.58 16.27
N ASN C 36 20.38 6.70 16.03
CA ASN C 36 20.49 5.37 16.61
C ASN C 36 20.55 4.25 15.56
N VAL C 37 20.82 4.60 14.32
CA VAL C 37 20.66 3.64 13.25
C VAL C 37 21.76 2.55 13.27
N LYS C 38 23.03 2.92 13.47
CA LYS C 38 24.08 1.94 13.78
C LYS C 38 23.56 0.86 14.76
N GLN C 39 22.62 1.19 15.65
CA GLN C 39 22.10 0.21 16.66
C GLN C 39 20.95 -0.68 16.06
N LEU C 40 20.64 -0.46 14.78
CA LEU C 40 19.73 -1.34 14.01
C LEU C 40 20.22 -2.80 13.83
N LYS C 41 19.45 -3.78 14.29
CA LYS C 41 19.83 -5.18 14.12
C LYS C 41 18.73 -6.06 13.50
N HIS C 42 19.11 -7.25 13.04
CA HIS C 42 18.14 -8.23 12.52
C HIS C 42 17.06 -8.74 13.55
N ALA C 43 15.80 -8.85 13.14
CA ALA C 43 14.78 -9.23 14.08
C ALA C 43 14.27 -10.65 13.87
N TRP C 44 13.89 -10.94 12.63
CA TRP C 44 13.55 -12.28 12.26
C TRP C 44 13.41 -12.31 10.73
N SER C 45 13.35 -13.51 10.15
CA SER C 45 13.05 -13.69 8.75
C SER C 45 12.09 -14.83 8.44
N PHE C 46 11.76 -14.90 7.14
CA PHE C 46 10.82 -15.90 6.67
C PHE C 46 11.03 -16.13 5.22
N SER C 47 11.25 -17.38 4.82
CA SER C 47 11.48 -17.56 3.41
C SER C 47 10.22 -18.11 2.82
N THR C 48 9.95 -17.75 1.56
CA THR C 48 8.68 -17.99 0.97
C THR C 48 8.74 -19.38 0.48
N GLY C 49 9.95 -19.95 0.36
CA GLY C 49 10.07 -21.26 -0.30
C GLY C 49 9.94 -21.23 -1.82
N GLU C 50 10.10 -20.05 -2.46
CA GLU C 50 10.12 -20.01 -3.93
C GLU C 50 11.40 -19.27 -4.27
N LEU C 51 11.92 -19.42 -5.50
CA LEU C 51 13.10 -18.63 -5.87
C LEU C 51 12.63 -17.58 -6.88
N HIS C 52 13.53 -17.01 -7.69
CA HIS C 52 13.16 -15.99 -8.68
C HIS C 52 12.80 -14.65 -8.01
N GLY C 53 12.55 -13.63 -8.79
CA GLY C 53 12.51 -12.35 -8.10
C GLY C 53 11.30 -12.21 -7.17
N HIS C 54 11.56 -11.62 -6.02
CA HIS C 54 10.53 -11.33 -5.08
C HIS C 54 10.36 -9.83 -4.94
N GLU C 55 9.39 -9.29 -5.71
CA GLU C 55 9.21 -7.86 -5.80
C GLU C 55 8.21 -7.40 -4.79
N GLY C 56 7.86 -6.10 -4.80
CA GLY C 56 6.77 -5.65 -3.88
C GLY C 56 7.18 -5.72 -2.41
N ALA C 57 6.18 -5.68 -1.49
CA ALA C 57 6.42 -5.63 -0.02
C ALA C 57 5.17 -6.22 0.68
N PRO C 58 5.33 -6.74 1.90
CA PRO C 58 4.17 -7.28 2.60
C PRO C 58 3.26 -6.20 3.08
N LEU C 59 2.06 -6.57 3.48
CA LEU C 59 1.17 -5.76 4.25
C LEU C 59 1.18 -6.18 5.75
N VAL C 60 0.87 -5.20 6.60
CA VAL C 60 0.50 -5.43 7.99
C VAL C 60 -0.85 -4.78 8.29
N ILE C 61 -1.76 -5.62 8.79
CA ILE C 61 -3.01 -5.22 9.46
C ILE C 61 -3.01 -5.71 10.94
N GLY C 62 -2.66 -4.80 11.87
CA GLY C 62 -2.64 -5.19 13.31
C GLY C 62 -1.58 -6.25 13.59
N ASP C 63 -2.01 -7.41 14.12
CA ASP C 63 -1.16 -8.55 14.53
C ASP C 63 -0.83 -9.57 13.39
N VAL C 64 -1.18 -9.22 12.15
CA VAL C 64 -1.09 -10.14 11.02
C VAL C 64 -0.36 -9.49 9.80
N MET C 65 0.59 -10.21 9.21
CA MET C 65 1.37 -9.69 8.12
C MET C 65 1.13 -10.65 7.01
N TYR C 66 0.98 -10.10 5.83
CA TYR C 66 0.58 -10.82 4.69
C TYR C 66 1.73 -10.66 3.71
N VAL C 67 2.32 -11.82 3.36
CA VAL C 67 3.53 -11.84 2.53
C VAL C 67 3.27 -12.64 1.27
N HIS C 68 3.81 -12.21 0.12
CA HIS C 68 3.56 -12.91 -1.14
C HIS C 68 4.88 -13.37 -1.80
N SER C 69 4.81 -14.42 -2.63
CA SER C 69 5.98 -14.91 -3.35
C SER C 69 5.85 -14.69 -4.84
N SER C 70 6.90 -15.00 -5.55
CA SER C 70 6.88 -15.10 -7.01
C SER C 70 6.01 -16.27 -7.42
N PHE C 71 6.00 -16.60 -8.72
CA PHE C 71 5.23 -17.72 -9.22
C PHE C 71 5.56 -18.99 -8.40
N PRO C 72 4.55 -19.78 -8.00
CA PRO C 72 3.10 -19.70 -8.26
C PRO C 72 2.27 -18.90 -7.27
N ASN C 73 2.83 -17.80 -6.77
CA ASN C 73 2.07 -16.78 -6.09
C ASN C 73 1.37 -17.14 -4.77
N LYS C 74 2.13 -17.66 -3.83
CA LYS C 74 1.56 -18.00 -2.56
C LYS C 74 1.31 -16.79 -1.73
N THR C 75 0.31 -16.85 -0.87
CA THR C 75 0.12 -15.81 0.06
C THR C 75 0.27 -16.49 1.42
N PHE C 76 0.88 -15.80 2.39
CA PHE C 76 1.05 -16.26 3.76
C PHE C 76 0.56 -15.18 4.76
N ALA C 77 -0.20 -15.65 5.76
CA ALA C 77 -0.62 -14.90 6.92
C ALA C 77 0.30 -15.32 8.05
N LEU C 78 1.22 -14.46 8.43
CA LEU C 78 2.07 -14.72 9.58
C LEU C 78 1.52 -14.04 10.82
N ASP C 79 1.73 -14.65 11.98
CA ASP C 79 1.41 -14.00 13.25
C ASP C 79 2.50 -13.14 13.87
N LEU C 80 2.29 -11.84 13.88
CA LEU C 80 3.27 -10.92 14.40
C LEU C 80 3.71 -11.20 15.84
N ASN C 81 2.85 -11.92 16.56
CA ASN C 81 3.19 -12.24 17.98
C ASN C 81 4.17 -13.38 18.06
N ASP C 82 4.22 -14.15 16.95
CA ASP C 82 5.04 -15.37 16.83
C ASP C 82 5.18 -15.63 15.35
N PRO C 83 6.02 -14.82 14.64
CA PRO C 83 6.04 -14.80 13.16
C PRO C 83 6.44 -16.10 12.44
N GLY C 84 7.10 -16.99 13.15
CA GLY C 84 7.49 -18.23 12.53
C GLY C 84 6.29 -19.11 12.45
N HIS C 85 5.17 -18.65 12.99
CA HIS C 85 3.98 -19.44 13.00
C HIS C 85 3.04 -18.93 11.88
N ILE C 86 2.63 -19.80 10.94
CA ILE C 86 1.88 -19.32 9.74
C ILE C 86 0.39 -19.60 9.95
N LEU C 87 -0.43 -18.55 10.23
CA LEU C 87 -1.90 -18.66 10.48
C LEU C 87 -2.66 -19.34 9.35
N TRP C 88 -2.23 -19.06 8.13
CA TRP C 88 -2.77 -19.70 6.96
C TRP C 88 -1.95 -19.39 5.73
N GLN C 89 -2.00 -20.30 4.80
CA GLN C 89 -1.38 -20.14 3.52
C GLN C 89 -2.38 -20.38 2.39
N HIS C 90 -2.31 -19.57 1.35
CA HIS C 90 -3.04 -19.87 0.15
C HIS C 90 -2.06 -20.24 -0.99
N SER C 91 -2.31 -21.32 -1.70
CA SER C 91 -1.26 -21.86 -2.54
C SER C 91 -1.74 -22.23 -3.96
N PRO C 92 -1.77 -21.26 -4.89
CA PRO C 92 -2.57 -21.37 -6.14
C PRO C 92 -2.21 -22.56 -7.00
N LYS C 93 -3.14 -23.15 -7.74
CA LYS C 93 -2.68 -24.18 -8.71
C LYS C 93 -2.76 -23.56 -10.10
N GLN C 94 -1.66 -23.35 -10.80
CA GLN C 94 -1.68 -22.64 -12.09
C GLN C 94 -0.94 -23.41 -13.15
N ASP C 95 -1.17 -23.04 -14.39
CA ASP C 95 -0.69 -23.86 -15.43
C ASP C 95 0.75 -23.47 -15.73
N PRO C 96 1.72 -24.41 -15.51
CA PRO C 96 3.17 -24.04 -15.63
C PRO C 96 3.50 -23.32 -16.89
N ALA C 97 2.66 -23.42 -17.90
CA ALA C 97 2.94 -22.76 -19.14
C ALA C 97 2.82 -21.21 -19.01
N ALA C 98 2.10 -20.77 -17.93
CA ALA C 98 2.08 -19.36 -17.58
C ALA C 98 3.49 -18.79 -17.60
N ARG C 99 4.49 -19.60 -17.19
CA ARG C 99 5.84 -19.07 -17.14
C ARG C 99 6.43 -18.70 -18.45
N SER C 100 5.89 -19.17 -19.56
CA SER C 100 6.69 -19.06 -20.76
C SER C 100 6.19 -17.91 -21.56
N VAL C 101 5.28 -17.11 -20.97
CA VAL C 101 4.79 -15.88 -21.57
C VAL C 101 5.12 -14.62 -20.74
N ALA C 102 5.94 -14.80 -19.73
CA ALA C 102 6.39 -13.68 -18.88
C ALA C 102 7.69 -13.27 -19.49
N CYS C 103 7.87 -11.99 -19.80
CA CYS C 103 9.10 -11.49 -20.46
C CYS C 103 10.34 -11.33 -19.55
N CYS C 104 10.09 -11.23 -18.25
CA CYS C 104 10.94 -10.53 -17.32
C CYS C 104 10.86 -11.12 -15.96
N ASP C 105 10.77 -12.45 -15.95
CA ASP C 105 10.95 -13.28 -14.74
C ASP C 105 9.61 -13.41 -14.14
N LEU C 106 9.50 -14.33 -13.16
CA LEU C 106 8.21 -14.77 -12.59
C LEU C 106 7.79 -13.93 -11.35
N VAL C 107 7.82 -12.60 -11.49
CA VAL C 107 7.58 -11.69 -10.38
C VAL C 107 6.16 -11.31 -10.16
N ASN C 108 5.92 -10.91 -8.91
CA ASN C 108 4.66 -10.34 -8.52
C ASN C 108 4.87 -9.21 -7.47
N ARG C 109 4.11 -8.13 -7.54
CA ARG C 109 4.45 -6.96 -6.78
C ARG C 109 3.62 -6.67 -5.60
N GLY C 110 2.73 -7.61 -5.24
CA GLY C 110 2.18 -7.65 -3.90
C GLY C 110 0.65 -7.70 -3.78
N LEU C 111 0.20 -7.52 -2.55
CA LEU C 111 -1.19 -7.71 -2.21
C LEU C 111 -1.88 -6.45 -1.91
N ALA C 112 -3.19 -6.51 -1.84
CA ALA C 112 -3.96 -5.33 -1.39
C ALA C 112 -5.03 -5.88 -0.40
N TYR C 113 -5.68 -4.99 0.35
CA TYR C 113 -6.61 -5.43 1.33
C TYR C 113 -7.89 -4.60 1.35
N TRP C 114 -9.00 -5.23 1.67
CA TRP C 114 -10.27 -4.52 1.73
C TRP C 114 -10.86 -4.77 3.14
N PRO C 115 -11.00 -3.68 3.93
CA PRO C 115 -11.45 -3.73 5.32
C PRO C 115 -12.93 -4.04 5.25
N GLY C 116 -13.32 -5.19 5.80
CA GLY C 116 -14.73 -5.67 5.72
C GLY C 116 -15.71 -5.22 6.82
N ASP C 117 -16.86 -5.91 6.90
CA ASP C 117 -17.98 -5.45 7.78
C ASP C 117 -18.87 -6.66 8.06
N ASP C 118 -20.11 -6.47 8.50
CA ASP C 118 -20.97 -7.62 8.83
C ASP C 118 -21.57 -8.33 7.61
N LYS C 119 -21.52 -7.69 6.43
CA LYS C 119 -21.95 -8.32 5.19
C LYS C 119 -20.86 -9.10 4.39
N THR C 120 -19.61 -8.65 4.43
CA THR C 120 -18.54 -9.21 3.63
C THR C 120 -17.33 -9.26 4.53
N PRO C 121 -16.64 -10.43 4.58
CA PRO C 121 -15.45 -10.46 5.52
C PRO C 121 -14.35 -9.64 4.90
N SER C 122 -13.39 -9.24 5.68
CA SER C 122 -12.26 -8.51 5.15
C SER C 122 -11.53 -9.37 4.15
N LEU C 123 -10.97 -8.76 3.11
CA LEU C 123 -10.37 -9.53 2.02
C LEU C 123 -8.91 -9.18 1.70
N ILE C 124 -8.08 -10.19 1.47
CA ILE C 124 -6.78 -9.97 0.78
C ILE C 124 -7.03 -10.20 -0.65
N ILE C 125 -6.52 -9.28 -1.45
CA ILE C 125 -6.75 -9.33 -2.90
C ILE C 125 -5.46 -9.55 -3.61
N LYS C 126 -5.35 -10.48 -4.57
CA LYS C 126 -4.02 -10.74 -5.10
C LYS C 126 -4.10 -11.04 -6.53
N THR C 127 -2.96 -11.01 -7.23
CA THR C 127 -2.91 -11.41 -8.61
C THR C 127 -2.07 -12.69 -8.70
N GLN C 128 -2.35 -13.49 -9.73
CA GLN C 128 -1.52 -14.53 -10.21
C GLN C 128 -1.06 -14.25 -11.63
N LEU C 129 0.17 -14.65 -11.90
CA LEU C 129 0.75 -14.69 -13.23
C LEU C 129 -0.21 -15.17 -14.35
N ASP C 130 -1.05 -16.20 -14.07
CA ASP C 130 -1.91 -16.88 -15.10
C ASP C 130 -3.16 -16.07 -15.35
N GLY C 131 -3.22 -14.85 -14.83
CA GLY C 131 -4.33 -13.93 -15.15
C GLY C 131 -5.48 -13.77 -14.16
N HIS C 132 -5.55 -14.57 -13.10
CA HIS C 132 -6.66 -14.43 -12.20
C HIS C 132 -6.42 -13.33 -11.23
N LEU C 133 -7.50 -12.76 -10.76
CA LEU C 133 -7.44 -11.86 -9.68
C LEU C 133 -8.25 -12.54 -8.59
N VAL C 134 -7.69 -12.67 -7.41
CA VAL C 134 -8.30 -13.54 -6.48
C VAL C 134 -8.52 -12.79 -5.21
N ALA C 135 -9.72 -12.91 -4.63
CA ALA C 135 -9.97 -12.46 -3.25
C ALA C 135 -10.00 -13.69 -2.34
N LEU C 136 -9.22 -13.58 -1.25
CA LEU C 136 -9.24 -14.53 -0.12
C LEU C 136 -9.79 -13.85 1.08
N ASN C 137 -10.35 -14.62 1.99
CA ASN C 137 -10.76 -14.10 3.29
C ASN C 137 -9.50 -13.81 4.12
N ALA C 138 -9.28 -12.58 4.51
CA ALA C 138 -8.08 -12.24 5.27
C ALA C 138 -7.84 -12.99 6.56
N LYS C 139 -8.92 -13.38 7.31
CA LYS C 139 -8.77 -14.08 8.64
C LYS C 139 -8.39 -15.54 8.56
N THR C 140 -9.00 -16.22 7.57
CA THR C 140 -9.01 -17.65 7.29
C THR C 140 -8.14 -18.14 6.11
N GLY C 141 -7.91 -17.28 5.10
CA GLY C 141 -7.28 -17.69 3.87
C GLY C 141 -8.13 -18.29 2.76
N GLU C 142 -9.42 -18.51 3.04
CA GLU C 142 -10.23 -19.39 2.17
C GLU C 142 -10.67 -18.54 0.95
N GLU C 143 -10.91 -19.15 -0.21
CA GLU C 143 -11.14 -18.33 -1.39
C GLU C 143 -12.49 -17.61 -1.22
N PHE C 144 -12.58 -16.33 -1.59
CA PHE C 144 -13.86 -15.67 -1.63
C PHE C 144 -14.42 -15.72 -3.03
N TRP C 145 -13.63 -15.23 -4.01
CA TRP C 145 -14.00 -15.27 -5.41
C TRP C 145 -12.73 -15.26 -6.17
N LYS C 146 -12.86 -15.59 -7.46
CA LYS C 146 -11.77 -15.72 -8.38
C LYS C 146 -12.24 -15.45 -9.80
N VAL C 147 -11.92 -14.27 -10.35
CA VAL C 147 -12.17 -13.89 -11.77
C VAL C 147 -11.00 -14.04 -12.76
N GLU C 148 -11.30 -14.27 -14.05
CA GLU C 148 -10.28 -14.36 -15.14
C GLU C 148 -10.01 -12.99 -15.70
N ASN C 149 -8.72 -12.63 -15.76
CA ASN C 149 -8.21 -11.30 -16.21
C ASN C 149 -6.85 -11.35 -16.95
N GLY C 150 -6.70 -12.36 -17.79
CA GLY C 150 -5.53 -12.55 -18.65
C GLY C 150 -5.61 -13.99 -19.13
N ASP C 151 -5.49 -14.22 -20.42
CA ASP C 151 -5.42 -15.58 -20.93
C ASP C 151 -4.03 -15.72 -21.53
N ILE C 152 -3.20 -16.61 -20.95
CA ILE C 152 -1.83 -16.89 -21.46
C ILE C 152 -1.79 -17.37 -22.92
N LYS C 153 -2.88 -17.93 -23.42
CA LYS C 153 -2.98 -18.22 -24.87
C LYS C 153 -2.76 -17.05 -25.86
N VAL C 154 -3.07 -15.81 -25.47
CA VAL C 154 -2.96 -14.65 -26.30
C VAL C 154 -1.83 -13.77 -25.74
N GLY C 155 -1.11 -14.34 -24.77
CA GLY C 155 0.16 -13.75 -24.34
C GLY C 155 -0.04 -12.86 -23.15
N GLN C 156 -1.17 -13.00 -22.48
CA GLN C 156 -1.44 -12.24 -21.24
C GLN C 156 -1.03 -12.89 -19.85
N THR C 157 -0.40 -12.07 -19.00
CA THR C 157 -0.17 -12.38 -17.59
C THR C 157 -0.52 -11.16 -16.68
N LEU C 158 -0.49 -11.38 -15.35
CA LEU C 158 -0.46 -10.33 -14.31
C LEU C 158 0.79 -10.40 -13.43
N THR C 159 1.32 -9.24 -13.03
CA THR C 159 2.45 -9.19 -12.11
C THR C 159 2.34 -8.02 -11.18
N GLN C 160 1.56 -6.98 -11.55
CA GLN C 160 1.35 -5.86 -10.62
C GLN C 160 0.59 -6.28 -9.36
N ALA C 161 0.74 -5.56 -8.25
CA ALA C 161 -0.22 -5.68 -7.14
C ALA C 161 -1.53 -5.03 -7.59
N PRO C 162 -2.69 -5.59 -7.15
CA PRO C 162 -4.00 -4.95 -7.49
C PRO C 162 -4.14 -3.78 -6.50
N TYR C 163 -5.28 -3.08 -6.52
CA TYR C 163 -5.42 -1.81 -5.77
C TYR C 163 -6.88 -1.70 -5.28
N VAL C 164 -7.09 -1.36 -4.01
CA VAL C 164 -8.43 -1.28 -3.44
C VAL C 164 -8.86 0.19 -3.36
N VAL C 165 -9.93 0.55 -4.09
CA VAL C 165 -10.58 1.86 -3.90
C VAL C 165 -12.11 1.68 -3.70
N HIS C 166 -12.67 2.11 -2.55
CA HIS C 166 -14.14 2.00 -2.21
C HIS C 166 -14.37 0.54 -2.15
N ASP C 167 -15.39 0.01 -2.83
CA ASP C 167 -15.69 -1.46 -2.71
C ASP C 167 -15.26 -2.16 -4.05
N LEU C 168 -14.25 -1.53 -4.69
CA LEU C 168 -13.61 -1.95 -5.99
C LEU C 168 -12.21 -2.55 -5.85
N ALA C 169 -11.98 -3.62 -6.56
CA ALA C 169 -10.62 -4.10 -6.73
C ALA C 169 -10.20 -3.78 -8.16
N ILE C 170 -9.05 -3.14 -8.37
CA ILE C 170 -8.70 -2.62 -9.70
C ILE C 170 -7.45 -3.40 -10.12
N VAL C 171 -7.42 -3.88 -11.38
CA VAL C 171 -6.29 -4.68 -11.89
C VAL C 171 -5.90 -4.22 -13.27
N GLY C 172 -4.60 -4.20 -13.55
CA GLY C 172 -4.09 -3.76 -14.86
C GLY C 172 -3.76 -4.92 -15.80
N SER C 173 -2.60 -4.89 -16.45
CA SER C 173 -2.40 -5.88 -17.47
C SER C 173 -0.92 -5.98 -17.71
N SER C 174 -0.48 -7.09 -18.28
CA SER C 174 0.92 -7.36 -18.67
C SER C 174 0.95 -8.14 -19.98
N GLY C 175 2.01 -7.97 -20.76
CA GLY C 175 2.12 -8.58 -22.09
C GLY C 175 2.46 -7.69 -23.33
N ALA C 176 3.08 -6.48 -23.20
CA ALA C 176 3.30 -5.60 -24.37
C ALA C 176 4.31 -6.33 -25.24
N GLU C 177 5.17 -7.07 -24.60
CA GLU C 177 6.17 -7.75 -25.34
C GLU C 177 5.56 -8.79 -26.20
N LEU C 178 4.26 -9.10 -26.00
CA LEU C 178 3.59 -10.14 -26.77
C LEU C 178 2.38 -9.45 -27.42
N GLY C 179 2.55 -8.17 -27.75
CA GLY C 179 1.44 -7.42 -28.40
C GLY C 179 0.13 -7.30 -27.65
N VAL C 180 0.12 -7.33 -26.30
CA VAL C 180 -1.17 -7.25 -25.59
C VAL C 180 -1.59 -5.79 -25.68
N ARG C 181 -2.91 -5.56 -25.85
CA ARG C 181 -3.44 -4.18 -25.93
C ARG C 181 -3.82 -3.89 -24.52
N GLY C 182 -3.34 -2.79 -23.97
CA GLY C 182 -3.36 -2.63 -22.53
C GLY C 182 -4.75 -2.44 -22.02
N HIS C 183 -4.95 -2.80 -20.75
CA HIS C 183 -6.26 -2.73 -20.17
C HIS C 183 -6.27 -2.71 -18.66
N VAL C 184 -7.17 -1.90 -18.10
CA VAL C 184 -7.39 -1.88 -16.66
C VAL C 184 -8.88 -2.20 -16.32
N THR C 185 -9.15 -2.99 -15.29
CA THR C 185 -10.52 -3.41 -15.02
C THR C 185 -10.81 -3.10 -13.53
N ALA C 186 -12.08 -2.82 -13.13
CA ALA C 186 -12.33 -2.77 -11.64
C ALA C 186 -13.46 -3.71 -11.41
N TYR C 187 -13.41 -4.48 -10.31
CA TYR C 187 -14.38 -5.45 -9.92
C TYR C 187 -14.90 -5.16 -8.52
N ASN C 188 -16.21 -5.33 -8.35
CA ASN C 188 -16.83 -5.14 -7.06
C ASN C 188 -16.33 -6.18 -6.09
N VAL C 189 -15.84 -5.78 -4.94
CA VAL C 189 -15.35 -6.87 -4.01
C VAL C 189 -16.40 -7.70 -3.27
N ARG C 190 -17.61 -7.14 -3.13
CA ARG C 190 -18.64 -7.84 -2.41
C ARG C 190 -19.22 -9.04 -3.17
N THR C 191 -19.21 -8.98 -4.51
CA THR C 191 -20.01 -9.85 -5.37
C THR C 191 -19.18 -10.40 -6.48
N GLY C 192 -18.01 -9.79 -6.66
CA GLY C 192 -17.13 -10.14 -7.74
C GLY C 192 -17.55 -9.69 -9.10
N GLU C 193 -18.58 -8.84 -9.18
CA GLU C 193 -19.04 -8.35 -10.49
C GLU C 193 -18.03 -7.46 -11.19
N GLN C 194 -17.87 -7.66 -12.47
CA GLN C 194 -17.13 -6.65 -13.19
C GLN C 194 -17.89 -5.31 -13.19
N ALA C 195 -17.16 -4.26 -12.77
CA ALA C 195 -17.75 -2.92 -12.69
C ALA C 195 -17.42 -2.07 -13.90
N TRP C 196 -16.23 -2.18 -14.46
CA TRP C 196 -15.88 -1.38 -15.62
C TRP C 196 -14.57 -1.91 -16.17
N ARG C 197 -14.28 -1.74 -17.45
CA ARG C 197 -13.00 -2.12 -17.99
C ARG C 197 -12.70 -1.24 -19.17
N TYR C 198 -11.43 -0.79 -19.29
CA TYR C 198 -11.05 0.15 -20.37
C TYR C 198 -9.67 -0.11 -20.91
N TYR C 199 -9.42 0.45 -22.09
CA TYR C 199 -8.27 0.05 -22.90
C TYR C 199 -7.34 1.22 -23.18
N ALA C 200 -6.13 0.93 -23.70
CA ALA C 200 -5.14 2.01 -23.80
C ALA C 200 -5.07 2.58 -25.20
N THR C 201 -5.72 1.88 -26.13
CA THR C 201 -5.70 2.28 -27.55
C THR C 201 -7.05 1.92 -28.17
N GLY C 202 -7.30 2.42 -29.37
CA GLY C 202 -8.58 2.19 -29.99
C GLY C 202 -9.57 3.37 -29.86
N PRO C 203 -10.82 3.04 -30.08
CA PRO C 203 -11.95 3.95 -30.02
C PRO C 203 -12.16 4.56 -28.62
N ASP C 204 -12.41 5.87 -28.60
CA ASP C 204 -12.74 6.58 -27.37
C ASP C 204 -13.64 5.82 -26.43
N ALA C 205 -14.65 5.20 -26.97
CA ALA C 205 -15.67 4.60 -26.11
C ALA C 205 -15.05 3.43 -25.26
N GLU C 206 -14.08 2.76 -25.92
CA GLU C 206 -13.28 1.62 -25.47
C GLU C 206 -12.09 2.07 -24.57
N ILE C 207 -11.45 3.15 -24.99
CA ILE C 207 -10.52 3.83 -24.09
C ILE C 207 -11.23 4.43 -22.86
N GLY C 208 -12.49 4.85 -23.03
CA GLY C 208 -13.31 5.33 -21.90
C GLY C 208 -13.10 6.79 -21.53
N LEU C 209 -12.79 7.64 -22.48
CA LEU C 209 -12.67 9.08 -22.26
C LEU C 209 -13.91 9.75 -21.65
N ALA C 210 -13.71 10.52 -20.58
CA ALA C 210 -14.76 11.50 -20.16
C ALA C 210 -15.10 12.51 -21.30
N ASP C 211 -16.27 13.14 -21.29
CA ASP C 211 -16.49 14.12 -22.36
C ASP C 211 -15.67 15.41 -22.22
N ASP C 212 -15.21 15.74 -21.03
CA ASP C 212 -14.32 16.89 -20.87
C ASP C 212 -12.81 16.43 -20.75
N PHE C 213 -12.48 15.35 -21.46
CA PHE C 213 -11.21 14.73 -21.27
C PHE C 213 -10.20 15.74 -21.71
N ASN C 214 -9.14 15.95 -20.93
CA ASN C 214 -8.06 16.95 -21.25
C ASN C 214 -8.54 18.35 -21.63
N SER C 215 -9.63 18.82 -21.03
CA SER C 215 -10.21 20.09 -21.34
C SER C 215 -9.36 21.21 -20.80
N ALA C 216 -8.73 21.06 -19.64
CA ALA C 216 -7.73 22.13 -19.26
C ALA C 216 -6.40 22.11 -20.12
N ASN C 217 -6.15 21.10 -20.95
CA ASN C 217 -4.90 21.00 -21.74
C ASN C 217 -5.29 20.33 -23.07
N PRO C 218 -6.05 21.05 -23.88
CA PRO C 218 -6.50 20.48 -25.15
C PRO C 218 -5.34 20.05 -26.07
N HIS C 219 -4.21 20.76 -25.95
CA HIS C 219 -2.97 20.53 -26.66
C HIS C 219 -2.42 19.08 -26.32
N TYR C 220 -2.68 18.51 -25.13
CA TYR C 220 -2.19 17.15 -24.94
C TYR C 220 -2.81 16.16 -25.94
N GLY C 221 -4.01 16.50 -26.43
CA GLY C 221 -4.74 15.72 -27.42
C GLY C 221 -6.03 15.30 -26.79
N GLN C 222 -7.06 15.22 -27.65
CA GLN C 222 -8.40 14.90 -27.18
C GLN C 222 -9.03 13.71 -27.88
N LYS C 223 -10.08 13.94 -28.66
CA LYS C 223 -10.92 12.81 -29.17
C LYS C 223 -10.23 12.19 -30.35
N GLY C 224 -10.53 10.90 -30.61
CA GLY C 224 -10.15 10.17 -31.80
C GLY C 224 -8.75 9.57 -31.87
N LEU C 225 -7.88 9.87 -30.92
CA LEU C 225 -6.44 9.64 -31.13
C LEU C 225 -6.05 8.20 -30.84
N GLY C 226 -7.00 7.42 -30.31
CA GLY C 226 -6.73 6.04 -30.02
C GLY C 226 -6.55 5.24 -31.29
N THR C 227 -7.07 5.77 -32.38
CA THR C 227 -7.11 5.08 -33.65
C THR C 227 -6.41 6.01 -34.65
N ALA C 228 -6.69 7.31 -34.55
CA ALA C 228 -6.02 8.23 -35.44
C ALA C 228 -4.53 8.19 -35.44
N THR C 229 -3.89 7.95 -34.30
CA THR C 229 -2.39 7.90 -34.19
C THR C 229 -1.74 6.51 -34.44
N TRP C 230 -2.48 5.71 -35.20
CA TRP C 230 -2.17 4.34 -35.60
C TRP C 230 -2.55 4.20 -37.08
N GLU C 231 -1.91 3.23 -37.72
CA GLU C 231 -2.19 3.02 -39.09
C GLU C 231 -3.02 1.78 -39.11
N GLY C 232 -4.27 1.96 -39.53
CA GLY C 232 -5.13 0.86 -39.69
C GLY C 232 -5.44 0.30 -38.33
N ASP C 233 -5.36 -1.03 -38.20
CA ASP C 233 -5.83 -1.72 -37.02
C ASP C 233 -4.66 -2.20 -36.15
N ALA C 234 -3.52 -1.52 -36.30
CA ALA C 234 -2.30 -1.90 -35.57
C ALA C 234 -2.48 -1.67 -34.05
N TRP C 235 -3.29 -0.68 -33.68
CA TRP C 235 -3.67 -0.50 -32.25
C TRP C 235 -4.23 -1.79 -31.60
N LYS C 236 -4.90 -2.66 -32.36
CA LYS C 236 -5.55 -3.83 -31.78
C LYS C 236 -4.57 -4.71 -31.00
N ILE C 237 -3.26 -4.52 -31.26
CA ILE C 237 -2.17 -5.27 -30.57
C ILE C 237 -1.11 -4.30 -30.19
N GLY C 238 -1.55 -3.19 -29.62
CA GLY C 238 -0.74 -1.99 -29.53
C GLY C 238 -0.07 -1.68 -28.19
N GLY C 239 -0.16 -2.57 -27.20
CA GLY C 239 0.64 -2.41 -25.98
C GLY C 239 -0.13 -1.48 -25.07
N GLY C 240 0.59 -0.63 -24.34
CA GLY C 240 -0.05 0.28 -23.40
C GLY C 240 -0.52 -0.42 -22.09
N THR C 241 -0.11 -1.68 -21.89
CA THR C 241 -0.43 -2.43 -20.61
C THR C 241 0.01 -1.65 -19.44
N ASN C 242 -0.66 -1.84 -18.32
CA ASN C 242 -0.25 -1.13 -17.16
C ASN C 242 0.03 -2.10 -16.04
N TRP C 243 1.29 -2.25 -15.69
CA TRP C 243 1.66 -3.27 -14.74
C TRP C 243 2.49 -2.63 -13.65
N GLY C 244 2.44 -1.29 -13.53
CA GLY C 244 3.26 -0.55 -12.56
C GLY C 244 2.43 -0.26 -11.31
N TRP C 245 2.46 0.99 -10.82
CA TRP C 245 1.81 1.33 -9.53
C TRP C 245 0.60 2.27 -9.77
N TYR C 246 -0.30 2.35 -8.80
CA TYR C 246 -1.40 3.33 -8.81
C TYR C 246 -1.28 4.27 -7.64
N ALA C 247 -1.88 5.44 -7.78
CA ALA C 247 -2.14 6.23 -6.63
C ALA C 247 -3.61 6.75 -6.75
N TYR C 248 -4.16 7.35 -5.73
CA TYR C 248 -5.52 7.73 -5.79
C TYR C 248 -5.70 8.96 -4.92
N ASP C 249 -6.37 9.97 -5.45
CA ASP C 249 -6.81 11.13 -4.66
C ASP C 249 -8.29 10.95 -4.28
N PRO C 250 -8.61 10.67 -3.00
CA PRO C 250 -10.01 10.37 -2.59
C PRO C 250 -10.97 11.57 -2.73
N ALA C 251 -10.47 12.81 -2.65
CA ALA C 251 -11.32 13.95 -2.80
C ALA C 251 -11.66 14.19 -4.27
N ALA C 252 -10.73 14.03 -5.17
CA ALA C 252 -11.09 14.24 -6.55
C ALA C 252 -11.72 12.98 -7.05
N ASN C 253 -11.60 11.93 -6.27
CA ASN C 253 -11.99 10.60 -6.68
C ASN C 253 -11.32 10.08 -8.01
N LEU C 254 -10.03 10.41 -8.21
CA LEU C 254 -9.24 9.93 -9.33
C LEU C 254 -8.21 8.93 -8.89
N ILE C 255 -7.94 7.94 -9.75
CA ILE C 255 -6.84 6.97 -9.63
C ILE C 255 -5.91 7.33 -10.73
N TYR C 256 -4.60 7.05 -10.54
CA TYR C 256 -3.53 7.52 -11.45
C TYR C 256 -2.65 6.34 -11.72
N TYR C 257 -2.21 6.22 -12.97
CA TYR C 257 -1.21 5.17 -13.33
C TYR C 257 -0.70 5.59 -14.65
N GLY C 258 0.44 4.97 -15.01
CA GLY C 258 1.11 5.18 -16.31
C GLY C 258 0.85 3.98 -17.20
N SER C 259 0.58 4.22 -18.49
CA SER C 259 0.29 3.07 -19.31
C SER C 259 1.62 2.75 -20.03
N GLY C 260 1.75 1.49 -20.48
CA GLY C 260 3.00 1.04 -20.95
C GLY C 260 3.30 1.33 -22.39
N ASN C 261 4.24 0.54 -22.86
CA ASN C 261 4.83 0.80 -24.10
C ASN C 261 3.96 0.22 -25.20
N PRO C 262 4.11 0.79 -26.44
CA PRO C 262 3.32 0.18 -27.56
C PRO C 262 4.06 -1.05 -28.19
N ALA C 263 3.31 -1.88 -28.89
CA ALA C 263 3.88 -3.06 -29.49
C ALA C 263 3.72 -2.95 -31.01
N PRO C 264 4.75 -3.39 -31.74
CA PRO C 264 5.97 -3.95 -31.15
C PRO C 264 7.05 -2.85 -30.86
N TRP C 265 8.25 -3.28 -30.43
CA TRP C 265 9.44 -2.44 -30.15
C TRP C 265 10.04 -1.84 -31.42
N ASN C 266 10.00 -2.62 -32.50
CA ASN C 266 10.16 -2.15 -33.91
C ASN C 266 9.34 -0.93 -34.24
N GLU C 267 9.86 0.26 -34.01
CA GLU C 267 9.03 1.43 -34.24
C GLU C 267 8.52 1.60 -35.74
N THR C 268 9.29 1.15 -36.73
CA THR C 268 8.86 1.19 -38.08
C THR C 268 7.55 0.42 -38.34
N MET C 269 7.22 -0.53 -37.47
CA MET C 269 5.98 -1.28 -37.67
C MET C 269 4.70 -0.64 -37.12
N ARG C 270 4.84 0.49 -36.45
CA ARG C 270 3.66 1.16 -35.90
C ARG C 270 3.87 2.68 -35.96
N PRO C 271 3.84 3.27 -37.18
CA PRO C 271 3.96 4.74 -37.25
C PRO C 271 2.65 5.34 -36.69
N GLY C 272 2.77 6.46 -36.01
CA GLY C 272 1.68 7.09 -35.28
C GLY C 272 2.28 7.54 -33.95
N ASP C 273 1.64 8.50 -33.32
CA ASP C 273 1.90 8.74 -31.93
C ASP C 273 1.54 7.55 -31.00
N ASN C 274 0.79 6.59 -31.50
CA ASN C 274 0.50 5.40 -30.74
C ASN C 274 -0.29 5.74 -29.49
N LYS C 275 -1.27 6.59 -29.65
CA LYS C 275 -1.93 6.99 -28.49
C LYS C 275 -2.74 6.04 -27.63
N TRP C 276 -2.72 6.68 -26.46
CA TRP C 276 -2.73 6.45 -25.05
C TRP C 276 -1.83 5.45 -24.42
N THR C 277 -0.85 4.95 -25.18
CA THR C 277 0.27 4.24 -24.60
C THR C 277 1.18 5.29 -24.02
N MET C 278 2.04 4.93 -23.08
CA MET C 278 3.03 5.87 -22.52
C MET C 278 2.36 7.03 -21.92
N THR C 279 1.23 6.84 -21.30
CA THR C 279 0.47 8.03 -20.90
C THR C 279 0.24 8.07 -19.37
N ILE C 280 0.33 9.26 -18.79
CA ILE C 280 -0.09 9.41 -17.40
C ILE C 280 -1.61 9.58 -17.35
N THR C 281 -2.28 8.72 -16.64
CA THR C 281 -3.69 8.61 -16.76
C THR C 281 -4.42 8.86 -15.47
N ALA C 282 -5.45 9.67 -15.61
CA ALA C 282 -6.28 9.97 -14.50
C ALA C 282 -7.68 9.49 -14.86
N ARG C 283 -8.22 8.60 -14.00
CA ARG C 283 -9.54 8.00 -14.17
C ARG C 283 -10.35 8.13 -12.91
N ASP C 284 -11.64 8.37 -13.08
CA ASP C 284 -12.62 8.34 -11.97
C ASP C 284 -12.64 6.91 -11.51
N ALA C 285 -12.65 6.68 -10.19
CA ALA C 285 -12.36 5.38 -9.66
C ALA C 285 -13.58 4.52 -9.87
N ASP C 286 -14.75 5.15 -9.77
CA ASP C 286 -16.05 4.40 -9.80
C ASP C 286 -16.54 4.13 -11.24
N THR C 287 -16.33 5.09 -12.14
CA THR C 287 -16.96 4.86 -13.43
C THR C 287 -15.87 4.39 -14.32
N GLY C 288 -14.63 4.80 -14.00
CA GLY C 288 -13.42 4.39 -14.73
C GLY C 288 -13.10 5.36 -15.85
N LYS C 289 -13.90 6.41 -15.95
CA LYS C 289 -13.77 7.37 -17.03
C LYS C 289 -12.50 8.21 -16.90
N MET C 290 -11.93 8.57 -18.04
CA MET C 290 -10.63 9.23 -18.05
C MET C 290 -10.75 10.71 -18.12
N LYS C 291 -10.20 11.40 -17.12
CA LYS C 291 -10.31 12.83 -17.02
C LYS C 291 -9.14 13.54 -17.70
N PHE C 292 -7.94 12.95 -17.68
CA PHE C 292 -6.81 13.56 -18.39
C PHE C 292 -5.69 12.60 -18.76
N GLY C 293 -4.89 12.95 -19.75
CA GLY C 293 -4.05 11.96 -20.33
C GLY C 293 -2.87 12.68 -20.89
N TYR C 294 -1.70 12.46 -20.32
CA TYR C 294 -0.52 13.16 -20.80
C TYR C 294 0.44 12.14 -21.34
N GLN C 295 0.65 12.14 -22.63
CA GLN C 295 1.53 11.14 -23.22
C GLN C 295 3.01 11.61 -23.18
N LYS C 296 3.79 11.12 -22.21
CA LYS C 296 5.28 11.35 -22.03
C LYS C 296 6.19 11.10 -23.23
N THR C 297 5.90 10.02 -23.96
CA THR C 297 6.78 9.54 -25.02
C THR C 297 5.94 9.25 -26.26
N PRO C 298 5.63 10.28 -27.07
CA PRO C 298 4.83 9.92 -28.26
C PRO C 298 5.53 8.83 -29.12
N HIS C 299 4.81 7.91 -29.73
CA HIS C 299 5.48 6.99 -30.66
C HIS C 299 6.79 6.41 -30.09
N ASP C 300 6.68 5.64 -29.01
CA ASP C 300 7.90 5.02 -28.40
C ASP C 300 8.83 4.35 -29.47
N GLU C 301 10.14 4.50 -29.21
CA GLU C 301 11.18 3.85 -30.03
C GLU C 301 12.13 3.01 -29.22
N TRP C 302 11.90 2.93 -27.92
CA TRP C 302 12.96 2.50 -27.04
C TRP C 302 12.52 1.65 -25.86
N ASP C 303 11.31 1.14 -25.86
CA ASP C 303 10.78 0.43 -24.70
C ASP C 303 10.67 1.24 -23.41
N PHE C 304 10.44 2.54 -23.47
CA PHE C 304 10.26 3.23 -22.21
C PHE C 304 8.89 2.99 -21.49
N ALA C 305 8.44 1.73 -21.33
CA ALA C 305 7.14 1.45 -20.72
C ALA C 305 6.79 2.47 -19.60
N GLY C 306 5.80 3.31 -19.82
CA GLY C 306 5.57 4.42 -18.92
C GLY C 306 4.90 4.06 -17.62
N VAL C 307 5.23 2.90 -17.04
CA VAL C 307 4.35 2.32 -15.95
C VAL C 307 4.82 2.68 -14.56
N ASN C 308 5.80 3.57 -14.40
CA ASN C 308 6.44 3.69 -13.11
C ASN C 308 5.63 4.40 -12.04
N VAL C 309 6.06 4.22 -10.78
CA VAL C 309 5.38 4.69 -9.60
C VAL C 309 4.91 6.11 -9.76
N ILE C 310 3.70 6.43 -9.26
CA ILE C 310 3.25 7.83 -9.04
C ILE C 310 3.15 8.26 -7.56
N MET C 311 3.61 9.47 -7.30
CA MET C 311 3.65 9.93 -5.92
C MET C 311 2.92 11.30 -5.78
N LEU C 312 1.83 11.27 -5.01
CA LEU C 312 1.05 12.50 -4.78
C LEU C 312 1.68 13.43 -3.69
N SER C 313 1.76 14.70 -4.02
CA SER C 313 2.11 15.67 -2.98
C SER C 313 1.28 16.93 -3.14
N GLU C 314 1.30 17.84 -2.15
CA GLU C 314 0.86 19.23 -2.34
C GLU C 314 1.96 20.17 -2.03
N GLN C 315 2.29 21.04 -2.98
CA GLN C 315 3.38 21.97 -2.81
C GLN C 315 2.99 23.26 -3.48
N THR C 316 3.60 24.36 -3.07
CA THR C 316 3.53 25.63 -3.77
C THR C 316 4.48 25.69 -4.89
N ASP C 317 4.02 26.11 -6.08
CA ASP C 317 4.82 26.16 -7.28
C ASP C 317 5.69 27.39 -7.39
N LYS C 318 6.44 27.48 -8.50
CA LYS C 318 7.33 28.60 -8.76
C LYS C 318 6.57 29.98 -8.83
N THR C 319 5.26 29.96 -9.17
CA THR C 319 4.42 31.17 -9.24
C THR C 319 3.82 31.48 -7.86
N GLY C 320 4.14 30.63 -6.88
CA GLY C 320 3.54 30.78 -5.54
C GLY C 320 2.10 30.31 -5.46
N LYS C 321 1.59 29.58 -6.44
CA LYS C 321 0.25 29.01 -6.35
C LYS C 321 0.28 27.58 -5.69
N LYS C 322 -0.55 27.32 -4.67
CA LYS C 322 -0.64 25.97 -4.10
C LYS C 322 -1.29 25.04 -5.07
N ARG C 323 -0.79 23.82 -5.17
CA ARG C 323 -1.32 22.79 -6.03
C ARG C 323 -1.37 21.38 -5.39
N LYS C 324 -2.38 20.62 -5.79
CA LYS C 324 -2.34 19.16 -5.61
C LYS C 324 -1.52 18.59 -6.78
N LEU C 325 -0.48 17.80 -6.49
CA LEU C 325 0.41 17.38 -7.55
C LEU C 325 0.55 15.88 -7.58
N LEU C 326 1.05 15.45 -8.73
CA LEU C 326 1.66 14.16 -8.82
C LEU C 326 3.09 14.25 -9.39
N THR C 327 3.93 13.31 -9.02
CA THR C 327 5.32 13.24 -9.53
C THR C 327 5.68 11.78 -9.91
N HIS C 328 6.48 11.60 -10.96
CA HIS C 328 6.45 10.37 -11.68
C HIS C 328 7.71 10.25 -12.50
N PRO C 329 8.71 9.47 -11.95
CA PRO C 329 9.96 9.20 -12.69
C PRO C 329 9.79 8.15 -13.77
N ASP C 330 9.86 8.57 -15.03
CA ASP C 330 9.63 7.65 -16.11
C ASP C 330 10.87 6.89 -16.59
N ARG C 331 10.65 5.73 -17.20
CA ARG C 331 11.68 5.00 -17.89
C ARG C 331 12.45 5.88 -18.85
N ASN C 332 11.82 6.91 -19.39
CA ASN C 332 12.37 7.58 -20.54
C ASN C 332 13.45 8.57 -20.09
N GLY C 333 13.69 8.64 -18.78
CA GLY C 333 14.70 9.58 -18.29
C GLY C 333 14.21 10.89 -17.73
N ILE C 334 12.89 11.14 -17.79
CA ILE C 334 12.32 12.34 -17.22
C ILE C 334 11.53 12.05 -15.99
N VAL C 335 11.58 12.95 -15.04
CA VAL C 335 10.66 12.87 -13.99
C VAL C 335 9.68 14.06 -14.18
N TYR C 336 8.36 13.78 -14.21
CA TYR C 336 7.32 14.78 -14.58
C TYR C 336 6.55 15.09 -13.36
N THR C 337 6.17 16.35 -13.19
CA THR C 337 5.21 16.63 -12.18
C THR C 337 4.08 17.42 -12.83
N LEU C 338 2.86 17.05 -12.48
CA LEU C 338 1.65 17.62 -13.04
C LEU C 338 0.79 18.00 -11.89
N ASP C 339 -0.05 19.00 -12.14
CA ASP C 339 -1.26 19.20 -11.28
C ASP C 339 -2.13 17.99 -11.43
N ARG C 340 -2.52 17.38 -10.34
CA ARG C 340 -3.18 16.12 -10.42
C ARG C 340 -4.71 16.25 -10.40
N GLU C 341 -5.19 17.50 -10.40
CA GLU C 341 -6.63 17.83 -10.51
C GLU C 341 -7.05 18.08 -11.92
N ASN C 342 -6.21 18.78 -12.66
CA ASN C 342 -6.51 19.10 -14.06
C ASN C 342 -5.44 18.74 -15.08
N GLY C 343 -4.28 18.15 -14.66
CA GLY C 343 -3.26 17.62 -15.63
C GLY C 343 -2.14 18.52 -16.16
N ASP C 344 -2.21 19.79 -15.75
CA ASP C 344 -1.22 20.84 -16.10
C ASP C 344 0.25 20.39 -15.89
N LEU C 345 1.04 20.42 -16.97
CA LEU C 345 2.47 20.13 -16.83
C LEU C 345 3.18 21.17 -15.92
N ILE C 346 3.62 20.75 -14.73
CA ILE C 346 4.48 21.60 -13.90
C ILE C 346 6.07 21.45 -14.10
N SER C 347 6.60 20.23 -14.22
CA SER C 347 8.03 20.08 -14.34
C SER C 347 8.21 18.83 -15.18
N ALA C 348 9.30 18.85 -15.91
CA ALA C 348 9.70 17.71 -16.71
C ALA C 348 11.22 17.78 -16.73
N ASP C 349 11.84 17.21 -15.72
CA ASP C 349 13.31 17.29 -15.50
C ASP C 349 14.00 15.99 -15.82
N LYS C 350 15.10 16.08 -16.59
CA LYS C 350 16.02 14.97 -16.83
C LYS C 350 16.42 14.28 -15.50
N LEU C 351 16.31 12.95 -15.41
CA LEU C 351 16.75 12.16 -14.22
C LEU C 351 18.28 12.00 -14.02
N ASP C 352 19.03 12.41 -15.07
CA ASP C 352 20.50 12.54 -15.04
C ASP C 352 20.92 13.25 -16.33
N ASP C 353 21.95 14.10 -16.30
CA ASP C 353 22.29 14.82 -17.59
C ASP C 353 22.59 13.96 -18.84
N THR C 354 22.82 12.66 -18.63
CA THR C 354 23.33 11.87 -19.74
C THR C 354 22.25 11.43 -20.70
N VAL C 355 20.98 11.76 -20.36
CA VAL C 355 19.76 11.45 -21.23
C VAL C 355 19.91 12.12 -22.59
N ASN C 356 19.57 11.42 -23.66
CA ASN C 356 19.84 12.02 -24.94
C ASN C 356 18.85 11.61 -25.99
N VAL C 357 17.93 10.70 -25.68
CA VAL C 357 16.85 10.46 -26.65
C VAL C 357 16.05 11.80 -26.88
N PHE C 358 16.05 12.72 -25.89
CA PHE C 358 15.47 14.03 -26.04
C PHE C 358 16.43 15.18 -25.69
N LYS C 359 16.40 16.28 -26.44
CA LYS C 359 17.20 17.49 -26.04
C LYS C 359 16.57 18.00 -24.74
N THR C 360 15.22 18.03 -24.73
CA THR C 360 14.49 18.61 -23.63
C THR C 360 13.00 18.25 -23.76
N VAL C 361 12.24 18.57 -22.71
CA VAL C 361 10.78 18.50 -22.81
C VAL C 361 10.21 19.93 -22.83
N ASP C 362 9.59 20.34 -23.92
CA ASP C 362 8.98 21.67 -23.95
C ASP C 362 7.84 21.72 -22.98
N LEU C 363 7.94 22.57 -21.95
CA LEU C 363 6.94 22.70 -20.87
C LEU C 363 5.63 23.35 -21.31
N LYS C 364 5.60 24.04 -22.45
CA LYS C 364 4.40 24.74 -22.87
C LYS C 364 3.70 23.87 -23.84
N THR C 365 4.43 23.33 -24.79
CA THR C 365 3.80 22.44 -25.73
C THR C 365 3.64 21.03 -25.13
N GLY C 366 4.56 20.66 -24.24
CA GLY C 366 4.52 19.38 -23.53
C GLY C 366 5.18 18.30 -24.34
N LEU C 367 5.73 18.68 -25.49
CA LEU C 367 6.33 17.65 -26.32
C LEU C 367 7.80 17.49 -25.96
N PRO C 368 8.26 16.24 -25.95
CA PRO C 368 9.63 16.11 -25.65
C PRO C 368 10.34 16.36 -26.98
N VAL C 369 11.29 17.27 -27.01
CA VAL C 369 12.08 17.52 -28.23
C VAL C 369 13.06 16.37 -28.56
N ARG C 370 12.74 15.64 -29.63
CA ARG C 370 13.50 14.45 -30.04
C ARG C 370 14.88 14.77 -30.60
N ASP C 371 15.89 14.01 -30.25
CA ASP C 371 17.20 14.18 -30.85
C ASP C 371 17.35 13.04 -31.82
N PRO C 372 17.21 13.28 -33.12
CA PRO C 372 17.07 12.08 -34.01
C PRO C 372 18.37 11.20 -34.09
N GLU C 373 19.46 11.72 -33.53
CA GLU C 373 20.68 10.97 -33.47
C GLU C 373 20.51 9.71 -32.59
N TYR C 374 19.64 9.85 -31.58
CA TYR C 374 19.35 8.74 -30.68
C TYR C 374 17.98 8.07 -30.84
N GLY C 375 17.42 8.04 -32.04
CA GLY C 375 16.15 7.35 -32.23
C GLY C 375 16.38 5.97 -32.82
N THR C 376 15.34 5.23 -33.20
CA THR C 376 15.57 3.88 -33.69
C THR C 376 14.77 3.59 -34.99
N ARG C 377 15.14 2.58 -35.79
CA ARG C 377 14.48 2.34 -37.12
C ARG C 377 15.00 1.10 -37.80
N MET C 378 14.22 0.50 -38.68
CA MET C 378 14.70 -0.61 -39.47
C MET C 378 15.97 -0.16 -40.22
N ASP C 379 16.86 -1.10 -40.58
CA ASP C 379 18.12 -0.81 -41.34
C ASP C 379 19.11 0.19 -40.66
N HIS C 380 18.98 0.33 -39.33
CA HIS C 380 19.95 1.10 -38.55
C HIS C 380 20.25 0.48 -37.16
N LYS C 381 21.49 0.57 -36.69
CA LYS C 381 21.81 0.19 -35.35
C LYS C 381 22.16 1.46 -34.60
N GLY C 382 21.27 1.87 -33.71
CA GLY C 382 21.54 3.06 -32.91
C GLY C 382 22.48 2.73 -31.79
N THR C 383 23.17 3.73 -31.24
CA THR C 383 24.26 3.41 -30.33
C THR C 383 24.40 4.43 -29.25
N ASP C 384 24.83 4.03 -28.07
CA ASP C 384 25.00 4.97 -26.97
C ASP C 384 23.71 5.75 -26.61
N ILE C 385 22.56 5.13 -26.86
CA ILE C 385 21.32 5.72 -26.51
C ILE C 385 21.13 5.69 -24.99
N CYS C 386 21.03 6.85 -24.37
CA CYS C 386 20.54 6.94 -23.00
C CYS C 386 19.18 7.61 -22.90
N PRO C 387 18.26 7.00 -22.08
CA PRO C 387 18.31 5.66 -21.36
C PRO C 387 18.13 4.42 -22.23
N SER C 388 18.51 3.26 -21.69
CA SER C 388 18.23 1.99 -22.38
C SER C 388 16.73 1.58 -22.20
N ALA C 389 16.31 0.55 -22.92
CA ALA C 389 15.01 -0.04 -22.63
C ALA C 389 14.75 -0.24 -21.10
N MET C 390 15.80 -0.52 -20.32
CA MET C 390 15.55 -0.73 -18.90
C MET C 390 15.12 0.57 -18.24
N GLY C 391 15.40 1.67 -18.89
CA GLY C 391 15.02 2.96 -18.33
C GLY C 391 16.05 3.47 -17.34
N TYR C 392 16.03 4.79 -17.07
CA TYR C 392 16.77 5.39 -15.95
C TYR C 392 16.03 5.22 -14.62
N HIS C 393 14.80 4.74 -14.73
CA HIS C 393 13.99 4.36 -13.61
C HIS C 393 13.05 3.31 -14.12
N ASN C 394 12.73 2.37 -13.26
CA ASN C 394 11.92 1.25 -13.67
C ASN C 394 10.93 1.05 -12.52
N GLN C 395 10.53 -0.20 -12.32
CA GLN C 395 9.42 -0.60 -11.42
C GLN C 395 9.56 -0.24 -9.93
N GLY C 396 10.68 0.30 -9.48
CA GLY C 396 10.87 0.51 -8.04
C GLY C 396 9.87 1.50 -7.47
N HIS C 397 9.21 1.14 -6.36
CA HIS C 397 8.36 2.12 -5.74
C HIS C 397 9.10 3.07 -4.82
N ASP C 398 9.30 4.31 -5.30
CA ASP C 398 10.07 5.31 -4.52
C ASP C 398 9.31 5.87 -3.38
N SER C 399 9.85 6.91 -2.74
CA SER C 399 9.20 7.38 -1.50
C SER C 399 9.27 8.88 -1.55
N TYR C 400 8.39 9.57 -0.79
CA TYR C 400 8.40 11.06 -0.78
C TYR C 400 8.20 11.57 0.58
N ASP C 401 9.10 12.45 0.99
CA ASP C 401 9.00 13.00 2.33
C ASP C 401 8.37 14.38 2.26
N PRO C 402 7.10 14.48 2.77
CA PRO C 402 6.17 15.66 2.79
C PRO C 402 6.74 16.80 3.60
N GLN C 403 7.05 16.55 4.88
CA GLN C 403 7.89 17.53 5.67
C GLN C 403 9.11 18.11 4.91
N LYS C 404 9.90 17.32 4.23
CA LYS C 404 11.12 17.86 3.56
C LYS C 404 10.94 18.17 2.09
N GLN C 405 9.83 17.71 1.55
CA GLN C 405 9.54 17.84 0.16
C GLN C 405 10.60 17.26 -0.76
N LEU C 406 11.24 16.16 -0.38
CA LEU C 406 12.16 15.51 -1.31
C LEU C 406 11.66 14.10 -1.67
N PHE C 407 11.85 13.76 -2.94
CA PHE C 407 11.51 12.49 -3.51
C PHE C 407 12.85 11.80 -3.49
N PHE C 408 12.88 10.64 -2.83
CA PHE C 408 14.04 9.74 -2.83
C PHE C 408 13.90 8.65 -3.88
N MET C 409 14.71 8.72 -4.93
CA MET C 409 14.56 7.94 -6.15
C MET C 409 15.66 6.89 -6.39
N GLY C 410 15.21 5.63 -6.54
CA GLY C 410 16.04 4.53 -6.94
C GLY C 410 16.18 4.58 -8.44
N ILE C 411 17.37 4.89 -8.93
CA ILE C 411 17.58 5.17 -10.35
C ILE C 411 18.52 4.19 -11.02
N ASN C 412 18.37 4.00 -12.34
CA ASN C 412 19.32 3.19 -13.16
C ASN C 412 20.22 4.04 -14.15
N HIS C 413 21.42 3.51 -14.44
CA HIS C 413 22.33 4.18 -15.30
C HIS C 413 22.78 3.17 -16.31
N ILE C 414 21.92 2.93 -17.30
CA ILE C 414 22.17 1.89 -18.30
C ILE C 414 21.80 2.56 -19.62
N CYS C 415 22.56 2.28 -20.71
CA CYS C 415 22.39 2.95 -22.02
C CYS C 415 22.46 1.82 -22.98
N MET C 416 22.37 2.07 -24.30
CA MET C 416 22.22 0.90 -25.21
C MET C 416 22.57 1.13 -26.65
N ASP C 417 22.91 0.04 -27.32
CA ASP C 417 22.78 0.01 -28.77
C ASP C 417 21.48 -0.75 -29.05
N TRP C 418 20.83 -0.47 -30.18
CA TRP C 418 19.54 -1.05 -30.46
C TRP C 418 19.45 -1.10 -31.95
N GLU C 419 18.81 -2.15 -32.47
CA GLU C 419 18.46 -2.29 -33.92
C GLU C 419 17.26 -3.24 -33.97
N PRO C 420 16.23 -2.93 -34.80
CA PRO C 420 15.03 -3.81 -34.95
C PRO C 420 14.95 -4.79 -36.12
N PHE C 421 13.92 -5.63 -36.08
CA PHE C 421 13.71 -6.54 -37.20
C PHE C 421 12.23 -6.89 -37.43
N MET C 422 11.87 -7.19 -38.64
CA MET C 422 10.50 -7.41 -38.89
C MET C 422 10.13 -8.73 -38.27
N LEU C 423 8.83 -8.95 -37.99
CA LEU C 423 8.34 -10.23 -37.59
C LEU C 423 6.85 -10.12 -37.56
N PRO C 424 6.16 -11.27 -37.69
CA PRO C 424 4.68 -11.33 -37.71
C PRO C 424 4.01 -11.31 -36.32
N TYR C 425 2.75 -10.95 -36.20
CA TYR C 425 2.00 -11.23 -34.99
C TYR C 425 1.36 -12.58 -34.95
N ARG C 426 1.81 -13.33 -33.97
CA ARG C 426 1.09 -14.54 -33.64
C ARG C 426 0.70 -14.55 -32.16
N ALA C 427 -0.61 -14.58 -31.89
CA ALA C 427 -1.12 -14.50 -30.55
C ALA C 427 -0.55 -15.64 -29.71
N GLY C 428 -0.16 -15.37 -28.45
CA GLY C 428 0.44 -16.42 -27.64
C GLY C 428 1.97 -16.48 -27.75
N GLN C 429 2.54 -15.77 -28.74
CA GLN C 429 3.96 -15.70 -29.00
C GLN C 429 4.46 -14.28 -28.71
N PHE C 430 5.77 -14.20 -28.49
CA PHE C 430 6.44 -12.93 -28.21
C PHE C 430 6.27 -12.12 -29.44
N PHE C 431 6.42 -10.78 -29.33
CA PHE C 431 6.18 -9.78 -30.39
C PHE C 431 6.99 -8.49 -30.10
N VAL C 432 8.30 -8.67 -30.02
CA VAL C 432 9.27 -7.67 -29.62
C VAL C 432 9.89 -7.03 -30.85
N GLY C 433 10.72 -7.79 -31.57
CA GLY C 433 11.33 -7.29 -32.80
C GLY C 433 12.37 -6.21 -32.66
N ALA C 434 13.32 -6.39 -31.74
CA ALA C 434 14.54 -5.57 -31.64
C ALA C 434 15.60 -6.42 -30.93
N THR C 435 16.88 -6.02 -31.01
CA THR C 435 18.03 -6.70 -30.45
C THR C 435 18.73 -5.59 -29.72
N LEU C 436 19.03 -5.76 -28.45
CA LEU C 436 19.77 -4.73 -27.69
C LEU C 436 21.04 -5.26 -27.05
N TRP C 437 21.91 -4.30 -26.79
CA TRP C 437 23.13 -4.52 -26.12
C TRP C 437 22.98 -3.36 -25.19
N MET C 438 23.13 -3.59 -23.88
CA MET C 438 23.04 -2.54 -22.85
C MET C 438 24.28 -2.58 -21.96
N TYR C 439 24.57 -1.52 -21.22
CA TYR C 439 25.86 -1.40 -20.52
C TYR C 439 25.81 -0.18 -19.68
N PRO C 440 26.75 -0.05 -18.73
CA PRO C 440 26.71 1.07 -17.78
C PRO C 440 26.74 2.30 -18.58
N GLY C 441 26.07 3.34 -18.11
CA GLY C 441 26.07 4.57 -18.88
C GLY C 441 27.34 5.31 -18.59
N PRO C 442 27.55 6.42 -19.32
CA PRO C 442 28.62 7.37 -19.17
C PRO C 442 29.25 7.61 -17.75
N LYS C 443 28.49 7.71 -16.69
CA LYS C 443 29.15 7.93 -15.39
C LYS C 443 29.49 6.60 -14.75
N GLY C 444 29.30 5.51 -15.50
CA GLY C 444 29.47 4.17 -14.91
C GLY C 444 30.83 3.63 -15.24
N ASP C 445 31.11 2.43 -14.81
CA ASP C 445 32.32 1.84 -15.30
C ASP C 445 32.06 0.93 -16.51
N ARG C 446 32.00 1.49 -17.71
CA ARG C 446 31.56 0.73 -18.87
C ARG C 446 32.37 -0.54 -19.19
N GLN C 447 33.68 -0.39 -19.19
CA GLN C 447 34.49 -1.49 -19.65
C GLN C 447 34.46 -2.61 -18.63
N ASN C 448 34.28 -2.29 -17.37
CA ASN C 448 34.17 -3.34 -16.41
C ASN C 448 32.78 -3.83 -16.08
N TYR C 449 31.75 -3.21 -16.69
CA TYR C 449 30.36 -3.53 -16.47
C TYR C 449 29.99 -3.40 -14.99
N LEU C 450 30.25 -2.21 -14.44
CA LEU C 450 29.69 -1.83 -13.15
C LEU C 450 29.31 -0.35 -13.12
N GLY C 451 28.83 0.10 -11.99
CA GLY C 451 28.27 1.46 -11.86
C GLY C 451 26.94 1.61 -12.62
N LEU C 452 25.93 0.83 -12.21
CA LEU C 452 24.73 0.74 -13.02
C LEU C 452 23.52 1.45 -12.34
N GLY C 453 23.75 2.09 -11.19
CA GLY C 453 22.67 2.66 -10.40
C GLY C 453 22.98 4.00 -9.79
N GLN C 454 21.94 4.75 -9.36
CA GLN C 454 22.12 5.99 -8.62
C GLN C 454 21.02 6.05 -7.61
N ILE C 455 21.17 6.94 -6.65
CA ILE C 455 20.17 7.18 -5.65
C ILE C 455 20.21 8.69 -5.48
N LYS C 456 19.07 9.40 -5.56
CA LYS C 456 19.09 10.87 -5.59
C LYS C 456 17.97 11.42 -4.74
N ALA C 457 18.18 12.58 -4.12
CA ALA C 457 17.08 13.37 -3.53
C ALA C 457 16.64 14.48 -4.50
N TYR C 458 15.31 14.62 -4.68
CA TYR C 458 14.77 15.53 -5.71
C TYR C 458 13.64 16.33 -5.21
N ASN C 459 13.71 17.62 -5.59
CA ASN C 459 12.61 18.61 -5.28
C ASN C 459 11.98 19.00 -6.58
N ALA C 460 10.67 18.81 -6.65
CA ALA C 460 9.99 18.73 -7.91
C ALA C 460 9.59 20.10 -8.41
N ILE C 461 9.53 21.02 -7.46
CA ILE C 461 9.35 22.44 -7.78
C ILE C 461 10.63 23.14 -8.15
N THR C 462 11.70 22.97 -7.38
CA THR C 462 12.93 23.75 -7.75
C THR C 462 13.72 23.14 -8.90
N ASN C 463 13.42 21.88 -9.25
CA ASN C 463 14.14 21.06 -10.28
C ASN C 463 15.57 20.67 -9.85
N GLU C 464 15.86 20.64 -8.54
CA GLU C 464 17.20 20.34 -8.09
C GLU C 464 17.26 19.12 -7.26
N TYR C 465 18.33 18.35 -7.43
CA TYR C 465 18.61 17.27 -6.54
C TYR C 465 19.36 17.73 -5.29
N LYS C 466 18.93 17.33 -4.10
CA LYS C 466 19.66 17.71 -2.90
C LYS C 466 20.99 16.96 -3.02
N TRP C 467 20.95 15.67 -3.37
CA TRP C 467 22.20 14.92 -3.45
C TRP C 467 22.04 13.70 -4.31
N GLN C 468 23.15 13.13 -4.70
CA GLN C 468 23.11 12.00 -5.59
C GLN C 468 24.38 11.20 -5.43
N HIS C 469 24.36 9.96 -5.93
CA HIS C 469 25.37 8.96 -5.58
C HIS C 469 25.36 7.83 -6.58
N MET C 470 26.49 7.18 -6.76
CA MET C 470 26.46 6.06 -7.65
C MET C 470 26.35 4.81 -6.80
N GLU C 471 25.82 3.76 -7.40
CA GLU C 471 25.61 2.49 -6.77
C GLU C 471 26.16 1.49 -7.78
N ARG C 472 26.75 0.41 -7.28
CA ARG C 472 27.39 -0.54 -8.15
C ARG C 472 26.38 -0.99 -9.21
N PHE C 473 25.15 -1.31 -8.74
CA PHE C 473 24.10 -1.77 -9.60
C PHE C 473 22.82 -0.89 -9.57
N SER C 474 21.97 -0.97 -10.61
CA SER C 474 20.72 -0.18 -10.69
C SER C 474 20.01 -0.29 -9.39
N VAL C 475 19.48 0.84 -8.83
CA VAL C 475 18.66 0.70 -7.61
C VAL C 475 17.21 0.39 -8.05
N TRP C 476 16.88 -0.90 -8.00
CA TRP C 476 15.78 -1.37 -8.73
C TRP C 476 14.49 -1.40 -7.92
N GLY C 477 14.57 -1.61 -6.60
CA GLY C 477 13.43 -1.92 -5.82
C GLY C 477 12.77 -0.76 -5.08
N GLY C 478 13.13 0.49 -5.35
CA GLY C 478 12.48 1.57 -4.58
C GLY C 478 13.03 1.88 -3.18
N THR C 479 12.48 2.90 -2.52
CA THR C 479 13.04 3.45 -1.31
C THR C 479 11.92 3.64 -0.30
N LEU C 480 12.27 3.86 0.97
CA LEU C 480 11.28 4.09 2.04
C LEU C 480 11.84 5.28 2.81
N ALA C 481 11.03 6.28 3.07
CA ALA C 481 11.59 7.43 3.75
C ALA C 481 10.89 7.48 5.09
N THR C 482 11.60 7.97 6.11
CA THR C 482 10.97 8.15 7.43
C THR C 482 11.28 9.51 8.08
N ALA C 483 10.51 9.78 9.14
CA ALA C 483 10.50 11.07 9.80
C ALA C 483 11.84 11.12 10.57
N GLY C 484 12.41 9.91 10.75
CA GLY C 484 13.71 9.63 11.39
C GLY C 484 14.89 10.12 10.61
N ASN C 485 14.66 10.72 9.44
CA ASN C 485 15.72 11.23 8.59
C ASN C 485 16.47 10.21 7.75
N LEU C 486 15.79 9.13 7.48
CA LEU C 486 16.43 7.99 6.93
C LEU C 486 15.62 7.72 5.68
N VAL C 487 16.34 7.29 4.64
CA VAL C 487 15.76 6.77 3.43
C VAL C 487 16.48 5.45 3.37
N PHE C 488 15.71 4.36 3.41
CA PHE C 488 16.18 2.99 3.25
C PHE C 488 15.97 2.45 1.86
N TYR C 489 16.81 1.56 1.37
CA TYR C 489 16.48 0.90 0.09
C TYR C 489 17.42 -0.29 -0.02
N GLY C 490 16.98 -1.31 -0.76
CA GLY C 490 17.79 -2.48 -1.02
C GLY C 490 18.54 -2.29 -2.32
N THR C 491 19.58 -3.13 -2.54
CA THR C 491 20.37 -3.08 -3.77
C THR C 491 20.48 -4.43 -4.39
N LEU C 492 20.71 -4.47 -5.68
CA LEU C 492 20.62 -5.74 -6.35
C LEU C 492 21.70 -6.71 -5.87
N ASP C 493 22.75 -6.12 -5.29
CA ASP C 493 23.82 -6.94 -4.68
C ASP C 493 23.62 -7.37 -3.23
N GLY C 494 22.43 -7.19 -2.60
CA GLY C 494 22.11 -7.83 -1.32
C GLY C 494 22.35 -6.94 -0.10
N PHE C 495 22.16 -5.62 -0.20
CA PHE C 495 22.25 -4.83 1.02
C PHE C 495 20.95 -4.14 1.29
N LEU C 496 20.53 -4.02 2.55
CA LEU C 496 19.59 -2.99 2.90
C LEU C 496 20.47 -1.79 3.28
N LYS C 497 20.16 -0.57 2.86
CA LYS C 497 21.06 0.49 3.16
C LYS C 497 20.27 1.66 3.66
N ALA C 498 20.85 2.44 4.57
CA ALA C 498 20.20 3.58 5.20
C ALA C 498 21.12 4.78 5.03
N ARG C 499 20.61 5.77 4.30
CA ARG C 499 21.31 6.98 4.02
C ARG C 499 20.67 8.05 4.88
N ASN C 500 21.41 9.13 5.13
CA ASN C 500 20.87 10.20 5.94
C ASN C 500 20.01 10.96 4.92
N SER C 501 18.74 11.28 5.20
CA SER C 501 17.90 11.76 4.09
C SER C 501 18.19 13.21 3.63
N ASP C 502 18.41 14.17 4.56
CA ASP C 502 18.95 15.50 4.16
C ASP C 502 20.32 15.47 3.44
N THR C 503 21.25 14.57 3.80
CA THR C 503 22.66 14.74 3.32
C THR C 503 23.03 13.72 2.28
N GLY C 504 22.45 12.55 2.45
CA GLY C 504 22.64 11.47 1.49
C GLY C 504 23.76 10.59 1.99
N GLU C 505 24.05 10.69 3.28
CA GLU C 505 25.22 10.06 3.77
C GLU C 505 24.82 8.62 4.08
N LEU C 506 25.58 7.70 3.51
CA LEU C 506 25.39 6.30 3.82
C LEU C 506 25.79 6.06 5.29
N VAL C 507 24.87 5.68 6.16
CA VAL C 507 25.17 5.47 7.56
C VAL C 507 24.98 4.00 8.03
N TRP C 508 24.46 3.11 7.18
CA TRP C 508 24.16 1.74 7.70
C TRP C 508 23.79 0.73 6.62
N LYS C 509 24.35 -0.46 6.71
CA LYS C 509 24.02 -1.44 5.72
C LYS C 509 24.21 -2.79 6.32
N HIS C 510 23.37 -3.74 5.89
CA HIS C 510 23.41 -5.13 6.36
C HIS C 510 23.28 -6.06 5.17
N LYS C 511 24.14 -7.07 5.13
CA LYS C 511 24.15 -7.98 4.02
C LYS C 511 23.01 -9.00 4.18
N LEU C 512 22.11 -8.97 3.22
CA LEU C 512 20.94 -9.80 3.18
C LEU C 512 21.29 -11.09 2.39
N PRO C 513 20.44 -12.15 2.50
CA PRO C 513 20.73 -13.37 1.75
C PRO C 513 20.93 -13.16 0.21
N SER C 514 20.19 -12.21 -0.38
CA SER C 514 20.06 -12.10 -1.81
C SER C 514 19.72 -10.67 -2.20
N GLY C 515 20.04 -10.29 -3.44
CA GLY C 515 19.65 -8.99 -3.98
C GLY C 515 18.17 -8.66 -3.83
N VAL C 516 17.92 -7.35 -3.73
CA VAL C 516 16.61 -6.78 -3.45
C VAL C 516 16.01 -6.08 -4.68
N ILE C 517 14.74 -6.38 -4.98
CA ILE C 517 14.01 -5.77 -6.09
C ILE C 517 12.60 -5.29 -5.63
N GLY C 518 12.30 -5.46 -4.33
CA GLY C 518 11.14 -4.83 -3.70
C GLY C 518 11.48 -3.63 -2.76
N TYR C 519 10.45 -3.02 -2.15
CA TYR C 519 10.73 -1.82 -1.39
C TYR C 519 10.73 -2.04 0.12
N PRO C 520 11.58 -1.30 0.84
CA PRO C 520 11.47 -1.55 2.28
C PRO C 520 10.14 -1.00 2.74
N MET C 521 9.59 -1.62 3.79
CA MET C 521 8.41 -1.10 4.48
C MET C 521 8.64 -1.21 5.96
N THR C 522 7.74 -0.58 6.74
CA THR C 522 7.92 -0.36 8.23
C THR C 522 6.55 -0.20 8.90
N TYR C 523 6.50 -0.41 10.21
CA TYR C 523 5.29 -0.60 11.00
C TYR C 523 5.68 -0.86 12.47
N GLU C 524 4.76 -0.55 13.36
CA GLU C 524 5.06 -0.60 14.79
C GLU C 524 4.19 -1.62 15.51
N HIS C 525 4.80 -2.70 16.00
CA HIS C 525 4.02 -3.70 16.70
C HIS C 525 4.50 -3.76 18.14
N LYS C 526 3.54 -3.75 19.05
CA LYS C 526 3.82 -3.59 20.49
C LYS C 526 4.94 -2.60 20.90
N GLY C 527 4.95 -1.36 20.38
CA GLY C 527 5.89 -0.33 20.84
C GLY C 527 7.19 -0.31 20.02
N VAL C 528 7.42 -1.45 19.32
CA VAL C 528 8.64 -1.69 18.55
C VAL C 528 8.44 -1.40 17.08
N GLN C 529 9.35 -0.63 16.52
CA GLN C 529 9.35 -0.35 15.10
C GLN C 529 10.16 -1.34 14.28
N TYR C 530 9.56 -1.85 13.20
CA TYR C 530 10.21 -2.81 12.31
C TYR C 530 10.35 -2.27 10.86
N ILE C 531 11.43 -2.65 10.19
CA ILE C 531 11.68 -2.38 8.76
C ILE C 531 11.83 -3.81 8.14
N ALA C 532 11.12 -4.07 7.01
CA ALA C 532 11.11 -5.38 6.37
C ALA C 532 11.36 -5.15 4.93
N VAL C 533 11.96 -6.13 4.24
CA VAL C 533 12.07 -5.99 2.84
C VAL C 533 12.13 -7.41 2.32
N MET C 534 11.53 -7.64 1.16
CA MET C 534 11.72 -8.87 0.41
C MET C 534 13.15 -8.97 -0.06
N SER C 535 13.66 -10.18 -0.12
CA SER C 535 15.01 -10.34 -0.63
C SER C 535 14.87 -11.51 -1.60
N GLY C 536 15.56 -11.51 -2.78
CA GLY C 536 15.33 -12.51 -3.81
C GLY C 536 15.47 -11.89 -5.17
N VAL C 537 16.68 -11.90 -5.70
CA VAL C 537 17.00 -11.15 -6.88
C VAL C 537 16.31 -11.75 -8.10
N GLY C 538 16.13 -10.95 -9.13
CA GLY C 538 15.48 -11.47 -10.34
C GLY C 538 14.83 -10.27 -10.98
N GLY C 539 13.66 -10.42 -11.60
CA GLY C 539 13.15 -9.26 -12.35
C GLY C 539 14.06 -9.16 -13.57
N TRP C 540 13.95 -8.08 -14.35
CA TRP C 540 14.74 -7.99 -15.59
C TRP C 540 16.27 -8.01 -15.34
N PRO C 541 16.73 -7.27 -14.30
CA PRO C 541 18.22 -7.27 -14.12
C PRO C 541 18.66 -8.63 -13.68
N GLY C 542 17.79 -9.39 -13.08
CA GLY C 542 18.24 -10.73 -12.73
C GLY C 542 18.11 -11.79 -13.80
N VAL C 543 17.57 -11.55 -14.99
CA VAL C 543 17.23 -12.71 -15.87
C VAL C 543 18.47 -13.57 -16.24
N GLY C 544 19.63 -12.93 -16.45
CA GLY C 544 20.84 -13.65 -16.79
C GLY C 544 21.25 -14.67 -15.74
N LEU C 545 21.21 -14.26 -14.48
CA LEU C 545 21.46 -15.11 -13.35
C LEU C 545 20.37 -16.21 -13.13
N VAL C 546 19.10 -15.80 -13.10
CA VAL C 546 17.94 -16.67 -12.82
C VAL C 546 17.89 -17.82 -13.83
N PHE C 547 17.94 -17.54 -15.13
CA PHE C 547 17.80 -18.56 -16.16
C PHE C 547 19.12 -19.11 -16.68
N ASP C 548 20.19 -18.47 -16.20
CA ASP C 548 21.59 -18.86 -16.47
C ASP C 548 21.98 -18.61 -17.92
N LEU C 549 21.83 -17.36 -18.41
CA LEU C 549 21.97 -17.08 -19.83
C LEU C 549 23.37 -16.59 -20.03
N GLN C 550 23.93 -16.73 -21.21
CA GLN C 550 25.27 -16.12 -21.43
C GLN C 550 25.34 -15.12 -22.60
N ASP C 551 24.65 -15.45 -23.70
CA ASP C 551 24.38 -14.55 -24.81
C ASP C 551 24.00 -13.20 -24.24
N PRO C 552 24.81 -12.14 -24.46
CA PRO C 552 24.56 -10.80 -23.89
C PRO C 552 23.32 -10.00 -24.45
N THR C 553 22.72 -10.46 -25.54
CA THR C 553 21.55 -9.81 -26.02
C THR C 553 20.40 -10.67 -25.57
N ALA C 554 20.65 -11.77 -24.85
CA ALA C 554 19.50 -12.55 -24.32
C ALA C 554 18.89 -11.70 -23.21
N GLY C 555 17.70 -12.12 -22.72
CA GLY C 555 17.00 -11.36 -21.65
C GLY C 555 16.54 -10.04 -22.16
N LEU C 556 16.24 -10.02 -23.48
CA LEU C 556 15.93 -8.82 -24.20
C LEU C 556 17.01 -7.75 -24.00
N GLY C 557 18.30 -8.14 -23.95
CA GLY C 557 19.43 -7.20 -23.84
C GLY C 557 20.00 -7.07 -22.45
N ALA C 558 19.25 -7.52 -21.42
CA ALA C 558 19.69 -7.45 -20.00
C ALA C 558 20.87 -8.35 -19.64
N VAL C 559 20.95 -9.54 -20.20
CA VAL C 559 22.04 -10.37 -19.87
C VAL C 559 23.42 -9.73 -19.93
N GLY C 560 23.82 -8.97 -20.94
CA GLY C 560 25.20 -8.40 -21.01
C GLY C 560 25.42 -7.27 -20.03
N ALA C 561 24.45 -6.36 -20.00
CA ALA C 561 24.50 -5.33 -18.97
C ALA C 561 24.74 -5.90 -17.61
N PHE C 562 24.09 -7.03 -17.26
CA PHE C 562 24.13 -7.47 -15.84
C PHE C 562 25.10 -8.62 -15.50
N LYS C 563 26.14 -8.72 -16.34
CA LYS C 563 27.00 -9.90 -16.37
C LYS C 563 27.70 -10.14 -15.01
N ASN C 564 27.98 -9.07 -14.27
CA ASN C 564 28.72 -9.19 -13.01
C ASN C 564 27.86 -9.39 -11.75
N LEU C 565 26.54 -9.28 -11.92
CA LEU C 565 25.60 -9.38 -10.82
C LEU C 565 25.83 -10.69 -10.14
N GLN C 566 25.84 -11.76 -10.91
CA GLN C 566 26.13 -13.07 -10.29
C GLN C 566 27.39 -13.28 -9.42
N ASN C 567 28.32 -12.34 -9.39
CA ASN C 567 29.47 -12.34 -8.51
C ASN C 567 29.23 -11.79 -7.11
N TYR C 568 28.06 -11.19 -6.92
CA TYR C 568 27.57 -10.58 -5.66
C TYR C 568 26.25 -11.17 -5.10
N THR C 569 25.50 -11.92 -5.90
CA THR C 569 24.30 -12.56 -5.42
C THR C 569 23.94 -13.83 -6.17
N GLN C 570 23.16 -14.69 -5.51
CA GLN C 570 22.42 -15.80 -6.12
C GLN C 570 20.87 -15.54 -5.81
N MET C 571 19.95 -16.37 -6.30
CA MET C 571 18.56 -16.19 -6.02
C MET C 571 18.36 -16.50 -4.54
N GLY C 572 17.39 -15.83 -3.91
CA GLY C 572 16.69 -16.41 -2.77
C GLY C 572 15.17 -16.17 -2.85
N GLY C 573 14.58 -15.92 -1.69
CA GLY C 573 13.20 -15.48 -1.59
C GLY C 573 12.69 -15.52 -0.15
N SER C 574 12.73 -14.37 0.52
CA SER C 574 12.44 -14.29 1.90
C SER C 574 12.14 -12.87 2.22
N LEU C 575 11.69 -12.71 3.45
CA LEU C 575 11.38 -11.45 4.05
C LEU C 575 12.33 -11.36 5.21
N GLU C 576 13.09 -10.27 5.27
CA GLU C 576 14.06 -9.92 6.28
C GLU C 576 13.56 -8.70 7.09
N VAL C 577 13.49 -8.85 8.41
CA VAL C 577 12.99 -7.81 9.27
C VAL C 577 14.07 -7.35 10.26
N PHE C 578 14.14 -6.04 10.42
CA PHE C 578 15.12 -5.36 11.28
C PHE C 578 14.49 -4.48 12.31
N SER C 579 15.10 -4.32 13.48
CA SER C 579 14.64 -3.34 14.49
C SER C 579 15.81 -2.95 15.39
N LEU C 580 15.64 -1.90 16.19
CA LEU C 580 16.67 -1.49 17.20
C LEU C 580 17.12 -2.64 18.08
N ASP C 581 18.41 -2.96 18.00
CA ASP C 581 18.95 -4.16 18.68
C ASP C 581 18.30 -5.53 18.38
N GLY C 582 17.63 -5.67 17.23
CA GLY C 582 16.92 -6.89 16.92
C GLY C 582 15.79 -7.30 17.86
N LYS C 583 15.31 -6.37 18.64
CA LYS C 583 14.16 -6.63 19.48
C LYS C 583 13.05 -7.35 18.64
N ASN C 584 12.49 -8.42 19.20
CA ASN C 584 11.42 -9.23 18.59
C ASN C 584 10.86 -10.18 19.63
N PRO C 585 9.69 -10.79 19.32
CA PRO C 585 9.01 -11.73 20.28
C PRO C 585 9.87 -12.86 20.79
N TYR C 586 10.92 -13.16 20.06
CA TYR C 586 11.68 -14.30 20.45
C TYR C 586 12.73 -13.98 21.51
N ASP C 587 13.05 -12.70 21.66
CA ASP C 587 13.53 -12.13 22.92
C ASP C 587 12.92 -12.80 24.21
N ASP C 588 11.64 -13.21 24.14
CA ASP C 588 11.05 -14.10 25.15
C ASP C 588 11.18 -15.56 24.68
N VAL C 589 12.23 -16.21 25.13
CA VAL C 589 12.62 -17.45 24.49
C VAL C 589 11.58 -18.56 24.67
N ASN C 590 10.58 -18.32 25.52
CA ASN C 590 9.37 -19.23 25.56
C ASN C 590 8.38 -19.11 24.41
N VAL C 591 8.37 -17.97 23.70
CA VAL C 591 7.38 -17.77 22.67
C VAL C 591 7.57 -18.80 21.52
N GLY C 592 6.54 -19.56 21.15
CA GLY C 592 6.81 -20.57 20.11
C GLY C 592 7.62 -21.81 20.57
N GLU C 593 7.80 -22.03 21.88
CA GLU C 593 8.36 -23.27 22.36
C GLU C 593 7.22 -24.25 22.60
N TYR C 594 7.62 -25.52 22.55
CA TYR C 594 6.84 -26.63 22.99
C TYR C 594 6.76 -26.58 24.52
N GLU C 595 7.90 -26.32 25.19
CA GLU C 595 7.96 -26.14 26.65
C GLU C 595 7.31 -24.88 27.18
N LYS C 596 8.05 -23.78 27.21
CA LYS C 596 7.40 -22.54 27.75
C LYS C 596 7.23 -22.70 29.21
N GLY C 597 8.34 -22.59 29.93
CA GLY C 597 8.40 -22.19 31.34
C GLY C 597 8.71 -20.68 31.48
N TYR D 1 12.37 14.14 -38.45
CA TYR D 1 11.34 14.06 -37.33
C TYR D 1 11.85 14.27 -35.88
N ASP D 2 11.68 15.50 -35.39
CA ASP D 2 12.14 15.91 -34.07
C ASP D 2 10.97 15.95 -33.07
N GLY D 3 9.77 15.66 -33.61
CA GLY D 3 8.51 15.49 -32.86
C GLY D 3 7.70 16.71 -32.54
N THR D 4 8.17 17.88 -32.96
CA THR D 4 7.47 19.15 -32.63
C THR D 4 6.53 19.68 -33.74
N HIS D 5 6.44 18.98 -34.86
CA HIS D 5 5.61 19.38 -35.96
C HIS D 5 4.32 18.57 -36.02
N CYS D 6 3.21 19.26 -35.75
CA CYS D 6 1.99 18.55 -35.50
C CYS D 6 0.91 18.84 -36.47
N LYS D 7 0.57 17.80 -37.21
CA LYS D 7 -0.53 17.71 -38.13
C LYS D 7 -1.79 18.05 -37.33
N ALA D 8 -1.72 17.98 -35.99
CA ALA D 8 -2.89 18.27 -35.13
C ALA D 8 -2.48 18.35 -33.66
N PRO D 9 -3.33 18.95 -32.78
CA PRO D 9 -2.98 18.76 -31.33
C PRO D 9 -3.00 17.29 -30.97
N GLY D 10 -1.95 16.83 -30.27
CA GLY D 10 -1.82 15.41 -29.84
C GLY D 10 -1.35 14.39 -30.90
N ASN D 11 -0.95 14.89 -32.06
CA ASN D 11 -0.63 14.08 -33.16
C ASN D 11 0.55 14.68 -33.96
N CYS D 12 1.79 14.42 -33.55
CA CYS D 12 3.01 15.09 -34.07
C CYS D 12 4.00 14.19 -34.78
N TRP D 13 3.50 13.00 -35.12
CA TRP D 13 4.28 11.97 -35.77
C TRP D 13 4.48 12.30 -37.26
N GLU D 14 5.74 12.14 -37.70
CA GLU D 14 6.21 12.42 -39.02
C GLU D 14 7.01 11.21 -39.38
N PRO D 15 7.01 10.80 -40.67
CA PRO D 15 7.99 9.79 -41.08
C PRO D 15 9.41 10.37 -41.05
N LYS D 16 10.37 9.47 -40.96
CA LYS D 16 11.77 9.82 -40.84
C LYS D 16 12.37 9.92 -42.24
N PRO D 17 13.48 10.70 -42.40
CA PRO D 17 14.17 10.80 -43.71
C PRO D 17 14.53 9.41 -44.28
N GLY D 18 13.89 9.11 -45.43
CA GLY D 18 13.91 7.83 -46.14
C GLY D 18 12.46 7.35 -46.21
N PHE D 19 11.92 7.09 -45.02
CA PHE D 19 10.67 6.38 -44.76
C PHE D 19 9.39 7.08 -45.18
N PRO D 20 8.36 6.29 -45.50
CA PRO D 20 7.06 6.75 -45.95
C PRO D 20 6.07 7.17 -44.81
N GLU D 21 4.92 7.74 -45.21
CA GLU D 21 3.85 8.22 -44.32
C GLU D 21 2.97 7.05 -44.01
N LYS D 22 3.05 6.06 -44.89
CA LYS D 22 2.21 4.87 -44.80
C LYS D 22 3.02 3.64 -45.19
N ILE D 23 2.82 2.58 -44.44
CA ILE D 23 3.65 1.39 -44.57
C ILE D 23 2.93 0.24 -45.32
N ALA D 24 1.59 0.18 -45.26
CA ALA D 24 0.88 -0.74 -46.17
C ALA D 24 1.54 -0.62 -47.55
N GLY D 25 1.74 -1.78 -48.18
CA GLY D 25 2.41 -1.90 -49.50
C GLY D 25 3.91 -1.62 -49.66
N SER D 26 4.58 -1.02 -48.66
CA SER D 26 6.04 -0.79 -48.69
C SER D 26 6.75 -2.07 -48.23
N LYS D 27 8.10 -2.01 -48.10
CA LYS D 27 8.93 -3.18 -47.63
C LYS D 27 8.78 -3.39 -46.12
N TYR D 28 7.98 -2.52 -45.51
CA TYR D 28 7.79 -2.57 -44.10
C TYR D 28 6.36 -2.92 -43.70
N ASP D 29 5.53 -3.28 -44.66
CA ASP D 29 4.19 -3.65 -44.34
C ASP D 29 4.20 -4.96 -43.46
N PRO D 30 3.56 -4.94 -42.30
CA PRO D 30 3.35 -6.00 -41.31
C PRO D 30 2.38 -7.08 -41.74
N LYS D 31 1.56 -6.80 -42.73
CA LYS D 31 0.72 -7.85 -43.25
C LYS D 31 0.07 -8.64 -42.12
N HIS D 32 -0.66 -7.93 -41.30
CA HIS D 32 -1.39 -8.64 -40.26
C HIS D 32 -2.69 -9.40 -40.67
N ASP D 33 -2.83 -10.52 -40.00
CA ASP D 33 -3.94 -11.32 -40.24
C ASP D 33 -5.02 -10.91 -39.18
N PRO D 34 -6.17 -10.40 -39.66
CA PRO D 34 -7.24 -9.96 -38.72
C PRO D 34 -7.71 -11.08 -37.80
N LYS D 35 -7.55 -12.33 -38.26
CA LYS D 35 -7.82 -13.50 -37.40
C LYS D 35 -6.91 -13.52 -36.17
N GLU D 36 -5.62 -13.23 -36.34
CA GLU D 36 -4.71 -13.15 -35.19
C GLU D 36 -5.07 -11.88 -34.39
N LEU D 37 -5.25 -10.77 -35.13
CA LEU D 37 -5.54 -9.47 -34.51
C LEU D 37 -6.68 -9.50 -33.51
N ASN D 38 -7.70 -10.27 -33.82
CA ASN D 38 -8.92 -10.30 -33.04
C ASN D 38 -9.04 -11.19 -31.85
N LYS D 39 -8.02 -11.98 -31.62
CA LYS D 39 -8.14 -13.10 -30.66
C LYS D 39 -8.26 -12.57 -29.28
N GLN D 40 -7.64 -11.41 -29.05
CA GLN D 40 -7.77 -10.76 -27.72
C GLN D 40 -9.20 -10.45 -27.37
N VAL D 41 -9.87 -9.73 -28.25
CA VAL D 41 -11.30 -9.42 -28.13
C VAL D 41 -12.06 -10.72 -28.02
N GLU D 42 -11.81 -11.63 -28.96
CA GLU D 42 -12.50 -12.94 -28.92
C GLU D 42 -12.35 -13.55 -27.55
N SER D 43 -11.13 -13.49 -27.03
CA SER D 43 -10.83 -14.20 -25.79
C SER D 43 -11.49 -13.52 -24.57
N ARG D 44 -11.46 -12.19 -24.52
CA ARG D 44 -12.16 -11.50 -23.44
C ARG D 44 -13.68 -11.77 -23.38
N LYS D 45 -14.33 -11.87 -24.55
CA LYS D 45 -15.78 -12.07 -24.61
C LYS D 45 -16.12 -13.26 -23.73
N GLY D 46 -15.31 -14.30 -23.90
CA GLY D 46 -15.45 -15.53 -23.16
C GLY D 46 -15.19 -15.31 -21.69
N GLU D 47 -14.06 -14.70 -21.32
CA GLU D 47 -13.82 -14.44 -19.88
C GLU D 47 -14.91 -13.62 -19.17
N GLU D 48 -15.39 -12.52 -19.77
CA GLU D 48 -16.38 -11.70 -19.07
C GLU D 48 -17.71 -12.47 -18.87
N GLU D 49 -17.92 -13.36 -19.82
CA GLU D 49 -19.07 -14.21 -19.86
C GLU D 49 -18.92 -15.24 -18.74
N ARG D 50 -17.77 -15.92 -18.66
CA ARG D 50 -17.54 -16.82 -17.48
C ARG D 50 -17.59 -16.13 -16.11
N ASN D 51 -17.05 -14.91 -16.02
CA ASN D 51 -17.11 -14.21 -14.73
C ASN D 51 -18.52 -13.80 -14.46
N ALA D 52 -19.28 -13.51 -15.50
CA ALA D 52 -20.66 -13.18 -15.21
C ALA D 52 -21.48 -14.45 -14.70
N ASN D 53 -21.19 -15.65 -15.25
CA ASN D 53 -21.77 -16.88 -14.62
C ASN D 53 -21.45 -16.97 -13.11
N ARG D 54 -20.19 -17.19 -12.78
CA ARG D 54 -19.68 -17.12 -11.43
C ARG D 54 -20.29 -16.10 -10.51
N ALA D 55 -20.39 -14.87 -11.01
CA ALA D 55 -20.93 -13.77 -10.20
C ALA D 55 -22.46 -13.90 -9.89
N GLU D 56 -23.22 -14.32 -10.90
CA GLU D 56 -24.64 -14.64 -10.73
C GLU D 56 -24.81 -15.81 -9.78
N HIS D 57 -24.00 -16.85 -10.01
CA HIS D 57 -24.10 -18.03 -9.20
C HIS D 57 -23.66 -17.85 -7.75
N PHE D 58 -22.74 -16.90 -7.53
CA PHE D 58 -22.30 -16.55 -6.19
C PHE D 58 -23.43 -15.78 -5.50
N LYS D 59 -24.02 -14.85 -6.23
CA LYS D 59 -25.07 -14.00 -5.66
C LYS D 59 -26.22 -14.83 -5.13
N LYS D 60 -26.54 -15.91 -5.85
CA LYS D 60 -27.68 -16.76 -5.55
C LYS D 60 -27.45 -17.83 -4.52
N THR D 61 -26.27 -18.45 -4.52
CA THR D 61 -26.03 -19.61 -3.67
C THR D 61 -25.17 -19.26 -2.45
N GLY D 62 -24.63 -18.04 -2.41
CA GLY D 62 -23.67 -17.69 -1.35
C GLY D 62 -22.21 -18.18 -1.39
N LYS D 63 -21.77 -18.69 -2.54
CA LYS D 63 -20.44 -19.32 -2.69
C LYS D 63 -20.01 -19.28 -4.20
N TRP D 64 -18.74 -18.95 -4.45
CA TRP D 64 -18.24 -18.78 -5.80
C TRP D 64 -17.72 -20.10 -6.32
N VAL D 65 -18.14 -20.54 -7.51
CA VAL D 65 -17.69 -21.81 -8.11
C VAL D 65 -17.07 -21.47 -9.43
N TYR D 66 -15.88 -22.00 -9.72
CA TYR D 66 -15.07 -21.61 -10.92
C TYR D 66 -15.44 -22.33 -12.25
N ASP D 67 -15.65 -23.65 -12.16
CA ASP D 67 -16.32 -24.57 -13.16
C ASP D 67 -16.80 -24.17 -14.58
N VAL D 68 -16.34 -24.98 -15.59
CA VAL D 68 -16.37 -24.71 -17.08
C VAL D 68 -17.57 -23.94 -17.62
N ASN E 1 45.75 -36.82 7.90
CA ASN E 1 46.47 -35.59 7.36
C ASN E 1 46.95 -34.65 8.43
N ASP E 2 48.25 -34.63 8.64
CA ASP E 2 48.86 -33.83 9.69
C ASP E 2 48.71 -32.32 9.57
N LYS E 3 48.48 -31.84 8.35
CA LYS E 3 48.17 -30.41 8.12
C LYS E 3 46.69 -30.01 8.46
N LEU E 4 45.73 -30.93 8.24
CA LEU E 4 44.41 -30.71 8.73
C LEU E 4 44.49 -30.68 10.23
N ILE E 5 45.34 -31.54 10.82
CA ILE E 5 45.24 -31.67 12.30
C ILE E 5 45.62 -30.37 12.88
N GLU E 6 46.64 -29.75 12.28
CA GLU E 6 47.27 -28.67 12.95
C GLU E 6 46.44 -27.39 12.68
N LEU E 7 46.01 -27.23 11.42
CA LEU E 7 45.07 -26.18 11.05
C LEU E 7 43.82 -26.20 11.92
N SER E 8 43.39 -27.37 12.38
CA SER E 8 42.22 -27.44 13.17
C SER E 8 42.46 -27.06 14.62
N ASN E 9 43.66 -26.59 14.95
CA ASN E 9 44.00 -26.23 16.34
C ASN E 9 43.86 -24.75 16.46
N SER E 10 43.71 -24.10 15.30
CA SER E 10 43.45 -22.66 15.18
C SER E 10 41.91 -22.45 15.09
N ASN E 11 41.35 -21.65 16.00
CA ASN E 11 39.91 -21.34 15.95
C ASN E 11 39.56 -20.44 14.73
N GLU E 12 40.57 -20.15 13.91
CA GLU E 12 40.35 -19.39 12.73
C GLU E 12 39.72 -20.13 11.63
N ASN E 13 40.01 -21.43 11.59
CA ASN E 13 39.57 -22.34 10.56
C ASN E 13 38.50 -23.29 11.08
N TRP E 14 37.89 -24.03 10.16
CA TRP E 14 37.00 -25.09 10.45
C TRP E 14 37.17 -25.80 9.12
N VAL E 15 38.02 -26.83 9.19
CA VAL E 15 38.66 -27.52 8.05
C VAL E 15 38.07 -28.85 7.65
N MET E 16 37.15 -29.40 8.44
CA MET E 16 36.51 -30.65 8.06
C MET E 16 35.05 -30.77 8.55
N PRO E 17 34.27 -31.70 7.98
CA PRO E 17 32.98 -32.00 8.65
C PRO E 17 33.23 -32.41 10.11
N GLY E 18 32.52 -31.79 11.06
CA GLY E 18 32.68 -32.14 12.42
C GLY E 18 33.91 -31.53 13.04
N LYS E 19 34.49 -30.55 12.36
CA LYS E 19 35.46 -29.63 12.94
C LYS E 19 36.85 -30.21 13.10
N ASN E 20 36.98 -31.41 13.63
CA ASN E 20 38.31 -32.02 13.79
C ASN E 20 38.14 -33.48 13.71
N TYR E 21 39.21 -34.23 13.90
CA TYR E 21 39.08 -35.66 13.77
C TYR E 21 38.36 -36.40 14.81
N ASP E 22 38.35 -35.81 15.99
CA ASP E 22 37.49 -36.31 17.04
C ASP E 22 35.98 -36.25 16.67
N SER E 23 35.69 -35.36 15.74
CA SER E 23 34.35 -35.04 15.37
C SER E 23 33.57 -34.61 16.60
N ASN E 24 34.16 -33.78 17.44
CA ASN E 24 33.46 -33.37 18.67
C ASN E 24 32.64 -32.04 18.45
N ASN E 25 32.76 -31.38 17.28
CA ASN E 25 32.04 -30.14 17.07
C ASN E 25 32.18 -29.32 18.39
N TYR E 26 33.39 -29.20 18.91
CA TYR E 26 33.58 -28.43 20.13
C TYR E 26 34.49 -27.22 19.91
N SER E 27 34.06 -26.01 20.28
CA SER E 27 34.96 -24.85 20.12
C SER E 27 35.60 -24.35 21.44
N THR E 28 36.93 -24.13 21.45
CA THR E 28 37.52 -23.53 22.65
C THR E 28 37.20 -22.03 22.80
N SER E 29 36.36 -21.51 21.88
CA SER E 29 36.05 -20.11 21.77
C SER E 29 35.08 -19.75 22.83
N THR E 30 35.54 -18.71 23.55
CA THR E 30 34.84 -18.06 24.71
C THR E 30 34.25 -16.63 24.43
N GLN E 31 34.52 -16.03 23.29
CA GLN E 31 34.16 -14.64 23.16
C GLN E 31 32.62 -14.49 23.24
N ILE E 32 31.90 -15.59 22.97
CA ILE E 32 30.43 -15.69 23.12
C ILE E 32 30.06 -16.63 24.25
N ASN E 33 29.29 -16.16 25.20
CA ASN E 33 29.06 -17.02 26.40
C ASN E 33 27.76 -16.74 27.07
N VAL E 34 27.35 -17.68 27.91
CA VAL E 34 26.16 -17.55 28.73
C VAL E 34 26.08 -16.09 29.28
N ASP E 35 27.24 -15.45 29.47
CA ASP E 35 27.16 -14.14 30.07
C ASP E 35 26.82 -13.01 29.10
N ASN E 36 27.07 -13.22 27.80
CA ASN E 36 26.86 -12.14 26.86
C ASN E 36 26.03 -12.53 25.65
N VAL E 37 25.32 -13.64 25.76
CA VAL E 37 24.64 -14.25 24.62
C VAL E 37 23.42 -13.40 24.14
N LYS E 38 22.88 -12.64 25.07
CA LYS E 38 21.74 -11.88 24.75
C LYS E 38 22.21 -10.84 23.75
N GLN E 39 23.52 -10.61 23.65
CA GLN E 39 24.09 -9.62 22.67
C GLN E 39 24.45 -10.27 21.33
N LEU E 40 23.98 -11.51 21.17
CA LEU E 40 24.22 -12.25 19.93
C LEU E 40 23.26 -11.70 18.87
N LYS E 41 23.77 -11.27 17.73
CA LYS E 41 22.93 -10.66 16.72
C LYS E 41 23.37 -11.15 15.37
N HIS E 42 22.46 -11.17 14.42
CA HIS E 42 22.78 -11.39 13.02
C HIS E 42 23.92 -10.52 12.49
N ALA E 43 24.89 -11.21 11.88
CA ALA E 43 26.04 -10.57 11.15
C ALA E 43 25.86 -10.45 9.64
N TRP E 44 25.47 -11.57 9.00
CA TRP E 44 25.21 -11.55 7.54
C TRP E 44 24.69 -12.88 7.08
N SER E 45 24.18 -12.88 5.86
CA SER E 45 23.57 -14.05 5.38
C SER E 45 23.92 -14.19 3.98
N PHE E 46 23.77 -15.43 3.53
CA PHE E 46 24.06 -15.76 2.15
C PHE E 46 23.08 -16.84 1.67
N SER E 47 22.38 -16.51 0.59
CA SER E 47 21.39 -17.40 -0.05
C SER E 47 22.02 -18.27 -1.15
N THR E 48 21.75 -19.58 -1.17
CA THR E 48 22.52 -20.44 -2.08
C THR E 48 21.84 -20.52 -3.49
N GLY E 49 20.60 -20.05 -3.63
CA GLY E 49 19.96 -20.09 -4.95
C GLY E 49 19.39 -21.46 -5.23
N GLU E 50 19.33 -22.27 -4.19
CA GLU E 50 18.59 -23.53 -4.28
C GLU E 50 17.62 -23.57 -3.15
N LEU E 51 16.58 -24.40 -3.36
CA LEU E 51 15.63 -24.78 -2.32
C LEU E 51 15.95 -26.22 -1.83
N HIS E 52 15.00 -26.91 -1.18
CA HIS E 52 15.31 -28.21 -0.66
C HIS E 52 16.26 -28.23 0.57
N GLY E 53 16.39 -29.40 1.21
CA GLY E 53 17.09 -29.41 2.49
C GLY E 53 18.56 -29.01 2.34
N HIS E 54 19.03 -28.13 3.24
CA HIS E 54 20.42 -27.75 3.27
C HIS E 54 21.15 -28.37 4.46
N GLU E 55 21.92 -29.46 4.25
CA GLU E 55 22.55 -30.21 5.39
C GLU E 55 24.01 -29.81 5.62
N GLY E 56 24.63 -30.38 6.64
CA GLY E 56 26.02 -30.11 6.86
C GLY E 56 26.28 -28.63 7.19
N ALA E 57 27.50 -28.15 7.03
CA ALA E 57 27.83 -26.80 7.43
C ALA E 57 28.99 -26.36 6.53
N PRO E 58 29.26 -25.06 6.38
CA PRO E 58 30.41 -24.59 5.63
C PRO E 58 31.80 -24.94 6.19
N LEU E 59 32.81 -24.86 5.33
CA LEU E 59 34.22 -24.83 5.76
C LEU E 59 34.73 -23.41 5.86
N VAL E 60 35.60 -23.14 6.82
CA VAL E 60 36.33 -21.87 6.81
C VAL E 60 37.80 -22.19 6.75
N ILE E 61 38.49 -21.75 5.67
CA ILE E 61 39.95 -21.74 5.65
C ILE E 61 40.51 -20.30 5.54
N GLY E 62 40.98 -19.73 6.66
CA GLY E 62 41.51 -18.35 6.65
C GLY E 62 40.50 -17.26 6.33
N ASP E 63 40.82 -16.44 5.32
CA ASP E 63 39.93 -15.41 4.78
C ASP E 63 38.80 -15.88 3.80
N VAL E 64 38.66 -17.21 3.63
CA VAL E 64 37.73 -17.86 2.70
C VAL E 64 36.75 -18.82 3.43
N MET E 65 35.47 -18.75 3.05
CA MET E 65 34.51 -19.74 3.48
C MET E 65 33.96 -20.43 2.27
N TYR E 66 33.65 -21.71 2.43
CA TYR E 66 33.14 -22.47 1.32
C TYR E 66 31.82 -22.93 1.76
N VAL E 67 30.85 -22.77 0.85
CA VAL E 67 29.48 -23.19 1.14
C VAL E 67 28.93 -24.07 0.03
N HIS E 68 28.05 -24.96 0.41
CA HIS E 68 27.52 -25.96 -0.50
C HIS E 68 25.98 -25.98 -0.38
N SER E 69 25.31 -26.27 -1.48
CA SER E 69 23.89 -26.19 -1.53
C SER E 69 23.33 -27.59 -1.57
N SER E 70 22.03 -27.72 -1.70
CA SER E 70 21.45 -28.98 -2.14
C SER E 70 21.80 -29.20 -3.64
N PHE E 71 21.08 -30.15 -4.27
CA PHE E 71 21.22 -30.49 -5.67
C PHE E 71 20.80 -29.32 -6.46
N PRO E 72 21.51 -29.03 -7.57
CA PRO E 72 22.64 -29.84 -8.18
C PRO E 72 24.05 -29.65 -7.55
N ASN E 73 24.09 -29.47 -6.24
CA ASN E 73 25.38 -29.48 -5.51
C ASN E 73 26.38 -28.43 -5.94
N LYS E 74 26.02 -27.15 -5.81
CA LYS E 74 26.93 -26.03 -6.14
C LYS E 74 27.89 -25.78 -5.00
N THR E 75 29.02 -25.12 -5.27
CA THR E 75 29.98 -24.77 -4.24
C THR E 75 30.31 -23.29 -4.34
N PHE E 76 30.33 -22.54 -3.25
CA PHE E 76 30.72 -21.19 -3.40
C PHE E 76 31.90 -20.89 -2.53
N ALA E 77 32.82 -20.01 -2.98
CA ALA E 77 33.90 -19.54 -2.11
C ALA E 77 33.63 -18.07 -1.81
N LEU E 78 33.81 -17.66 -0.56
CA LEU E 78 33.26 -16.43 -0.13
C LEU E 78 34.32 -15.77 0.70
N ASP E 79 34.55 -14.46 0.41
CA ASP E 79 35.61 -13.61 1.02
C ASP E 79 35.08 -13.20 2.37
N LEU E 80 35.65 -13.75 3.42
CA LEU E 80 35.18 -13.40 4.76
C LEU E 80 35.37 -11.92 5.09
N ASN E 81 36.32 -11.27 4.39
CA ASN E 81 36.49 -9.79 4.46
C ASN E 81 35.38 -8.95 3.79
N ASP E 82 34.57 -9.59 2.93
CA ASP E 82 33.52 -8.92 2.08
C ASP E 82 32.61 -10.03 1.56
N PRO E 83 31.83 -10.66 2.46
CA PRO E 83 31.13 -11.94 2.09
C PRO E 83 30.12 -11.80 0.93
N GLY E 84 29.63 -10.59 0.69
CA GLY E 84 28.90 -10.36 -0.54
C GLY E 84 29.60 -10.70 -1.84
N HIS E 85 30.93 -10.69 -1.85
CA HIS E 85 31.64 -10.89 -3.13
C HIS E 85 31.97 -12.35 -3.18
N ILE E 86 31.57 -12.97 -4.29
CA ILE E 86 31.77 -14.37 -4.41
C ILE E 86 33.07 -14.60 -5.18
N LEU E 87 34.08 -15.09 -4.47
CA LEU E 87 35.39 -15.31 -5.09
C LEU E 87 35.29 -16.30 -6.26
N TRP E 88 34.53 -17.38 -6.07
CA TRP E 88 34.24 -18.31 -7.18
C TRP E 88 33.12 -19.30 -6.91
N GLN E 89 32.69 -19.99 -7.95
CA GLN E 89 31.50 -20.76 -7.83
C GLN E 89 31.71 -21.88 -8.77
N HIS E 90 31.48 -23.08 -8.30
CA HIS E 90 31.39 -24.23 -9.11
C HIS E 90 29.94 -24.74 -9.14
N SER E 91 29.45 -25.01 -10.35
CA SER E 91 28.06 -25.35 -10.68
C SER E 91 28.04 -26.64 -11.48
N PRO E 92 27.87 -27.76 -10.80
CA PRO E 92 27.79 -29.00 -11.60
C PRO E 92 26.69 -29.05 -12.67
N LYS E 93 27.00 -29.68 -13.81
CA LYS E 93 26.01 -30.26 -14.74
C LYS E 93 25.68 -31.72 -14.35
N GLN E 94 24.48 -31.96 -13.82
CA GLN E 94 24.04 -33.35 -13.56
C GLN E 94 22.70 -33.70 -14.21
N ASP E 95 22.48 -34.98 -14.39
CA ASP E 95 21.31 -35.58 -15.01
C ASP E 95 20.09 -35.43 -14.09
N PRO E 96 19.12 -34.63 -14.52
CA PRO E 96 17.97 -34.34 -13.60
C PRO E 96 17.34 -35.65 -13.15
N ALA E 97 17.63 -36.75 -13.85
CA ALA E 97 17.10 -38.05 -13.36
C ALA E 97 17.79 -38.51 -12.03
N ALA E 98 18.92 -37.88 -11.69
CA ALA E 98 19.51 -38.25 -10.42
C ALA E 98 18.46 -38.13 -9.26
N ARG E 99 17.61 -37.07 -9.31
CA ARG E 99 16.59 -36.82 -8.24
C ARG E 99 15.65 -37.99 -7.99
N SER E 100 15.51 -38.85 -8.97
CA SER E 100 14.43 -39.85 -8.90
C SER E 100 14.88 -41.11 -8.12
N VAL E 101 16.21 -41.27 -7.98
CA VAL E 101 16.78 -42.28 -7.06
C VAL E 101 17.19 -41.79 -5.63
N ALA E 102 17.03 -40.50 -5.35
CA ALA E 102 17.13 -39.99 -3.99
C ALA E 102 15.93 -40.46 -3.23
N CYS E 103 16.13 -41.08 -2.06
CA CYS E 103 15.04 -41.61 -1.33
C CYS E 103 14.53 -40.55 -0.40
N CYS E 104 15.38 -39.63 0.07
CA CYS E 104 14.93 -38.67 1.11
C CYS E 104 15.29 -37.24 0.94
N ASP E 105 14.88 -36.62 -0.14
CA ASP E 105 15.18 -35.24 -0.40
C ASP E 105 16.58 -35.06 -0.98
N LEU E 106 16.74 -33.93 -1.68
CA LEU E 106 17.97 -33.73 -2.44
C LEU E 106 19.16 -33.13 -1.64
N VAL E 107 19.57 -33.79 -0.56
CA VAL E 107 20.41 -33.10 0.43
C VAL E 107 21.87 -33.43 0.20
N ASN E 108 22.80 -32.69 0.78
CA ASN E 108 24.21 -33.04 0.60
C ASN E 108 24.84 -32.54 1.82
N ARG E 109 25.71 -33.34 2.43
CA ARG E 109 26.15 -33.01 3.80
C ARG E 109 27.44 -32.26 3.96
N GLY E 110 28.02 -31.80 2.85
CA GLY E 110 29.12 -30.83 3.00
C GLY E 110 30.45 -31.12 2.39
N LEU E 111 31.39 -30.20 2.59
CA LEU E 111 32.69 -30.33 1.93
C LEU E 111 33.82 -30.80 2.87
N ALA E 112 34.92 -31.27 2.23
CA ALA E 112 36.23 -31.59 2.86
C ALA E 112 37.24 -30.73 2.14
N TYR E 113 38.40 -30.54 2.79
CA TYR E 113 39.45 -29.63 2.36
C TYR E 113 40.72 -30.38 2.45
N TRP E 114 41.53 -30.33 1.37
CA TRP E 114 42.87 -30.97 1.41
C TRP E 114 43.98 -29.94 1.34
N PRO E 115 44.84 -29.83 2.39
CA PRO E 115 45.84 -28.77 2.30
C PRO E 115 46.93 -29.14 1.34
N GLY E 116 47.25 -28.24 0.42
CA GLY E 116 48.27 -28.50 -0.65
C GLY E 116 49.71 -28.04 -0.35
N ASP E 117 50.59 -28.16 -1.34
CA ASP E 117 52.00 -27.75 -1.23
C ASP E 117 52.42 -27.35 -2.62
N ASP E 118 53.74 -27.36 -2.88
CA ASP E 118 54.34 -27.00 -4.18
C ASP E 118 54.01 -27.95 -5.31
N LYS E 119 53.63 -29.17 -5.02
CA LYS E 119 53.28 -30.12 -6.12
C LYS E 119 51.77 -30.25 -6.48
N THR E 120 50.93 -30.11 -5.47
CA THR E 120 49.47 -30.23 -5.68
C THR E 120 48.79 -29.05 -4.99
N PRO E 121 47.97 -28.30 -5.70
CA PRO E 121 47.36 -27.22 -4.87
C PRO E 121 46.33 -27.74 -3.86
N SER E 122 46.06 -26.97 -2.83
CA SER E 122 44.89 -27.21 -2.00
C SER E 122 43.62 -27.43 -2.79
N LEU E 123 42.93 -28.46 -2.35
CA LEU E 123 41.74 -28.93 -2.95
C LEU E 123 40.57 -28.78 -1.98
N ILE E 124 39.42 -28.38 -2.51
CA ILE E 124 38.11 -28.54 -1.87
C ILE E 124 37.58 -29.83 -2.51
N ILE E 125 37.08 -30.78 -1.69
CA ILE E 125 36.56 -32.05 -2.18
C ILE E 125 35.07 -32.13 -1.96
N LYS E 126 34.29 -32.58 -2.93
CA LYS E 126 32.82 -32.53 -2.77
C LYS E 126 32.25 -33.73 -3.43
N THR E 127 31.02 -34.05 -3.01
CA THR E 127 30.18 -35.03 -3.69
C THR E 127 29.06 -34.39 -4.52
N GLN E 128 28.44 -35.20 -5.37
CA GLN E 128 27.33 -34.82 -6.18
C GLN E 128 26.27 -35.90 -6.02
N LEU E 129 24.98 -35.55 -6.10
CA LEU E 129 23.95 -36.56 -5.98
C LEU E 129 24.12 -37.60 -7.11
N ASP E 130 24.64 -37.18 -8.25
CA ASP E 130 24.73 -38.16 -9.41
C ASP E 130 25.84 -39.23 -9.22
N GLY E 131 26.49 -39.29 -8.04
CA GLY E 131 27.48 -40.28 -7.76
C GLY E 131 28.90 -39.87 -8.02
N HIS E 132 29.21 -38.68 -8.54
CA HIS E 132 30.60 -38.35 -8.67
C HIS E 132 31.22 -37.81 -7.41
N LEU E 133 32.52 -38.10 -7.26
CA LEU E 133 33.32 -37.41 -6.24
C LEU E 133 34.24 -36.49 -7.05
N VAL E 134 34.34 -35.21 -6.67
CA VAL E 134 34.93 -34.22 -7.51
C VAL E 134 35.83 -33.44 -6.61
N ALA E 135 36.92 -32.95 -7.20
CA ALA E 135 37.89 -32.20 -6.47
C ALA E 135 38.13 -30.96 -7.25
N LEU E 136 38.13 -29.85 -6.51
CA LEU E 136 38.30 -28.52 -7.04
C LEU E 136 39.49 -27.84 -6.41
N ASN E 137 40.16 -27.07 -7.21
CA ASN E 137 41.23 -26.23 -6.76
C ASN E 137 40.57 -25.24 -5.80
N ALA E 138 40.99 -25.28 -4.51
CA ALA E 138 40.46 -24.46 -3.40
C ALA E 138 40.46 -22.98 -3.69
N LYS E 139 41.49 -22.53 -4.41
CA LYS E 139 41.65 -21.11 -4.62
C LYS E 139 40.97 -20.61 -5.86
N THR E 140 40.84 -21.36 -6.92
CA THR E 140 40.27 -20.82 -8.15
C THR E 140 38.93 -21.47 -8.46
N GLY E 141 38.74 -22.71 -8.02
CA GLY E 141 37.48 -23.43 -8.20
C GLY E 141 37.34 -24.24 -9.47
N GLU E 142 38.41 -24.25 -10.31
CA GLU E 142 38.42 -25.08 -11.48
C GLU E 142 38.53 -26.56 -11.13
N GLU E 143 37.97 -27.41 -11.96
CA GLU E 143 37.86 -28.80 -11.58
C GLU E 143 39.28 -29.37 -11.73
N PHE E 144 39.71 -30.13 -10.73
CA PHE E 144 40.99 -30.81 -10.72
C PHE E 144 40.84 -32.28 -11.18
N TRP E 145 39.98 -33.04 -10.47
CA TRP E 145 39.57 -34.33 -10.98
C TRP E 145 38.10 -34.66 -10.75
N LYS E 146 37.62 -35.63 -11.51
CA LYS E 146 36.27 -36.03 -11.33
C LYS E 146 36.19 -37.47 -11.69
N VAL E 147 35.78 -38.26 -10.70
CA VAL E 147 35.66 -39.74 -10.82
C VAL E 147 34.23 -40.19 -10.48
N GLU E 148 33.81 -41.35 -11.00
CA GLU E 148 32.43 -41.81 -10.86
C GLU E 148 32.44 -42.66 -9.67
N ASN E 149 31.36 -42.59 -8.90
CA ASN E 149 31.30 -43.44 -7.70
C ASN E 149 29.82 -43.62 -7.35
N GLY E 150 29.04 -43.90 -8.37
CA GLY E 150 27.62 -43.97 -8.18
C GLY E 150 27.01 -43.91 -9.55
N ASP E 151 26.23 -44.96 -9.80
CA ASP E 151 25.41 -45.11 -10.98
C ASP E 151 23.90 -45.03 -10.68
N ILE E 152 23.32 -43.83 -10.94
CA ILE E 152 21.89 -43.65 -10.75
C ILE E 152 21.12 -44.80 -11.39
N LYS E 153 21.63 -45.37 -12.52
CA LYS E 153 20.98 -46.55 -13.19
C LYS E 153 20.74 -47.76 -12.30
N VAL E 154 21.50 -47.94 -11.21
CA VAL E 154 21.19 -49.00 -10.25
C VAL E 154 20.81 -48.44 -8.87
N GLY E 155 20.55 -47.12 -8.77
CA GLY E 155 19.94 -46.54 -7.51
C GLY E 155 20.89 -45.86 -6.54
N GLN E 156 22.15 -45.83 -6.98
CA GLN E 156 23.24 -45.22 -6.28
C GLN E 156 23.18 -43.72 -6.49
N THR E 157 23.20 -43.01 -5.35
CA THR E 157 23.55 -41.60 -5.33
C THR E 157 24.61 -41.33 -4.24
N LEU E 158 25.14 -40.11 -4.18
CA LEU E 158 25.86 -39.64 -2.99
C LEU E 158 25.22 -38.41 -2.26
N THR E 159 25.06 -38.55 -0.95
CA THR E 159 24.63 -37.40 -0.18
C THR E 159 25.54 -36.96 0.95
N GLN E 160 26.62 -37.69 1.25
CA GLN E 160 27.35 -37.45 2.51
C GLN E 160 28.54 -36.61 2.19
N ALA E 161 29.15 -35.99 3.19
CA ALA E 161 30.34 -35.22 2.91
C ALA E 161 31.46 -36.21 2.75
N PRO E 162 32.44 -35.92 1.89
CA PRO E 162 33.58 -36.88 1.86
C PRO E 162 34.55 -36.59 3.04
N TYR E 163 35.70 -37.25 3.10
CA TYR E 163 36.59 -37.06 4.24
C TYR E 163 38.00 -37.18 3.76
N VAL E 164 38.86 -36.25 4.22
CA VAL E 164 40.25 -36.20 3.81
C VAL E 164 41.22 -36.68 4.92
N VAL E 165 41.90 -37.80 4.64
CA VAL E 165 42.90 -38.44 5.55
C VAL E 165 44.20 -38.70 4.81
N HIS E 166 45.32 -38.27 5.40
CA HIS E 166 46.61 -38.35 4.76
C HIS E 166 46.37 -37.72 3.40
N ASP E 167 46.49 -38.45 2.28
CA ASP E 167 46.31 -37.84 0.94
C ASP E 167 45.28 -38.58 0.15
N LEU E 168 44.26 -38.99 0.90
CA LEU E 168 43.13 -39.77 0.40
C LEU E 168 41.86 -39.02 0.72
N ALA E 169 40.93 -39.09 -0.22
CA ALA E 169 39.60 -38.61 -0.08
C ALA E 169 38.79 -39.89 -0.03
N ILE E 170 38.12 -40.06 1.11
CA ILE E 170 37.26 -41.23 1.40
C ILE E 170 35.81 -40.82 1.07
N VAL E 171 35.04 -41.74 0.52
CA VAL E 171 33.66 -41.51 0.21
C VAL E 171 32.97 -42.87 0.29
N GLY E 172 31.69 -42.81 0.63
CA GLY E 172 30.88 -44.00 0.97
C GLY E 172 29.75 -44.15 -0.06
N SER E 173 28.50 -44.19 0.38
CA SER E 173 27.52 -44.79 -0.52
C SER E 173 26.11 -44.50 -0.14
N SER E 174 25.26 -44.05 -1.04
CA SER E 174 23.81 -44.00 -0.70
C SER E 174 23.02 -44.92 -1.59
N GLY E 175 21.85 -45.31 -1.12
CA GLY E 175 20.84 -46.12 -1.82
C GLY E 175 20.40 -47.46 -1.23
N ALA E 176 20.45 -47.62 0.08
CA ALA E 176 20.17 -48.90 0.63
C ALA E 176 18.72 -49.14 0.27
N GLU E 177 17.94 -48.07 -0.03
CA GLU E 177 16.46 -48.18 -0.22
C GLU E 177 16.06 -48.75 -1.56
N LEU E 178 17.12 -48.97 -2.35
CA LEU E 178 17.07 -49.33 -3.75
C LEU E 178 18.07 -50.45 -3.81
N GLY E 179 18.19 -51.18 -2.70
CA GLY E 179 19.04 -52.32 -2.66
C GLY E 179 20.48 -52.10 -3.00
N VAL E 180 21.02 -50.91 -2.75
CA VAL E 180 22.44 -50.76 -3.04
C VAL E 180 23.24 -51.54 -1.96
N ARG E 181 24.25 -52.26 -2.41
CA ARG E 181 25.22 -52.88 -1.53
C ARG E 181 26.30 -51.89 -1.18
N GLY E 182 26.39 -51.61 0.13
CA GLY E 182 27.34 -50.70 0.78
C GLY E 182 28.73 -50.79 0.23
N HIS E 183 29.33 -49.64 -0.06
CA HIS E 183 30.70 -49.58 -0.50
C HIS E 183 31.33 -48.26 0.01
N VAL E 184 32.58 -48.33 0.48
CA VAL E 184 33.37 -47.18 0.81
C VAL E 184 34.73 -47.29 0.08
N THR E 185 35.28 -46.15 -0.33
CA THR E 185 36.31 -46.06 -1.30
C THR E 185 37.20 -44.83 -1.01
N ALA E 186 38.50 -45.00 -1.22
CA ALA E 186 39.52 -43.97 -1.11
C ALA E 186 40.23 -43.77 -2.46
N TYR E 187 40.60 -42.53 -2.73
CA TYR E 187 41.15 -42.07 -4.00
C TYR E 187 42.33 -41.23 -3.59
N ASN E 188 43.47 -41.35 -4.24
CA ASN E 188 44.58 -40.48 -3.92
C ASN E 188 44.27 -39.07 -4.40
N VAL E 189 44.32 -38.08 -3.51
CA VAL E 189 43.92 -36.69 -3.99
C VAL E 189 44.85 -36.03 -5.03
N ARG E 190 46.12 -36.44 -5.04
CA ARG E 190 47.12 -35.89 -5.97
C ARG E 190 46.87 -36.35 -7.40
N THR E 191 46.29 -37.54 -7.56
CA THR E 191 46.22 -38.19 -8.85
C THR E 191 44.87 -38.73 -9.27
N GLY E 192 43.82 -38.61 -8.45
CA GLY E 192 42.52 -39.16 -8.80
C GLY E 192 42.53 -40.67 -8.90
N GLU E 193 43.55 -41.31 -8.36
CA GLU E 193 43.70 -42.74 -8.58
C GLU E 193 42.99 -43.44 -7.43
N GLN E 194 42.35 -44.59 -7.68
CA GLN E 194 41.68 -45.32 -6.62
C GLN E 194 42.74 -46.06 -5.77
N ALA E 195 42.65 -45.90 -4.44
CA ALA E 195 43.56 -46.57 -3.50
C ALA E 195 42.90 -47.84 -2.93
N TRP E 196 41.64 -47.77 -2.52
CA TRP E 196 41.02 -49.01 -2.14
C TRP E 196 39.54 -48.85 -2.17
N ARG E 197 38.85 -49.98 -2.23
CA ARG E 197 37.37 -50.01 -2.17
C ARG E 197 36.93 -51.27 -1.40
N TYR E 198 36.05 -51.12 -0.42
CA TYR E 198 35.46 -52.25 0.25
C TYR E 198 33.92 -52.13 0.42
N TYR E 199 33.29 -53.30 0.63
CA TYR E 199 31.83 -53.48 0.69
C TYR E 199 31.42 -53.96 2.09
N ALA E 200 30.14 -53.89 2.42
CA ALA E 200 29.64 -54.25 3.74
C ALA E 200 29.04 -55.69 3.82
N THR E 201 28.91 -56.37 2.69
CA THR E 201 28.31 -57.68 2.73
C THR E 201 29.08 -58.58 1.74
N GLY E 202 28.98 -59.88 1.97
CA GLY E 202 29.55 -60.90 1.09
C GLY E 202 30.95 -61.29 1.52
N PRO E 203 31.69 -61.93 0.59
CA PRO E 203 32.93 -62.56 0.98
C PRO E 203 33.81 -61.61 1.75
N ASP E 204 34.40 -62.18 2.79
CA ASP E 204 35.57 -61.61 3.48
C ASP E 204 36.54 -60.80 2.64
N ALA E 205 37.01 -61.33 1.51
CA ALA E 205 37.99 -60.56 0.70
C ALA E 205 37.42 -59.27 0.12
N GLU E 206 36.09 -59.23 -0.14
CA GLU E 206 35.35 -58.05 -0.67
C GLU E 206 35.02 -57.02 0.47
N ILE E 207 35.01 -57.53 1.70
CA ILE E 207 34.74 -56.77 2.89
C ILE E 207 36.05 -56.10 3.37
N GLY E 208 37.11 -56.84 3.23
CA GLY E 208 38.46 -56.36 3.58
C GLY E 208 38.80 -56.48 5.05
N LEU E 209 38.38 -57.59 5.67
CA LEU E 209 38.83 -57.92 7.00
C LEU E 209 40.38 -57.94 7.22
N ALA E 210 40.92 -57.24 8.21
CA ALA E 210 42.28 -57.48 8.62
C ALA E 210 42.30 -58.92 9.11
N ASP E 211 43.52 -59.45 9.17
CA ASP E 211 43.87 -60.77 9.76
C ASP E 211 43.57 -60.88 11.26
N ASP E 212 43.60 -59.79 12.01
CA ASP E 212 43.18 -59.89 13.41
C ASP E 212 41.85 -59.11 13.63
N PHE E 213 41.11 -58.89 12.55
CA PHE E 213 39.72 -58.49 12.70
C PHE E 213 38.97 -59.11 13.93
N ASN E 214 38.57 -58.19 14.84
CA ASN E 214 37.81 -58.50 16.03
C ASN E 214 38.48 -59.45 17.06
N SER E 215 39.81 -59.49 16.97
CA SER E 215 40.68 -60.31 17.81
C SER E 215 40.37 -60.11 19.30
N ALA E 216 40.17 -58.86 19.71
CA ALA E 216 39.79 -58.63 21.06
C ALA E 216 38.28 -58.97 21.38
N ASN E 217 37.46 -59.20 20.37
CA ASN E 217 36.06 -59.47 20.66
C ASN E 217 35.44 -60.55 19.77
N PRO E 218 35.97 -61.79 19.83
CA PRO E 218 35.53 -62.84 18.89
C PRO E 218 34.04 -63.12 18.90
N HIS E 219 33.38 -62.93 20.04
CA HIS E 219 31.92 -63.20 20.10
C HIS E 219 31.07 -62.24 19.18
N TYR E 220 31.72 -61.19 18.65
CA TYR E 220 31.07 -60.16 17.81
C TYR E 220 30.86 -60.67 16.45
N GLY E 221 31.65 -61.69 16.08
CA GLY E 221 31.75 -62.19 14.70
C GLY E 221 33.16 -62.13 14.11
N GLN E 222 33.57 -63.21 13.46
CA GLN E 222 34.85 -63.14 12.74
C GLN E 222 34.73 -63.41 11.24
N LYS E 223 35.29 -64.50 10.77
CA LYS E 223 35.36 -64.74 9.36
C LYS E 223 33.99 -65.21 8.85
N GLY E 224 33.76 -64.98 7.54
CA GLY E 224 32.67 -65.61 6.73
C GLY E 224 31.18 -65.28 6.91
N LEU E 225 30.94 -64.23 7.70
CA LEU E 225 29.62 -63.85 8.10
C LEU E 225 28.97 -62.92 7.07
N GLY E 226 29.80 -62.23 6.29
CA GLY E 226 29.28 -61.53 5.16
C GLY E 226 28.32 -62.26 4.21
N THR E 227 28.39 -63.60 4.18
CA THR E 227 27.47 -64.46 3.39
C THR E 227 26.71 -65.44 4.32
N ALA E 228 27.45 -66.09 5.19
CA ALA E 228 26.86 -67.04 6.13
C ALA E 228 25.59 -66.52 6.81
N THR E 229 25.50 -65.20 7.03
CA THR E 229 24.33 -64.61 7.74
C THR E 229 23.22 -64.05 6.85
N TRP E 230 23.27 -64.47 5.57
CA TRP E 230 22.27 -64.28 4.55
C TRP E 230 21.90 -65.64 4.04
N GLU E 231 20.71 -65.77 3.46
CA GLU E 231 20.32 -66.93 2.62
C GLU E 231 20.57 -66.72 1.12
N GLY E 232 21.49 -67.48 0.50
CA GLY E 232 21.80 -67.38 -0.94
C GLY E 232 22.59 -66.14 -1.36
N ASP E 233 22.30 -65.62 -2.56
CA ASP E 233 22.94 -64.42 -3.05
C ASP E 233 22.25 -63.15 -2.55
N ALA E 234 21.22 -63.28 -1.70
CA ALA E 234 20.50 -62.10 -1.13
C ALA E 234 21.36 -60.87 -0.65
N TRP E 235 22.59 -61.14 -0.19
CA TRP E 235 23.58 -60.09 0.14
C TRP E 235 24.12 -59.19 -1.01
N LYS E 236 23.94 -59.61 -2.27
CA LYS E 236 24.46 -58.84 -3.46
C LYS E 236 23.70 -57.57 -3.67
N ILE E 237 22.47 -57.51 -3.14
CA ILE E 237 21.63 -56.34 -3.01
C ILE E 237 21.23 -56.13 -1.54
N GLY E 238 22.23 -56.11 -0.66
CA GLY E 238 21.95 -56.33 0.72
C GLY E 238 21.94 -55.12 1.60
N GLY E 239 22.40 -54.02 1.07
CA GLY E 239 22.38 -52.78 1.85
C GLY E 239 23.70 -52.48 2.54
N GLY E 240 23.56 -51.80 3.67
CA GLY E 240 24.64 -51.25 4.48
C GLY E 240 25.49 -50.17 3.82
N THR E 241 24.82 -49.22 3.12
CA THR E 241 25.49 -48.08 2.47
C THR E 241 25.97 -47.25 3.62
N ASN E 242 27.08 -46.50 3.43
CA ASN E 242 27.50 -45.65 4.51
C ASN E 242 27.41 -44.19 4.10
N TRP E 243 26.37 -43.55 4.60
CA TRP E 243 26.15 -42.22 4.15
C TRP E 243 26.20 -41.21 5.31
N GLY E 244 26.71 -41.62 6.48
CA GLY E 244 26.73 -40.70 7.59
C GLY E 244 28.04 -39.91 7.73
N TRP E 245 28.58 -39.91 8.95
CA TRP E 245 29.83 -39.15 9.24
C TRP E 245 30.99 -40.15 9.48
N TYR E 246 32.21 -39.62 9.47
CA TYR E 246 33.49 -40.32 9.78
C TYR E 246 34.15 -39.66 11.00
N ALA E 247 34.99 -40.41 11.71
CA ALA E 247 35.91 -39.79 12.66
C ALA E 247 37.22 -40.43 12.33
N TYR E 248 38.35 -39.95 12.86
CA TYR E 248 39.59 -40.64 12.58
C TYR E 248 40.58 -40.55 13.72
N ASP E 249 41.20 -41.65 14.10
CA ASP E 249 42.28 -41.62 15.12
C ASP E 249 43.66 -41.70 14.48
N PRO E 250 44.43 -40.59 14.41
CA PRO E 250 45.66 -40.74 13.59
C PRO E 250 46.73 -41.62 14.22
N ALA E 251 46.78 -41.70 15.55
CA ALA E 251 47.76 -42.64 16.22
C ALA E 251 47.39 -44.11 15.99
N ALA E 252 46.15 -44.53 16.21
CA ALA E 252 45.74 -45.87 15.69
C ALA E 252 45.65 -45.98 14.13
N ASN E 253 45.57 -44.85 13.43
CA ASN E 253 45.29 -44.83 11.97
C ASN E 253 43.95 -45.49 11.54
N LEU E 254 42.90 -45.35 12.38
CA LEU E 254 41.59 -45.91 12.07
C LEU E 254 40.55 -44.86 11.63
N ILE E 255 39.86 -45.03 10.46
CA ILE E 255 38.61 -44.35 10.21
C ILE E 255 37.46 -45.16 10.82
N TYR E 256 36.47 -44.44 11.33
CA TYR E 256 35.28 -44.99 11.93
C TYR E 256 34.05 -44.35 11.24
N TYR E 257 33.08 -45.21 11.00
CA TYR E 257 31.86 -44.81 10.37
C TYR E 257 30.84 -45.96 10.61
N GLY E 258 29.53 -45.69 10.58
CA GLY E 258 28.54 -46.76 10.80
C GLY E 258 27.98 -47.16 9.45
N SER E 259 27.76 -48.43 9.22
CA SER E 259 27.21 -48.90 7.96
C SER E 259 25.71 -49.05 8.18
N GLY E 260 24.87 -48.96 7.12
CA GLY E 260 23.38 -48.75 7.27
C GLY E 260 22.40 -49.91 6.98
N ASN E 261 21.12 -49.79 7.31
CA ASN E 261 20.04 -50.49 6.63
C ASN E 261 20.47 -51.70 5.76
N PRO E 262 20.09 -52.94 6.15
CA PRO E 262 20.11 -53.97 5.10
C PRO E 262 18.93 -53.82 4.18
N ALA E 263 19.04 -54.33 2.96
CA ALA E 263 17.87 -54.22 2.08
C ALA E 263 17.11 -55.59 1.96
N PRO E 264 15.75 -55.63 1.72
CA PRO E 264 14.77 -54.57 1.59
C PRO E 264 14.36 -54.38 3.00
N TRP E 265 13.41 -53.50 3.22
CA TRP E 265 12.96 -53.25 4.60
C TRP E 265 12.13 -54.46 5.06
N ASN E 266 11.77 -55.34 4.12
CA ASN E 266 11.01 -56.52 4.44
C ASN E 266 11.94 -57.54 5.06
N GLU E 267 11.93 -57.61 6.39
CA GLU E 267 12.81 -58.49 7.18
C GLU E 267 12.75 -59.98 6.76
N THR E 268 11.52 -60.46 6.52
CA THR E 268 11.19 -61.80 6.01
C THR E 268 11.85 -62.21 4.70
N MET E 269 12.16 -61.24 3.84
CA MET E 269 12.88 -61.54 2.61
C MET E 269 14.39 -61.64 2.75
N ARG E 270 14.87 -61.53 4.00
CA ARG E 270 16.29 -61.71 4.25
C ARG E 270 16.55 -62.31 5.62
N PRO E 271 16.34 -63.64 5.73
CA PRO E 271 16.52 -64.25 7.06
C PRO E 271 18.01 -64.09 7.43
N GLY E 272 18.36 -63.96 8.71
CA GLY E 272 19.76 -64.00 9.17
C GLY E 272 20.32 -62.68 9.69
N ASP E 273 21.50 -62.70 10.31
CA ASP E 273 22.03 -61.48 10.89
C ASP E 273 22.27 -60.38 9.81
N ASN E 274 22.52 -60.78 8.56
CA ASN E 274 22.69 -59.78 7.48
C ASN E 274 23.94 -58.97 7.73
N LYS E 275 25.03 -59.70 7.91
CA LYS E 275 26.15 -59.06 8.47
C LYS E 275 27.07 -58.26 7.56
N TRP E 276 27.74 -57.47 8.41
CA TRP E 276 28.31 -56.19 8.33
C TRP E 276 27.49 -54.99 7.95
N THR E 277 26.18 -55.18 7.88
CA THR E 277 25.28 -54.05 7.84
C THR E 277 25.11 -53.66 9.30
N MET E 278 24.62 -52.46 9.57
CA MET E 278 24.37 -52.01 10.96
C MET E 278 25.56 -52.13 11.94
N THR E 279 26.76 -51.97 11.40
CA THR E 279 27.97 -52.19 12.10
C THR E 279 28.84 -50.92 12.17
N ILE E 280 29.32 -50.74 13.39
CA ILE E 280 30.23 -49.72 13.71
C ILE E 280 31.53 -50.29 13.20
N THR E 281 32.02 -49.64 12.15
CA THR E 281 33.17 -50.11 11.42
C THR E 281 34.43 -49.26 11.61
N ALA E 282 35.58 -49.93 11.78
CA ALA E 282 36.87 -49.29 11.93
C ALA E 282 37.78 -49.82 10.87
N ARG E 283 38.34 -48.96 10.00
CA ARG E 283 39.26 -49.37 8.94
C ARG E 283 40.55 -48.64 8.98
N ASP E 284 41.66 -49.36 8.67
CA ASP E 284 42.94 -48.66 8.47
C ASP E 284 42.69 -47.67 7.33
N ALA E 285 42.97 -46.38 7.60
CA ALA E 285 42.85 -45.30 6.61
C ALA E 285 43.57 -45.65 5.34
N ASP E 286 44.82 -46.04 5.47
CA ASP E 286 45.60 -46.27 4.25
C ASP E 286 45.35 -47.56 3.42
N THR E 287 44.97 -48.65 4.06
CA THR E 287 44.87 -49.90 3.34
C THR E 287 43.43 -50.25 3.23
N GLY E 288 42.65 -49.63 4.12
CA GLY E 288 41.23 -49.85 4.21
C GLY E 288 40.82 -51.17 4.87
N LYS E 289 41.80 -51.96 5.29
CA LYS E 289 41.52 -53.17 6.11
C LYS E 289 40.67 -52.90 7.39
N MET E 290 39.68 -53.76 7.64
CA MET E 290 38.78 -53.62 8.77
C MET E 290 39.25 -54.25 10.08
N LYS E 291 39.62 -53.42 11.05
CA LYS E 291 40.16 -53.89 12.33
C LYS E 291 39.14 -54.47 13.35
N PHE E 292 37.98 -53.83 13.47
CA PHE E 292 36.88 -54.34 14.28
C PHE E 292 35.51 -53.95 13.66
N GLY E 293 34.49 -54.75 13.99
CA GLY E 293 33.17 -54.44 13.58
C GLY E 293 32.22 -54.89 14.65
N TYR E 294 31.45 -53.95 15.22
CA TYR E 294 30.35 -54.32 16.10
C TYR E 294 28.93 -54.10 15.50
N GLN E 295 28.17 -55.18 15.24
CA GLN E 295 26.81 -55.03 14.72
C GLN E 295 25.81 -54.56 15.78
N LYS E 296 25.43 -53.30 15.73
CA LYS E 296 24.42 -52.78 16.68
C LYS E 296 23.05 -53.51 16.56
N THR E 297 22.55 -53.60 15.32
CA THR E 297 21.22 -54.14 15.00
C THR E 297 21.34 -55.34 14.00
N PRO E 298 21.48 -56.58 14.53
CA PRO E 298 21.57 -57.77 13.67
C PRO E 298 20.21 -58.04 13.01
N HIS E 299 20.13 -58.56 11.77
CA HIS E 299 18.83 -58.81 11.10
C HIS E 299 17.83 -57.68 11.36
N ASP E 300 18.19 -56.48 10.93
CA ASP E 300 17.35 -55.31 11.13
C ASP E 300 15.92 -55.60 10.69
N GLU E 301 14.97 -55.22 11.56
CA GLU E 301 13.56 -55.25 11.25
C GLU E 301 12.87 -53.87 11.10
N TRP E 302 13.63 -52.79 11.31
CA TRP E 302 13.08 -51.46 11.46
C TRP E 302 13.58 -50.33 10.50
N ASP E 303 14.60 -50.56 9.67
CA ASP E 303 15.30 -49.51 8.96
C ASP E 303 16.05 -48.53 9.87
N PHE E 304 16.58 -49.04 10.99
CA PHE E 304 17.50 -48.26 11.80
C PHE E 304 18.94 -47.93 11.20
N ALA E 305 19.01 -47.42 9.94
CA ALA E 305 20.34 -47.32 9.29
C ALA E 305 21.51 -46.86 10.26
N GLY E 306 22.60 -47.60 10.27
CA GLY E 306 23.55 -47.48 11.37
C GLY E 306 24.61 -46.43 11.08
N VAL E 307 24.21 -45.29 10.50
CA VAL E 307 25.15 -44.41 9.88
C VAL E 307 25.49 -43.23 10.72
N ASN E 308 24.97 -43.16 11.94
CA ASN E 308 25.01 -41.88 12.67
C ASN E 308 26.38 -41.38 13.08
N VAL E 309 26.43 -40.13 13.55
CA VAL E 309 27.68 -39.52 13.90
C VAL E 309 28.47 -40.38 14.93
N ILE E 310 29.78 -40.20 14.87
CA ILE E 310 30.65 -40.84 15.80
C ILE E 310 31.65 -39.81 16.39
N MET E 311 31.68 -39.73 17.68
CA MET E 311 32.34 -38.65 18.36
C MET E 311 33.31 -39.31 19.28
N LEU E 312 34.61 -38.97 19.11
CA LEU E 312 35.73 -39.55 19.90
C LEU E 312 36.06 -38.77 21.17
N SER E 313 36.47 -39.51 22.20
CA SER E 313 37.01 -38.88 23.41
C SER E 313 38.01 -39.79 24.14
N GLU E 314 38.52 -39.31 25.28
CA GLU E 314 39.47 -40.05 26.06
C GLU E 314 38.99 -39.88 27.47
N GLN E 315 38.41 -40.96 28.05
CA GLN E 315 37.85 -40.97 29.45
C GLN E 315 38.29 -42.17 30.29
N THR E 316 38.18 -41.99 31.61
CA THR E 316 38.40 -43.07 32.57
C THR E 316 37.11 -43.85 32.75
N ASP E 317 37.16 -45.14 32.47
CA ASP E 317 35.94 -45.92 32.63
C ASP E 317 35.62 -46.26 34.10
N LYS E 318 34.48 -46.93 34.28
CA LYS E 318 33.97 -47.41 35.55
C LYS E 318 35.06 -48.15 36.34
N THR E 319 35.98 -48.77 35.61
CA THR E 319 36.92 -49.70 36.18
C THR E 319 38.23 -49.01 36.50
N GLY E 320 38.37 -47.74 36.13
CA GLY E 320 39.62 -47.02 36.38
C GLY E 320 40.58 -46.95 35.22
N LYS E 321 40.18 -47.58 34.13
CA LYS E 321 41.04 -47.67 32.94
C LYS E 321 40.81 -46.45 32.03
N LYS E 322 41.88 -45.71 31.79
CA LYS E 322 41.92 -44.66 30.79
C LYS E 322 41.75 -45.25 29.37
N ARG E 323 40.63 -44.99 28.73
CA ARG E 323 40.40 -45.51 27.39
C ARG E 323 40.23 -44.39 26.33
N LYS E 324 40.76 -44.65 25.13
CA LYS E 324 40.40 -43.91 23.89
C LYS E 324 39.06 -44.53 23.35
N LEU E 325 38.03 -43.70 23.27
CA LEU E 325 36.69 -44.22 22.92
C LEU E 325 36.02 -43.56 21.69
N LEU E 326 34.84 -44.09 21.38
CA LEU E 326 33.93 -43.47 20.40
C LEU E 326 32.55 -43.64 20.97
N THR E 327 31.64 -42.69 20.66
CA THR E 327 30.25 -42.68 21.07
C THR E 327 29.41 -42.22 19.91
N HIS E 328 28.27 -42.88 19.76
CA HIS E 328 27.60 -43.09 18.55
C HIS E 328 26.12 -43.35 18.87
N PRO E 329 25.34 -42.27 18.95
CA PRO E 329 23.89 -42.45 19.13
C PRO E 329 23.15 -43.00 17.90
N ASP E 330 22.71 -44.22 17.93
CA ASP E 330 22.16 -44.88 16.78
C ASP E 330 20.67 -44.67 16.54
N ARG E 331 20.24 -44.59 15.28
CA ARG E 331 18.83 -44.84 14.95
C ARG E 331 17.98 -45.80 15.92
N ASN E 332 18.61 -46.74 16.60
CA ASN E 332 17.82 -47.74 17.26
C ASN E 332 17.33 -47.45 18.69
N GLY E 333 17.75 -46.33 19.27
CA GLY E 333 17.35 -46.00 20.60
C GLY E 333 18.55 -46.09 21.52
N ILE E 334 19.65 -46.55 20.97
CA ILE E 334 20.87 -46.80 21.77
C ILE E 334 22.08 -45.98 21.35
N VAL E 335 22.64 -45.32 22.33
CA VAL E 335 23.92 -44.73 22.19
C VAL E 335 24.94 -45.66 22.78
N TYR E 336 25.91 -45.94 21.89
CA TYR E 336 27.01 -46.85 22.05
C TYR E 336 28.30 -46.14 22.31
N THR E 337 29.05 -46.67 23.28
CA THR E 337 30.45 -46.33 23.48
C THR E 337 31.35 -47.60 23.39
N LEU E 338 32.43 -47.52 22.62
CA LEU E 338 33.36 -48.64 22.44
C LEU E 338 34.75 -48.11 22.72
N ASP E 339 35.68 -49.00 23.10
CA ASP E 339 37.09 -48.66 23.05
C ASP E 339 37.51 -48.59 21.59
N ARG E 340 38.01 -47.46 21.18
CA ARG E 340 38.14 -47.27 19.75
C ARG E 340 39.47 -47.73 19.19
N GLU E 341 40.35 -48.30 20.05
CA GLU E 341 41.55 -49.07 19.58
C GLU E 341 41.21 -50.49 19.38
N ASN E 342 40.32 -51.09 20.15
CA ASN E 342 40.15 -52.58 19.96
C ASN E 342 38.72 -53.11 19.84
N GLY E 343 37.71 -52.25 19.98
CA GLY E 343 36.36 -52.64 19.81
C GLY E 343 35.53 -52.85 21.06
N ASP E 344 36.14 -52.87 22.26
CA ASP E 344 35.43 -53.31 23.51
C ASP E 344 34.12 -52.55 23.72
N LEU E 345 33.04 -53.28 23.94
CA LEU E 345 31.80 -52.59 24.24
C LEU E 345 31.82 -52.10 25.69
N ILE E 346 31.76 -50.79 25.87
CA ILE E 346 31.83 -50.12 27.18
C ILE E 346 30.41 -49.66 27.75
N SER E 347 29.59 -49.02 26.88
CA SER E 347 28.20 -48.63 27.16
C SER E 347 27.30 -48.75 25.99
N ALA E 348 26.11 -49.16 26.31
CA ALA E 348 25.00 -49.14 25.40
C ALA E 348 23.72 -48.70 26.21
N ASP E 349 23.51 -47.39 26.37
CA ASP E 349 22.30 -46.97 27.03
C ASP E 349 21.18 -46.54 26.10
N LYS E 350 19.96 -46.54 26.65
CA LYS E 350 18.80 -46.08 25.85
C LYS E 350 18.84 -44.56 25.74
N LEU E 351 18.56 -44.01 24.56
CA LEU E 351 18.40 -42.57 24.45
C LEU E 351 17.08 -42.11 25.11
N ASP E 352 16.12 -42.99 25.30
CA ASP E 352 14.95 -42.61 26.05
C ASP E 352 14.24 -43.85 26.52
N ASP E 353 13.84 -43.89 27.79
CA ASP E 353 13.37 -45.14 28.33
C ASP E 353 12.16 -45.69 27.54
N THR E 354 11.55 -44.85 26.72
CA THR E 354 10.35 -45.29 25.97
C THR E 354 10.66 -46.23 24.80
N VAL E 355 11.97 -46.47 24.53
CA VAL E 355 12.45 -47.39 23.48
C VAL E 355 11.91 -48.75 23.89
N ASN E 356 11.55 -49.58 22.93
CA ASN E 356 11.02 -50.91 23.21
C ASN E 356 11.33 -52.00 22.13
N VAL E 357 12.16 -51.69 21.12
CA VAL E 357 12.60 -52.75 20.24
C VAL E 357 13.50 -53.69 21.07
N PHE E 358 14.18 -53.13 22.09
CA PHE E 358 15.06 -53.91 22.96
C PHE E 358 14.74 -53.79 24.45
N LYS E 359 14.74 -54.92 25.18
CA LYS E 359 14.68 -54.89 26.65
C LYS E 359 15.92 -54.20 27.05
N THR E 360 17.06 -54.67 26.53
CA THR E 360 18.36 -54.12 26.97
C THR E 360 19.41 -54.47 25.97
N VAL E 361 20.61 -53.97 26.20
CA VAL E 361 21.75 -54.45 25.42
C VAL E 361 22.75 -55.04 26.42
N ASP E 362 22.95 -56.35 26.35
CA ASP E 362 23.80 -57.06 27.26
C ASP E 362 25.25 -56.68 26.91
N LEU E 363 26.00 -56.07 27.82
CA LEU E 363 27.39 -55.65 27.54
C LEU E 363 28.41 -56.82 27.47
N LYS E 364 28.06 -57.98 28.08
CA LYS E 364 28.95 -59.18 27.97
C LYS E 364 28.67 -59.75 26.61
N THR E 365 27.49 -60.31 26.32
CA THR E 365 27.22 -60.88 24.98
C THR E 365 27.29 -59.80 23.86
N GLY E 366 27.13 -58.52 24.22
CA GLY E 366 27.07 -57.48 23.20
C GLY E 366 25.74 -57.54 22.44
N LEU E 367 24.97 -58.58 22.71
CA LEU E 367 23.74 -58.83 22.01
C LEU E 367 22.61 -57.99 22.61
N PRO E 368 21.83 -57.33 21.75
CA PRO E 368 20.69 -56.60 22.15
C PRO E 368 19.52 -57.57 22.34
N VAL E 369 18.83 -57.47 23.48
CA VAL E 369 17.76 -58.46 23.85
C VAL E 369 16.42 -58.06 23.21
N ARG E 370 16.00 -58.75 22.16
CA ARG E 370 14.87 -58.26 21.38
C ARG E 370 13.53 -58.44 22.12
N ASP E 371 12.62 -57.46 22.08
CA ASP E 371 11.25 -57.68 22.63
C ASP E 371 10.35 -58.07 21.43
N PRO E 372 9.98 -59.36 21.33
CA PRO E 372 9.30 -59.90 20.12
C PRO E 372 8.01 -59.19 19.75
N GLU E 373 7.38 -58.56 20.75
CA GLU E 373 6.20 -57.76 20.56
C GLU E 373 6.41 -56.60 19.56
N TYR E 374 7.61 -56.00 19.51
CA TYR E 374 7.82 -54.77 18.73
C TYR E 374 8.76 -55.04 17.55
N GLY E 375 8.59 -56.24 16.99
CA GLY E 375 9.37 -56.66 15.84
C GLY E 375 8.56 -56.47 14.60
N THR E 376 9.12 -56.82 13.44
CA THR E 376 8.35 -56.82 12.23
C THR E 376 8.38 -58.18 11.55
N ARG E 377 7.38 -58.41 10.69
CA ARG E 377 7.38 -59.63 9.89
C ARG E 377 6.19 -59.59 8.92
N MET E 378 6.29 -60.40 7.89
CA MET E 378 5.18 -60.57 6.94
C MET E 378 3.86 -60.97 7.64
N ASP E 379 2.75 -60.35 7.17
CA ASP E 379 1.37 -60.70 7.59
C ASP E 379 1.10 -60.30 9.05
N HIS E 380 1.95 -59.42 9.59
CA HIS E 380 1.72 -58.90 10.91
C HIS E 380 1.84 -57.38 10.75
N LYS E 381 1.10 -56.64 11.58
CA LYS E 381 1.25 -55.22 11.66
C LYS E 381 1.65 -54.94 13.07
N GLY E 382 2.85 -54.42 13.25
CA GLY E 382 3.31 -54.11 14.56
C GLY E 382 2.84 -52.71 14.83
N THR E 383 2.75 -52.36 16.10
CA THR E 383 2.22 -51.08 16.49
C THR E 383 2.96 -50.49 17.70
N ASP E 384 2.93 -49.17 17.84
CA ASP E 384 3.63 -48.43 18.90
C ASP E 384 5.09 -48.84 19.19
N ILE E 385 5.83 -49.18 18.15
CA ILE E 385 7.30 -49.46 18.18
C ILE E 385 8.18 -48.18 18.35
N CYS E 386 9.12 -48.21 19.31
CA CYS E 386 10.12 -47.15 19.50
C CYS E 386 11.57 -47.68 19.41
N PRO E 387 12.43 -47.01 18.62
CA PRO E 387 12.10 -45.94 17.66
C PRO E 387 11.38 -46.47 16.41
N SER E 388 10.88 -45.54 15.55
CA SER E 388 10.57 -45.78 14.15
C SER E 388 11.83 -45.72 13.26
N ALA E 389 11.60 -46.01 11.96
CA ALA E 389 12.65 -45.96 10.96
C ALA E 389 13.44 -44.64 11.01
N MET E 390 12.78 -43.51 11.32
CA MET E 390 13.49 -42.20 11.47
C MET E 390 14.45 -42.10 12.68
N GLY E 391 14.37 -43.12 13.54
CA GLY E 391 15.23 -43.26 14.72
C GLY E 391 15.02 -42.29 15.87
N TYR E 392 15.36 -42.74 17.06
CA TYR E 392 15.53 -41.80 18.11
C TYR E 392 16.71 -40.84 17.83
N HIS E 393 17.44 -41.11 16.76
CA HIS E 393 18.48 -40.21 16.23
C HIS E 393 18.73 -40.44 14.76
N ASN E 394 19.06 -39.42 14.01
CA ASN E 394 19.29 -39.60 12.59
C ASN E 394 20.62 -38.95 12.21
N GLN E 395 20.72 -38.34 11.04
CA GLN E 395 22.02 -37.90 10.52
C GLN E 395 22.57 -36.61 11.16
N GLY E 396 21.91 -36.08 12.19
CA GLY E 396 22.45 -34.86 12.79
C GLY E 396 23.87 -35.02 13.37
N HIS E 397 24.76 -34.07 13.06
CA HIS E 397 26.10 -34.16 13.65
C HIS E 397 26.16 -33.44 14.98
N ASP E 398 26.13 -34.25 16.06
CA ASP E 398 26.11 -33.74 17.45
C ASP E 398 27.44 -33.27 17.90
N SER E 399 27.58 -33.14 19.22
CA SER E 399 28.85 -32.59 19.77
C SER E 399 29.09 -33.11 21.19
N TYR E 400 30.38 -33.04 21.57
CA TYR E 400 30.97 -33.58 22.81
C TYR E 400 31.91 -32.49 23.28
N ASP E 401 31.73 -32.10 24.53
CA ASP E 401 32.55 -31.13 25.18
C ASP E 401 33.55 -31.92 26.08
N PRO E 402 34.87 -31.89 25.74
CA PRO E 402 35.87 -32.71 26.45
C PRO E 402 36.13 -32.27 27.89
N GLN E 403 35.98 -30.95 28.19
CA GLN E 403 36.04 -30.40 29.56
C GLN E 403 34.88 -30.86 30.45
N LYS E 404 33.68 -31.00 29.94
CA LYS E 404 32.57 -31.41 30.85
C LYS E 404 32.27 -32.89 30.76
N GLN E 405 32.89 -33.50 29.73
CA GLN E 405 32.62 -34.89 29.34
C GLN E 405 31.16 -35.10 29.07
N LEU E 406 30.63 -34.13 28.32
CA LEU E 406 29.22 -34.24 27.94
C LEU E 406 29.03 -34.18 26.43
N PHE E 407 28.26 -35.14 25.93
CA PHE E 407 27.68 -35.15 24.61
C PHE E 407 26.34 -34.49 24.66
N PHE E 408 26.06 -33.58 23.72
CA PHE E 408 24.72 -32.93 23.52
C PHE E 408 24.12 -33.42 22.22
N MET E 409 23.00 -34.12 22.37
CA MET E 409 22.43 -34.92 21.31
C MET E 409 21.08 -34.42 20.86
N GLY E 410 20.93 -34.18 19.55
CA GLY E 410 19.65 -33.75 19.03
C GLY E 410 18.87 -35.01 18.81
N ILE E 411 17.73 -35.13 19.48
CA ILE E 411 17.02 -36.40 19.46
C ILE E 411 15.68 -36.40 18.73
N ASN E 412 15.24 -37.56 18.28
CA ASN E 412 13.94 -37.69 17.64
C ASN E 412 13.06 -38.53 18.58
N HIS E 413 11.81 -38.08 18.76
CA HIS E 413 10.82 -38.82 19.55
C HIS E 413 9.71 -39.30 18.63
N ILE E 414 9.90 -40.45 18.00
CA ILE E 414 9.00 -40.85 16.95
C ILE E 414 8.85 -42.35 17.03
N CYS E 415 7.62 -42.83 16.95
CA CYS E 415 7.35 -44.23 16.92
C CYS E 415 6.54 -44.51 15.68
N MET E 416 6.26 -45.79 15.44
CA MET E 416 5.59 -46.18 14.23
C MET E 416 4.75 -47.42 14.31
N ASP E 417 3.82 -47.49 13.37
CA ASP E 417 3.24 -48.76 12.99
C ASP E 417 3.98 -49.16 11.75
N TRP E 418 4.09 -50.46 11.53
CA TRP E 418 4.83 -51.03 10.39
C TRP E 418 4.22 -52.36 9.88
N GLU E 419 4.24 -52.56 8.57
CA GLU E 419 3.80 -53.79 8.01
C GLU E 419 4.38 -53.92 6.63
N PRO E 420 5.19 -55.02 6.35
CA PRO E 420 5.95 -55.32 5.11
C PRO E 420 5.08 -55.85 4.00
N PHE E 421 5.66 -55.95 2.80
CA PHE E 421 5.06 -56.59 1.63
C PHE E 421 6.18 -57.14 0.69
N MET E 422 5.92 -58.28 0.02
CA MET E 422 6.82 -58.83 -1.05
C MET E 422 6.89 -57.89 -2.24
N LEU E 423 7.99 -57.97 -2.99
CA LEU E 423 8.26 -57.11 -4.16
C LEU E 423 9.51 -57.59 -4.89
N PRO E 424 9.49 -57.51 -6.22
CA PRO E 424 10.65 -57.94 -6.92
C PRO E 424 11.72 -56.93 -6.71
N TYR E 425 12.94 -57.33 -6.98
CA TYR E 425 14.06 -56.39 -7.05
C TYR E 425 14.37 -56.07 -8.50
N ARG E 426 14.40 -54.80 -8.90
CA ARG E 426 14.81 -54.44 -10.23
C ARG E 426 15.74 -53.28 -10.09
N ALA E 427 16.91 -53.45 -10.68
CA ALA E 427 17.97 -52.54 -10.49
C ALA E 427 17.49 -51.14 -10.95
N GLY E 428 17.58 -50.12 -10.11
CA GLY E 428 17.19 -48.75 -10.52
C GLY E 428 15.87 -48.33 -9.94
N GLN E 429 15.21 -49.21 -9.19
CA GLN E 429 13.86 -48.99 -8.68
C GLN E 429 13.91 -49.08 -7.18
N PHE E 430 12.93 -48.52 -6.49
CA PHE E 430 12.92 -48.66 -5.04
C PHE E 430 12.65 -50.09 -4.66
N PHE E 431 13.27 -50.50 -3.55
CA PHE E 431 13.29 -51.84 -3.05
C PHE E 431 13.16 -51.69 -1.57
N VAL E 432 12.04 -51.11 -1.14
CA VAL E 432 11.75 -50.90 0.28
C VAL E 432 10.89 -52.03 0.88
N GLY E 433 9.64 -52.21 0.45
CA GLY E 433 8.78 -53.34 0.89
C GLY E 433 8.12 -53.22 2.27
N ALA E 434 7.90 -52.01 2.73
CA ALA E 434 7.15 -51.77 3.94
C ALA E 434 6.25 -50.53 3.85
N THR E 435 5.14 -50.55 4.59
CA THR E 435 4.31 -49.35 4.79
C THR E 435 4.35 -48.93 6.25
N LEU E 436 4.53 -47.64 6.48
CA LEU E 436 4.72 -47.10 7.80
C LEU E 436 3.75 -45.98 8.21
N TRP E 437 3.55 -45.82 9.52
CA TRP E 437 2.74 -44.75 10.05
C TRP E 437 3.56 -44.19 11.17
N MET E 438 3.89 -42.92 11.16
CA MET E 438 4.71 -42.55 12.27
C MET E 438 4.06 -41.43 13.05
N TYR E 439 4.53 -41.15 14.27
CA TYR E 439 3.78 -40.17 15.10
C TYR E 439 4.60 -39.87 16.33
N PRO E 440 4.24 -38.81 17.09
CA PRO E 440 5.06 -38.56 18.29
C PRO E 440 5.10 -39.74 19.29
N GLY E 441 6.27 -39.92 19.93
CA GLY E 441 6.42 -40.88 21.03
C GLY E 441 5.55 -40.59 22.27
N PRO E 442 5.44 -41.60 23.15
CA PRO E 442 4.67 -41.45 24.39
C PRO E 442 4.95 -40.18 25.22
N LYS E 443 6.19 -39.69 25.32
CA LYS E 443 6.42 -38.44 26.05
C LYS E 443 5.95 -37.23 25.23
N GLY E 444 5.49 -37.39 24.02
CA GLY E 444 5.17 -36.19 23.29
C GLY E 444 3.73 -35.71 23.40
N ASP E 445 3.17 -35.40 22.22
CA ASP E 445 1.78 -35.10 21.99
C ASP E 445 1.31 -35.78 20.72
N ARG E 446 0.95 -37.05 20.84
CA ARG E 446 0.47 -37.88 19.72
C ARG E 446 -0.79 -37.37 19.06
N GLN E 447 -1.75 -36.91 19.85
CA GLN E 447 -2.99 -36.48 19.20
C GLN E 447 -2.93 -35.21 18.29
N ASN E 448 -2.00 -34.29 18.58
CA ASN E 448 -1.76 -33.10 17.75
C ASN E 448 -0.45 -33.08 16.93
N TYR E 449 0.22 -34.24 16.80
CA TYR E 449 1.45 -34.38 16.00
C TYR E 449 2.45 -33.28 16.25
N LEU E 450 2.86 -33.18 17.50
CA LEU E 450 3.82 -32.17 17.95
C LEU E 450 4.62 -32.91 19.03
N GLY E 451 5.76 -32.37 19.43
CA GLY E 451 6.59 -32.98 20.48
C GLY E 451 7.41 -34.12 19.89
N LEU E 452 8.10 -33.89 18.76
CA LEU E 452 8.74 -34.97 18.05
C LEU E 452 10.26 -34.97 18.19
N GLY E 453 10.82 -34.14 19.06
CA GLY E 453 12.24 -34.22 19.32
C GLY E 453 12.63 -33.93 20.78
N GLN E 454 13.92 -34.05 21.04
CA GLN E 454 14.46 -33.89 22.38
C GLN E 454 15.86 -33.43 22.22
N ILE E 455 16.42 -32.95 23.32
CA ILE E 455 17.77 -32.43 23.38
C ILE E 455 18.36 -32.76 24.71
N LYS E 456 19.45 -33.52 24.73
CA LYS E 456 20.04 -34.03 25.97
C LYS E 456 21.59 -33.90 26.19
N ALA E 457 21.99 -33.62 27.44
CA ALA E 457 23.38 -33.77 27.88
C ALA E 457 23.63 -35.22 28.39
N TYR E 458 24.82 -35.76 28.10
CA TYR E 458 25.02 -37.18 28.30
C TYR E 458 26.48 -37.60 28.58
N ASN E 459 26.69 -38.17 29.78
CA ASN E 459 28.00 -38.77 30.18
C ASN E 459 27.99 -40.27 29.79
N ALA E 460 28.92 -40.57 28.91
CA ALA E 460 29.00 -41.88 28.27
C ALA E 460 29.37 -42.98 29.28
N ILE E 461 30.16 -42.56 30.29
CA ILE E 461 30.63 -43.43 31.36
C ILE E 461 29.64 -43.79 32.48
N THR E 462 28.84 -42.82 32.97
CA THR E 462 27.92 -43.03 34.10
C THR E 462 26.51 -43.37 33.59
N ASN E 463 26.30 -43.28 32.27
CA ASN E 463 25.04 -43.77 31.59
C ASN E 463 23.84 -42.84 31.89
N GLU E 464 24.24 -41.61 32.22
CA GLU E 464 23.44 -40.63 32.93
C GLU E 464 23.23 -39.33 32.14
N TYR E 465 22.01 -38.85 32.11
CA TYR E 465 21.76 -37.53 31.48
C TYR E 465 21.75 -36.35 32.44
N LYS E 466 22.62 -35.38 32.24
CA LYS E 466 22.58 -34.24 33.11
C LYS E 466 21.26 -33.44 32.98
N TRP E 467 20.64 -33.47 31.80
CA TRP E 467 19.41 -32.71 31.53
C TRP E 467 18.79 -33.13 30.22
N GLN E 468 17.49 -32.85 30.08
CA GLN E 468 16.65 -33.35 29.01
C GLN E 468 15.42 -32.44 28.81
N HIS E 469 15.27 -31.90 27.61
CA HIS E 469 14.09 -31.06 27.31
C HIS E 469 13.44 -31.57 26.04
N MET E 470 12.12 -31.47 25.99
CA MET E 470 11.36 -31.84 24.83
C MET E 470 11.37 -30.70 23.83
N GLU E 471 11.27 -31.08 22.57
CA GLU E 471 11.39 -30.12 21.47
C GLU E 471 10.21 -30.37 20.57
N ARG E 472 9.68 -29.28 20.00
CA ARG E 472 8.44 -29.37 19.20
C ARG E 472 8.61 -30.37 18.07
N PHE E 473 9.69 -30.24 17.31
CA PHE E 473 9.99 -31.21 16.26
C PHE E 473 11.34 -31.83 16.50
N SER E 474 11.74 -32.84 15.73
CA SER E 474 13.03 -33.49 15.99
C SER E 474 14.18 -32.54 15.81
N VAL E 475 15.17 -32.57 16.71
CA VAL E 475 16.44 -31.84 16.51
C VAL E 475 17.19 -32.79 15.61
N TRP E 476 17.31 -32.37 14.35
CA TRP E 476 17.56 -33.34 13.33
C TRP E 476 18.92 -33.03 12.82
N GLY E 477 19.33 -31.75 12.99
CA GLY E 477 20.52 -31.17 12.39
C GLY E 477 21.79 -31.15 13.21
N GLY E 478 21.78 -31.84 14.37
CA GLY E 478 22.90 -31.94 15.30
C GLY E 478 23.19 -30.64 16.07
N THR E 479 24.36 -30.57 16.75
CA THR E 479 24.59 -29.53 17.74
C THR E 479 26.02 -29.05 17.72
N LEU E 480 26.30 -27.90 18.31
CA LEU E 480 27.65 -27.35 18.47
C LEU E 480 27.84 -26.97 19.94
N ALA E 481 29.03 -27.18 20.49
CA ALA E 481 29.28 -26.85 21.90
C ALA E 481 30.45 -25.91 22.02
N THR E 482 30.38 -24.98 23.01
CA THR E 482 31.54 -24.03 23.21
C THR E 482 32.10 -23.84 24.64
N ALA E 483 33.38 -23.44 24.69
CA ALA E 483 34.01 -23.15 25.96
C ALA E 483 33.35 -21.87 26.45
N GLY E 484 32.15 -21.63 25.94
CA GLY E 484 31.41 -20.48 26.37
C GLY E 484 30.26 -20.94 27.20
N ASN E 485 30.28 -22.21 27.64
CA ASN E 485 29.18 -22.88 28.39
C ASN E 485 27.84 -22.91 27.69
N LEU E 486 27.89 -22.88 26.35
CA LEU E 486 26.69 -22.87 25.44
C LEU E 486 26.73 -24.04 24.45
N VAL E 487 25.57 -24.64 24.23
CA VAL E 487 25.38 -25.60 23.14
C VAL E 487 24.42 -25.02 22.08
N PHE E 488 24.84 -24.94 20.82
CA PHE E 488 23.91 -24.49 19.78
C PHE E 488 23.28 -25.57 18.96
N TYR E 489 22.02 -25.35 18.56
CA TYR E 489 21.35 -26.16 17.58
C TYR E 489 20.24 -25.39 16.79
N GLY E 490 20.07 -25.76 15.50
CA GLY E 490 18.96 -25.29 14.72
C GLY E 490 17.82 -26.24 14.95
N THR E 491 16.59 -25.77 14.68
CA THR E 491 15.41 -26.69 14.81
C THR E 491 14.66 -26.66 13.51
N LEU E 492 13.74 -27.60 13.30
CA LEU E 492 13.01 -27.76 12.04
C LEU E 492 11.93 -26.68 11.84
N ASP E 493 11.57 -26.05 12.95
CA ASP E 493 10.60 -24.97 12.89
C ASP E 493 11.38 -23.69 12.79
N GLY E 494 12.70 -23.77 12.59
CA GLY E 494 13.45 -22.61 12.07
C GLY E 494 14.08 -21.59 13.02
N PHE E 495 14.48 -22.05 14.20
CA PHE E 495 15.17 -21.18 15.09
C PHE E 495 16.60 -21.70 15.25
N LEU E 496 17.53 -20.80 15.59
CA LEU E 496 18.88 -21.12 16.08
C LEU E 496 18.87 -20.88 17.59
N LYS E 497 19.30 -21.93 18.30
CA LYS E 497 19.09 -22.03 19.73
C LYS E 497 20.43 -22.22 20.48
N ALA E 498 20.51 -21.52 21.62
CA ALA E 498 21.62 -21.59 22.56
C ALA E 498 21.03 -22.08 23.90
N ARG E 499 21.60 -23.14 24.47
CA ARG E 499 21.19 -23.59 25.79
C ARG E 499 22.37 -23.60 26.67
N ASN E 500 22.12 -23.30 27.95
CA ASN E 500 23.19 -23.43 28.99
C ASN E 500 23.63 -24.90 28.97
N SER E 501 24.91 -25.15 28.65
CA SER E 501 25.33 -26.54 28.48
C SER E 501 25.40 -27.28 29.81
N ASP E 502 25.94 -26.62 30.83
CA ASP E 502 25.87 -27.10 32.23
C ASP E 502 24.43 -27.51 32.69
N THR E 503 23.41 -26.65 32.48
CA THR E 503 22.01 -26.90 33.01
C THR E 503 20.85 -27.20 32.04
N GLY E 504 20.98 -26.76 30.77
CA GLY E 504 19.98 -27.00 29.75
C GLY E 504 18.95 -25.88 29.60
N GLU E 505 19.19 -24.79 30.34
CA GLU E 505 18.29 -23.65 30.27
C GLU E 505 18.34 -23.12 28.80
N LEU E 506 17.19 -22.95 28.14
CA LEU E 506 17.14 -22.15 26.89
C LEU E 506 17.49 -20.70 27.13
N VAL E 507 18.60 -20.22 26.61
CA VAL E 507 19.07 -18.87 26.97
C VAL E 507 19.07 -17.81 25.87
N TRP E 508 18.80 -18.21 24.63
CA TRP E 508 18.71 -17.30 23.47
C TRP E 508 18.12 -18.13 22.34
N LYS E 509 17.40 -17.48 21.43
CA LYS E 509 16.91 -18.07 20.21
C LYS E 509 16.61 -16.93 19.20
N HIS E 510 16.56 -17.26 17.92
CA HIS E 510 16.42 -16.33 16.80
C HIS E 510 15.82 -17.07 15.66
N LYS E 511 14.96 -16.36 14.94
CA LYS E 511 14.15 -16.93 13.86
C LYS E 511 14.91 -16.77 12.53
N LEU E 512 15.43 -17.89 12.03
CA LEU E 512 16.03 -17.98 10.69
C LEU E 512 14.91 -18.18 9.63
N PRO E 513 15.27 -18.06 8.34
CA PRO E 513 14.25 -18.11 7.31
C PRO E 513 13.50 -19.42 7.19
N SER E 514 14.16 -20.55 7.45
CA SER E 514 13.56 -21.86 7.25
C SER E 514 14.06 -22.85 8.30
N GLY E 515 13.53 -24.05 8.36
CA GLY E 515 14.05 -24.97 9.38
C GLY E 515 15.46 -25.41 9.11
N VAL E 516 16.11 -25.93 10.16
CA VAL E 516 17.52 -26.35 10.10
C VAL E 516 17.67 -27.88 10.09
N ILE E 517 18.67 -28.37 9.32
CA ILE E 517 18.98 -29.82 9.27
C ILE E 517 20.43 -29.95 9.15
N GLY E 518 21.11 -28.80 9.19
CA GLY E 518 22.59 -28.72 9.30
C GLY E 518 22.96 -28.37 10.73
N TYR E 519 24.21 -28.63 11.10
CA TYR E 519 24.72 -28.28 12.43
C TYR E 519 25.40 -26.88 12.37
N PRO E 520 25.33 -26.11 13.48
CA PRO E 520 26.09 -24.84 13.70
C PRO E 520 27.62 -25.10 13.76
N MET E 521 28.40 -24.15 13.23
CA MET E 521 29.86 -24.12 13.28
C MET E 521 30.32 -22.75 13.62
N THR E 522 31.63 -22.61 13.85
CA THR E 522 32.08 -21.37 14.43
C THR E 522 33.49 -21.18 14.12
N TYR E 523 33.92 -19.95 14.12
CA TYR E 523 35.23 -19.64 13.66
C TYR E 523 35.46 -18.17 14.08
N GLU E 524 36.71 -17.73 14.15
CA GLU E 524 37.05 -16.38 14.62
C GLU E 524 37.72 -15.70 13.49
N HIS E 525 37.15 -14.63 12.95
CA HIS E 525 37.84 -13.89 11.89
C HIS E 525 38.01 -12.43 12.32
N LYS E 526 39.22 -11.92 12.04
CA LYS E 526 39.79 -10.72 12.65
C LYS E 526 39.36 -10.48 14.08
N GLY E 527 39.58 -11.49 14.91
CA GLY E 527 39.20 -11.47 16.33
C GLY E 527 37.70 -11.43 16.67
N VAL E 528 36.84 -11.51 15.65
CA VAL E 528 35.42 -11.60 15.95
C VAL E 528 35.04 -13.06 15.86
N GLN E 529 34.33 -13.59 16.86
CA GLN E 529 33.74 -14.95 16.78
C GLN E 529 32.37 -15.00 16.04
N TYR E 530 32.31 -15.62 14.85
CA TYR E 530 31.04 -15.87 14.18
C TYR E 530 30.50 -17.25 14.53
N ILE E 531 29.17 -17.35 14.50
CA ILE E 531 28.46 -18.65 14.52
C ILE E 531 27.53 -18.80 13.28
N ALA E 532 27.77 -19.78 12.42
CA ALA E 532 26.98 -19.88 11.19
C ALA E 532 26.26 -21.21 11.13
N VAL E 533 25.03 -21.17 10.67
CA VAL E 533 24.30 -22.40 10.45
C VAL E 533 23.56 -22.36 9.06
N MET E 534 23.48 -23.50 8.38
CA MET E 534 22.66 -23.58 7.18
C MET E 534 21.14 -23.63 7.57
N SER E 535 20.40 -22.82 6.83
CA SER E 535 18.98 -22.82 6.92
C SER E 535 18.32 -23.32 5.63
N GLY E 536 17.34 -24.23 5.75
CA GLY E 536 16.65 -24.67 4.55
C GLY E 536 16.15 -26.04 4.85
N VAL E 537 14.89 -26.11 5.24
CA VAL E 537 14.30 -27.33 5.73
C VAL E 537 14.19 -28.33 4.62
N GLY E 538 14.25 -29.60 4.96
CA GLY E 538 14.00 -30.64 3.97
C GLY E 538 14.56 -31.94 4.54
N GLY E 539 15.27 -32.70 3.74
CA GLY E 539 15.66 -34.01 4.21
C GLY E 539 14.40 -34.79 4.55
N TRP E 540 14.58 -35.79 5.39
CA TRP E 540 13.55 -36.82 5.52
C TRP E 540 12.31 -36.25 6.25
N PRO E 541 12.50 -35.50 7.37
CA PRO E 541 11.36 -35.00 8.13
C PRO E 541 10.53 -34.06 7.27
N GLY E 542 11.15 -33.60 6.21
CA GLY E 542 10.57 -32.49 5.45
C GLY E 542 10.13 -32.84 4.07
N VAL E 543 10.14 -34.14 3.73
CA VAL E 543 9.65 -34.61 2.43
C VAL E 543 8.17 -34.23 2.05
N GLY E 544 7.30 -34.14 3.07
CA GLY E 544 5.85 -33.96 2.91
C GLY E 544 5.71 -32.54 2.42
N LEU E 545 6.33 -31.59 3.13
CA LEU E 545 6.30 -30.16 2.74
C LEU E 545 7.01 -29.87 1.40
N VAL E 546 8.21 -30.40 1.20
CA VAL E 546 8.96 -30.16 -0.04
C VAL E 546 8.29 -30.73 -1.31
N PHE E 547 7.67 -31.89 -1.25
CA PHE E 547 7.10 -32.45 -2.48
C PHE E 547 5.58 -32.37 -2.50
N ASP E 548 5.02 -31.48 -1.69
CA ASP E 548 3.55 -31.27 -1.56
C ASP E 548 2.70 -32.57 -1.29
N LEU E 549 3.09 -33.35 -0.29
CA LEU E 549 2.41 -34.62 -0.16
C LEU E 549 1.51 -34.57 1.04
N GLN E 550 0.35 -35.23 0.96
CA GLN E 550 -0.64 -35.31 2.08
C GLN E 550 -0.89 -36.73 2.62
N ASP E 551 -1.04 -37.70 1.71
CA ASP E 551 -1.17 -39.11 2.09
C ASP E 551 -0.07 -39.51 3.06
N PRO E 552 -0.38 -39.72 4.35
CA PRO E 552 0.62 -39.84 5.42
C PRO E 552 1.49 -41.08 5.42
N THR E 553 1.24 -42.03 4.50
CA THR E 553 2.12 -43.16 4.36
C THR E 553 3.22 -42.82 3.38
N ALA E 554 2.97 -41.79 2.57
CA ALA E 554 3.95 -41.29 1.59
C ALA E 554 5.26 -40.85 2.27
N GLY E 555 6.35 -40.68 1.48
CA GLY E 555 7.70 -40.39 2.06
C GLY E 555 8.11 -41.41 3.12
N LEU E 556 7.88 -42.68 2.78
CA LEU E 556 8.31 -43.78 3.63
C LEU E 556 7.73 -43.62 5.06
N GLY E 557 6.65 -42.86 5.17
CA GLY E 557 5.94 -42.67 6.45
C GLY E 557 6.20 -41.38 7.26
N ALA E 558 7.02 -40.49 6.69
CA ALA E 558 7.33 -39.26 7.37
C ALA E 558 6.26 -38.17 7.19
N VAL E 559 5.48 -38.25 6.10
CA VAL E 559 4.41 -37.26 5.82
C VAL E 559 3.36 -37.11 7.00
N GLY E 560 2.91 -38.21 7.59
CA GLY E 560 2.00 -38.13 8.75
C GLY E 560 2.71 -37.57 9.96
N ALA E 561 3.86 -38.16 10.32
CA ALA E 561 4.66 -37.65 11.43
C ALA E 561 4.83 -36.14 11.43
N PHE E 562 5.02 -35.59 10.24
CA PHE E 562 5.36 -34.17 10.16
C PHE E 562 4.34 -33.27 9.49
N LYS E 563 3.11 -33.80 9.42
CA LYS E 563 1.97 -33.12 8.77
C LYS E 563 1.92 -31.62 9.17
N ASN E 564 2.26 -31.33 10.44
CA ASN E 564 2.33 -29.98 10.99
C ASN E 564 3.55 -29.10 10.75
N LEU E 565 4.61 -29.65 10.18
CA LEU E 565 5.80 -28.84 10.01
C LEU E 565 5.54 -27.67 9.07
N GLN E 566 4.69 -27.86 8.08
CA GLN E 566 4.50 -26.76 7.13
C GLN E 566 3.68 -25.58 7.75
N ASN E 567 3.13 -25.74 8.94
CA ASN E 567 2.62 -24.59 9.65
C ASN E 567 3.64 -23.73 10.37
N TYR E 568 4.91 -24.10 10.30
CA TYR E 568 5.96 -23.35 11.01
C TYR E 568 7.15 -23.02 10.17
N THR E 569 7.16 -23.50 8.94
CA THR E 569 8.27 -23.20 8.08
C THR E 569 7.93 -23.50 6.64
N GLN E 570 8.65 -22.85 5.73
CA GLN E 570 8.60 -23.25 4.30
C GLN E 570 10.04 -23.55 3.89
N MET E 571 10.22 -24.06 2.66
CA MET E 571 11.56 -24.25 1.98
C MET E 571 12.44 -23.01 2.00
N GLY E 572 13.77 -23.21 2.02
CA GLY E 572 14.70 -22.06 2.19
C GLY E 572 16.00 -22.48 1.60
N GLY E 573 17.08 -21.74 1.84
CA GLY E 573 18.41 -22.14 1.33
C GLY E 573 19.45 -21.07 1.54
N SER E 574 19.96 -21.01 2.77
CA SER E 574 20.93 -19.99 3.07
C SER E 574 21.85 -20.32 4.20
N LEU E 575 22.89 -19.52 4.25
CA LEU E 575 23.78 -19.48 5.38
C LEU E 575 23.40 -18.27 6.26
N GLU E 576 23.02 -18.51 7.52
CA GLU E 576 22.79 -17.43 8.43
C GLU E 576 23.95 -17.32 9.39
N VAL E 577 24.48 -16.12 9.57
CA VAL E 577 25.67 -15.92 10.40
C VAL E 577 25.39 -14.87 11.50
N PHE E 578 25.81 -15.21 12.71
CA PHE E 578 25.67 -14.37 13.90
C PHE E 578 26.97 -14.05 14.67
N SER E 579 26.97 -12.97 15.44
CA SER E 579 28.16 -12.46 16.20
C SER E 579 27.67 -11.47 17.28
N LEU E 580 28.56 -10.97 18.13
CA LEU E 580 28.13 -10.15 19.25
C LEU E 580 27.88 -8.84 18.64
N ASP E 581 26.68 -8.32 18.93
CA ASP E 581 26.24 -6.98 18.47
C ASP E 581 26.35 -7.04 16.97
N GLY E 582 26.11 -8.25 16.39
CA GLY E 582 26.16 -8.45 14.95
C GLY E 582 27.32 -7.76 14.25
N LYS E 583 28.46 -7.75 14.93
CA LYS E 583 29.68 -7.23 14.37
C LYS E 583 30.00 -7.93 13.04
N ASN E 584 30.34 -7.22 11.98
CA ASN E 584 30.65 -7.89 10.72
C ASN E 584 31.26 -6.87 9.85
N PRO E 585 31.89 -7.30 8.75
CA PRO E 585 32.64 -6.30 7.95
C PRO E 585 31.86 -5.09 7.44
N TYR E 586 30.55 -5.18 7.19
CA TYR E 586 29.91 -3.95 6.79
C TYR E 586 29.54 -3.02 7.95
N ASP E 587 29.87 -3.30 9.21
CA ASP E 587 29.88 -2.20 10.21
C ASP E 587 30.71 -1.00 9.59
N ASP E 588 31.70 -1.27 8.74
CA ASP E 588 32.31 -0.23 7.97
C ASP E 588 31.61 -0.18 6.61
N VAL E 589 30.79 0.86 6.45
CA VAL E 589 29.81 0.95 5.36
C VAL E 589 30.40 0.89 3.97
N ASN E 590 31.67 1.29 3.90
CA ASN E 590 32.36 1.48 2.64
C ASN E 590 32.79 0.22 2.04
N VAL E 591 32.78 -0.87 2.81
CA VAL E 591 33.25 -2.13 2.30
C VAL E 591 32.21 -2.65 1.31
N GLY E 592 32.71 -2.89 0.10
CA GLY E 592 31.94 -3.36 -1.05
C GLY E 592 31.14 -2.28 -1.76
N GLU E 593 31.42 -1.00 -1.48
CA GLU E 593 30.61 0.10 -2.03
C GLU E 593 31.15 0.49 -3.35
N TYR E 594 30.30 0.76 -4.33
CA TYR E 594 30.87 1.23 -5.58
C TYR E 594 31.83 2.43 -5.36
N GLU E 595 31.35 3.44 -4.64
CA GLU E 595 32.05 4.69 -4.28
C GLU E 595 32.83 4.53 -2.96
N TYR F 1 12.40 -66.03 19.13
CA TYR F 1 13.53 -65.17 18.64
C TYR F 1 13.74 -63.86 19.42
N ASP F 2 14.65 -63.89 20.38
CA ASP F 2 14.98 -62.70 21.14
C ASP F 2 16.46 -62.26 20.96
N GLY F 3 17.16 -62.95 20.08
CA GLY F 3 18.41 -62.43 19.57
C GLY F 3 19.61 -63.00 20.24
N THR F 4 19.39 -63.54 21.43
CA THR F 4 20.43 -64.18 22.26
C THR F 4 20.67 -65.71 22.06
N HIS F 5 20.20 -66.30 20.96
CA HIS F 5 20.37 -67.75 20.77
C HIS F 5 21.19 -67.97 19.57
N CYS F 6 22.43 -68.35 19.80
CA CYS F 6 23.45 -68.25 18.75
C CYS F 6 23.98 -69.59 18.22
N LYS F 7 23.80 -69.80 16.93
CA LYS F 7 24.36 -70.92 16.18
C LYS F 7 25.89 -71.03 16.38
N ALA F 8 26.53 -69.92 16.70
CA ALA F 8 27.91 -69.65 16.38
C ALA F 8 28.27 -68.18 16.78
N PRO F 9 29.57 -67.85 16.89
CA PRO F 9 29.80 -66.46 17.25
C PRO F 9 29.42 -65.46 16.08
N GLY F 10 28.69 -64.40 16.46
CA GLY F 10 28.16 -63.45 15.48
C GLY F 10 27.03 -63.93 14.51
N ASN F 11 26.39 -65.05 14.84
CA ASN F 11 25.30 -65.62 14.06
C ASN F 11 24.14 -66.12 14.94
N CYS F 12 23.10 -65.30 15.15
CA CYS F 12 22.09 -65.58 16.17
C CYS F 12 20.70 -65.49 15.63
N TRP F 13 20.61 -65.22 14.35
CA TRP F 13 19.32 -65.08 13.75
C TRP F 13 18.63 -66.38 14.00
N GLU F 14 17.38 -66.30 14.46
CA GLU F 14 16.50 -67.46 14.36
C GLU F 14 15.06 -66.99 13.97
N PRO F 15 14.32 -67.84 13.27
CA PRO F 15 13.06 -67.47 12.65
C PRO F 15 11.90 -67.36 13.61
N LYS F 16 11.01 -66.46 13.28
CA LYS F 16 9.90 -66.24 14.19
C LYS F 16 9.00 -67.47 14.16
N PRO F 17 8.40 -67.78 15.30
CA PRO F 17 7.43 -68.89 15.39
C PRO F 17 6.45 -69.00 14.19
N GLY F 18 6.39 -70.16 13.56
CA GLY F 18 5.53 -70.36 12.38
C GLY F 18 6.19 -69.93 11.08
N PHE F 19 7.35 -69.29 11.25
CA PHE F 19 8.23 -68.92 10.13
C PHE F 19 9.36 -69.91 9.89
N PRO F 20 9.66 -70.22 8.62
CA PRO F 20 10.77 -71.08 8.20
C PRO F 20 12.21 -70.67 8.58
N GLU F 21 13.07 -71.66 8.78
CA GLU F 21 14.50 -71.40 8.93
C GLU F 21 15.05 -70.94 7.56
N LYS F 22 14.39 -71.36 6.47
CA LYS F 22 14.76 -70.89 5.12
C LYS F 22 13.60 -70.52 4.27
N ILE F 23 13.87 -69.75 3.22
CA ILE F 23 12.72 -69.18 2.52
C ILE F 23 12.49 -69.70 1.13
N ALA F 24 13.56 -70.19 0.49
CA ALA F 24 13.41 -70.73 -0.87
C ALA F 24 12.37 -71.82 -0.76
N GLY F 25 11.31 -71.72 -1.53
CA GLY F 25 10.40 -72.81 -1.59
C GLY F 25 9.10 -72.54 -0.91
N SER F 26 9.12 -71.60 0.03
CA SER F 26 7.91 -71.11 0.79
C SER F 26 7.26 -69.88 0.10
N LYS F 27 6.07 -69.54 0.58
CA LYS F 27 5.31 -68.36 0.10
C LYS F 27 6.08 -67.02 0.24
N TYR F 28 7.21 -67.03 0.97
CA TYR F 28 8.07 -65.89 1.11
C TYR F 28 9.32 -65.98 0.28
N ASP F 29 9.37 -66.92 -0.67
CA ASP F 29 10.51 -66.95 -1.61
C ASP F 29 10.58 -65.56 -2.31
N PRO F 30 11.76 -64.92 -2.25
CA PRO F 30 12.09 -63.71 -3.00
C PRO F 30 12.11 -63.98 -4.49
N LYS F 31 12.69 -65.11 -4.90
CA LYS F 31 12.89 -65.42 -6.31
C LYS F 31 13.53 -64.24 -7.03
N HIS F 32 14.79 -63.91 -6.73
CA HIS F 32 15.48 -62.85 -7.49
C HIS F 32 16.16 -63.37 -8.75
N ASP F 33 15.90 -62.74 -9.87
CA ASP F 33 16.53 -63.10 -11.12
C ASP F 33 18.03 -62.79 -10.97
N PRO F 34 18.90 -63.81 -11.06
CA PRO F 34 20.40 -63.62 -11.06
C PRO F 34 20.98 -62.52 -11.98
N LYS F 35 20.77 -62.56 -13.29
CA LYS F 35 20.96 -61.36 -14.14
C LYS F 35 20.86 -60.00 -13.35
N GLU F 36 19.69 -59.72 -12.74
CA GLU F 36 19.41 -58.50 -11.90
C GLU F 36 20.34 -58.21 -10.71
N LEU F 37 20.47 -59.20 -9.82
CA LEU F 37 21.46 -59.15 -8.71
C LEU F 37 22.87 -58.69 -9.08
N ASN F 38 23.33 -58.97 -10.29
CA ASN F 38 24.74 -58.80 -10.64
C ASN F 38 25.06 -57.46 -11.26
N LYS F 39 23.99 -56.66 -11.37
CA LYS F 39 24.03 -55.39 -12.08
C LYS F 39 24.93 -54.30 -11.51
N GLN F 40 25.07 -54.25 -10.17
CA GLN F 40 25.97 -53.29 -9.47
C GLN F 40 27.39 -53.68 -9.69
N VAL F 41 27.65 -54.99 -9.57
CA VAL F 41 28.97 -55.52 -9.83
C VAL F 41 29.42 -55.06 -11.21
N GLU F 42 28.58 -55.27 -12.24
CA GLU F 42 29.01 -55.11 -13.64
C GLU F 42 29.22 -53.62 -13.92
N SER F 43 28.34 -52.85 -13.33
CA SER F 43 28.38 -51.41 -13.40
C SER F 43 29.67 -50.85 -12.79
N ARG F 44 30.13 -51.37 -11.63
CA ARG F 44 31.28 -50.73 -10.93
C ARG F 44 32.65 -50.97 -11.65
N LYS F 45 32.69 -52.10 -12.37
CA LYS F 45 33.83 -52.44 -13.22
C LYS F 45 33.87 -51.45 -14.40
N GLY F 46 32.70 -51.17 -15.01
CA GLY F 46 32.54 -50.09 -16.00
C GLY F 46 33.09 -48.79 -15.43
N GLU F 47 32.64 -48.46 -14.21
CA GLU F 47 33.09 -47.23 -13.51
C GLU F 47 34.55 -47.26 -13.18
N GLU F 48 35.15 -48.43 -12.91
CA GLU F 48 36.53 -48.44 -12.44
C GLU F 48 37.46 -48.37 -13.54
N GLU F 49 37.08 -49.02 -14.64
CA GLU F 49 37.85 -49.00 -15.89
C GLU F 49 38.09 -47.56 -16.29
N ARG F 50 36.94 -46.88 -16.42
CA ARG F 50 36.86 -45.48 -16.86
C ARG F 50 37.62 -44.49 -15.97
N ASN F 51 37.51 -44.65 -14.65
CA ASN F 51 38.34 -43.86 -13.73
C ASN F 51 39.87 -43.98 -14.01
N ALA F 52 40.33 -45.21 -14.09
CA ALA F 52 41.76 -45.50 -14.22
C ALA F 52 42.42 -44.87 -15.46
N ASN F 53 41.72 -45.01 -16.56
CA ASN F 53 41.96 -44.23 -17.74
C ASN F 53 42.06 -42.69 -17.55
N ARG F 54 41.03 -42.05 -16.99
CA ARG F 54 41.14 -40.64 -16.66
C ARG F 54 42.40 -40.35 -15.91
N ALA F 55 42.72 -41.19 -14.92
CA ALA F 55 43.88 -40.92 -14.04
C ALA F 55 45.21 -41.16 -14.75
N GLU F 56 45.22 -42.20 -15.62
CA GLU F 56 46.38 -42.43 -16.48
C GLU F 56 46.54 -41.25 -17.45
N HIS F 57 45.44 -40.86 -18.10
CA HIS F 57 45.51 -39.71 -18.97
C HIS F 57 46.01 -38.45 -18.24
N PHE F 58 45.49 -38.23 -17.03
CA PHE F 58 45.88 -37.07 -16.22
C PHE F 58 47.29 -37.15 -15.72
N LYS F 59 47.73 -38.39 -15.54
CA LYS F 59 49.13 -38.67 -15.24
C LYS F 59 50.04 -38.17 -16.39
N LYS F 60 49.78 -38.58 -17.64
CA LYS F 60 50.58 -38.13 -18.78
C LYS F 60 50.53 -36.59 -19.04
N THR F 61 49.33 -36.06 -19.26
CA THR F 61 49.19 -34.69 -19.77
C THR F 61 49.17 -33.59 -18.70
N GLY F 62 49.04 -33.97 -17.44
CA GLY F 62 48.70 -33.01 -16.38
C GLY F 62 47.35 -32.27 -16.48
N LYS F 63 46.44 -32.78 -17.32
CA LYS F 63 45.05 -32.29 -17.38
C LYS F 63 44.04 -33.45 -17.24
N TRP F 64 42.90 -33.18 -16.62
CA TRP F 64 41.95 -34.24 -16.34
C TRP F 64 40.83 -34.21 -17.36
N VAL F 65 40.74 -35.17 -18.26
CA VAL F 65 39.69 -35.01 -19.22
C VAL F 65 38.66 -35.99 -18.83
N TYR F 66 37.48 -35.56 -18.43
CA TYR F 66 36.52 -36.53 -17.89
C TYR F 66 35.98 -37.55 -18.83
N ASP F 67 35.42 -37.11 -19.97
CA ASP F 67 34.81 -38.04 -20.93
C ASP F 67 35.86 -38.85 -21.67
N VAL F 68 35.73 -40.16 -21.52
CA VAL F 68 36.72 -41.14 -21.94
C VAL F 68 36.86 -41.35 -23.46
N LYS F 69 36.44 -40.40 -24.27
CA LYS F 69 36.72 -40.55 -25.70
C LYS F 69 38.06 -39.93 -26.16
N LYS F 70 39.12 -39.93 -25.32
CA LYS F 70 40.47 -39.40 -25.69
C LYS F 70 41.53 -39.48 -24.57
#